data_8CXI
#
_entry.id   8CXI
#
loop_
_entity.id
_entity.type
_entity.pdbx_description
1 polymer 'Ankyrin repeat family A protein 2,Envelope E protein'
2 polymer 'Membrane M protein'
3 polymer 'A11 heavy chain'
4 polymer 'A11 light chain'
5 branched beta-D-mannopyranose-(1-4)-2-acetamido-2-deoxy-beta-D-glucopyranose-(1-4)-[alpha-L-fucopyranose-(1-6)]2-acetamido-2-deoxy-beta-D-glucopyranose
#
loop_
_entity_poly.entity_id
_entity_poly.type
_entity_poly.pdbx_seq_one_letter_code
_entity_poly.pdbx_strand_id
1 'polypeptide(L)'
;MDTSTNLDIGAQLIVEECPSTYSLTGMPDIKIEHPLDPNSEEGSAQGVAMGMKFILPNRFDMNVCSRFVKSLNEEDSKNI
QDQVNSDLEVASVLFKAECNIHTSPSPGIQVRHVYTPSTTKHFSPIKQSTTLTNKIRCIGVSNRDFVEGMSGGTWVDVVL
EHGGCVTVMAQDKPTVDIELVTTTVSNMAEVRSYCYEASISDMASDSRCPTQGEAYLDKQSDTQYVCKRTLVDRGWGNGC
GLFGKGSLVTCAKFACSKKMTGKSIQPENLEYRIMLSVHGSQHSGMIVNDTGHETDENRAKVEITPNSPRAEATLGGFGS
LGLDCEPRTGLDFSDLYYLTMNNKHWLVHKEWFHDIPLPWHAGADTGTPHWNNKEALVEFKDAHAKRQTVVVLGSQEGAV
HTALAGALEAEMDGAKGRLSSGHLKCRLKMDKLRLKGVSYSLCTAAFTFTKIPAETLHGTVTVEVQYAGTDGPCKVPAQM
AVDMQTLTPVGRLITANPVITESTENSKMMLELDPPFGDSYIVIGVGEKKITHHWHRSGSTIGKAFEATVRGAKRMAVLG
DTAWDFGSVGGALNSLGKGIHQIFGAAFKSLFGGMSWFSQILIGTLLMWLGLNTKNGSISLMCLALGGVLIFLSTAVSA
;
A,B,C
2 'polypeptide(L)'
;MKNPKKKSGGFRIVNMLKRGVARVSPFGGLKRLPAGLLLGHGPIRMVLAILAFLRFTAIKPSLGLINRWGSVGKKEAMEI
IKKFKKDLAAMLRIINARKEKKRRGADTSVGIVGLLLTTAMAAEVTRRGSAYYMYLDRNDAGEAISFPTTLGMNKCYIQI
MDLGHMCDATMSYECPMLDEGVEPDDVDCWCNTTSTWVVYGTCHHKKGEARRSRRAVTLPSHSTRKLQTRSQTWLESREY
TKHLIRVENWIFRNPGFALAAAAIAWLLGSSTSQKVIYLVMILLIAPAYSIRCIGVSNRDFVEGMSGGTWVDVVLEHGGC
VTVMAQDKPTVDIELVTTTVSNMAEVRSYCYEASISDMASDSRCPTQGEAYLDKQSDTQYVCKRTLVDRGWGNGCGLFGK
GSLVTCAKFACSKKMTGKSIQPENLEYRIMLSVHGSQHSGMIVNDTGHETDENRAKVEITPNSPRAEATLGGFGSLGLDC
EPRTGLDFSDLYYLTMNNKHWLVHKEWFHDIPLPWHAGADTGTPHWNNKEALVEFKDAHAKRQTVVVLGSQEGAVHTALA
GALEAEMDGAKGRLSSGHLKCRLKMDKLRLKGVSYSLCTAAFTFTKIPAETLHGTVTVEVQYAGTDGPCKVPAQMAVDMQ
TLTPVGRLITANPVITESTENSKMMLELDPPFGDSYIVIGVGEKKITHHWHRSGSTIGKAFEATVRGAKRMAVLGDTAWD
FGSVGGALNSLGKGIHQIFGAAFKSLFGGMSWFSQILIGTLLMWLGLNTKNGSISLMCLALGGVLIFLSTAVSADVGCSV
DFSKKETRCGTGVFVYNDVEAWRDRYKYHPDSPRRLAAAVKQAWEDGICGISSVSRMENIMWRSVEGELNAILEENGVQL
TVVVGSVKNPMWRGPQRLPVPVNELPHGWKAWGKSYFVRAAKTNNSFVVDGDTLKECPLKHRAWNSFLVEDHGFGVFHTS
VWLKVREDYSLECDPAVIGTAVKGKEAVHSDLGYWIESEKNDTWRLKRAHLIEMKTCEWPKSHTLWTDGIEESDLIIPKS
LAGPLSHHNTREGYRTQMKGPWHSEELEIRFEECPGTKVHVEETCGTRGPSLRSTTASGRVIEEWCCRECTMPPLSFRAK
DGCWYGMEIRPRKEPESNLVRSMVTAGSTDHMDHFSLGVLVILLMVQEGLKKRMTTKIIISTSMAVLVAMILGGFSMSDL
AKLAILMGATFAEMNTGGDVAHLALIAAFKVRPALLVSFIFRANWTPRESMLLALASCLLQTAISALEGDLMVLINGFAL
AWLAIRAMVVPRTDNITLAILAALTPLARGTLLVAWRAGLATCGGFMLLSLKGKGSVKKNLPFVMALGLTAVRLVDPINV
VGLLLLTRSGKRSWPPSEVLTAVGLICALAGGFAKADIEMAGPMAAVGLLIVSYVVSGKSVDMYIERAGDITWEKDAEVT
GNSPRLDVALDESGDFSLVEDDGPPMREIILKVVLMTICGMNPIAIPFAAGAWYVYVKTGKRSGALWDVPAPKEVKKGET
TDGVYRVMTRRLLGSTQVGVGVMQEGVFHTMWHVTKGSALRSGEGRLDPYWGDVKQDLVSYCGPWKLDAAWDGHSEVQLL
AVPPGERARNIQTLPGIFKTKDGDIGAVALDYPAGTSGSPILDKCGRVIGLYGNGVVIKNGSYVSAITQGRREEETPVEC
FEPSMLKKKQLTVLDLHPGAGKTRRVLPEIVREAIKTRLRTVILAPTRVVAAEMEEALRGLPVRYMTTAVNVTHSGTEIV
DLMCHATFTSRLLQPIRVPNYNLYIMDEAHFTDPSSIAARGYISTRVEMGEAAAIFMTATPPGTRDAFPDSNSPIMDTEV
EVPERAWSSGFDWVTDHSGKTVWFVPSVRNGNEIAACLTKAGKRVIQLSRKTFETEFQKTKHQEWDFVVTTDISEMGANF
KADRVIDSRRCLKPVILDGERVILAGPMPVTHASAAQRRGRIGRNPNKPGDEYLYGGGCAETDEDHAHWLEARMLLDNIY
LQDGLIASLYRPEADKVAAIEGEFKLRTEQRKTFVELMKRGDLPVWLAYQVASAGITYTDRRWCFDGTTNNTIMEDSVPA
EVWTRHGEKRVLKPRWMDARVCSDHAALKSFKEFAAGKRGAAFGVMEALGTLPGHMTERFQEAIDNLAVLMRAETGSRPY
KAAAAQLPETLETIMLLGLLGTVSLGIFFVLMRNKGIGKMGFGMVTLGASAWLMWLSEIEPARIACVLIVVFLLLVVLIP
EPEKQRSPQDNQMAIIIMVAVGLLGLITANELGWLERTKSDLSHLMGRREEGATIGFSMDIDLRPASAWAIYAALTTFIT
PAVQHAVTTSYNNYSLMAMATQAGVLFGMGKGMPFYAWDFGVPLLMMGCYSQLTPLTLIVAIILLVAHYMYLIPGLQAAA
ARAAQKRTAAGIMKNPVVDGIVVTDIDTMTIDPQVEKKMGQVLLIAVAVSSAILSRTAWGWGEAGALITAATSTLWEGSP
NKYWNSSTATSLCNIFRGSYLAGASLIYTVTRNAGLVKRRGGGTGETLGEKWKARLNQMSALEFYSYKKSGITEVCREEA
RRALKDGVATGGHAVSRGSAKLRWLVERGYLQPYGKVIDLGCGRGGWSYYAATIRKVQEVKGYTKGGPGHEEPVLVQSYG
WNIVRLKSGVDVFHMAAEPCDTLLCDIGESSSSPEVEEARTLRVLSMVGDWLEKRPGAFCIKVLCPYTSTMMETLERLQR
RYGGGLVRVPLSRNSTHEMYWVSGAKSNTIKSVSTTSQLLLGRMDGPRRPVKYEEDVNLGSGTRAVVSCAEAPNMKIIGN
RIERIRSEHAETWFFDENHPYRTWAYHGSYEAPTQGSASSLINGVVRLLSKPWDVVTGVTGIAMTDTTPYGQQRVFKEKV
DTRVPDPQEGTRQVMSMVSSWLWKELGKHKRPRVCTKEEFINKVRSNAALGAIFEEEKEWKTAVEAVNDPRFWALVDKER
EHHLRGECQSCVYNMMGKREKKQGEFGKAKGSRAIWYMWLGARFLEFEALGFLNEDHWMGRENSGGGVEGLGLQRLGYVL
EEMSRIPGGRMYADDTAGWDTRISRFDLENEALITNQMEKGHRALALAIIKYTYQNKVVKVLRPAEKGKTVMDIISRQDQ
RGSGQVVTYALNTFTNLVVQLIRNMEAEEVLEMQDLWLLRRSEKVTNWLQSNGWDRLKRMAVSGDDCVVKPIDDRFAHAL
RFLNDMGKVRKDTQEWKPSTGWDNWEEVPFCSHHFNKLHLKDGRSIVVPCRHQDELIGRARVSPGAGWSIRETACLAKSY
AQMWQLLYFHRRDLRLMANAICSSVPVDWVPTGRTTWSIHGKGEWMTTEDMLVVWNRVWIEENDHMEDKTLVTKWTDIPY
LGKREDLWCGSLIGHRPRTTWAENIKNTVNMVRRIIGDEEKYMDYLSTQVRYLGEEGSTPGVL
;
D,E,F
3 'polypeptide(L)'
;EVQLVESGGGLVRPGGSLRLSCAASGFSYSNHWMHWVRQAPGKGLVWVSRINSDGSTRNYADFVKGRFTISRDNAENTLY
LEMNSLTADDTAVYYCVRDGVRFYYDSTGYYPDSFFKYGMDVWGQGTTVTVSS
;
H,h
4 'polypeptide(L)'
;QSVLTQPVSVSGSPGQSITISCTGTSSNADTYNLVSWYQQRPGKAPKLMIYEGTKRPSGVSNRFSASKSATAASLTISGL
QPEDEADYYCCSYATSRTLVFGGGTKLTVVG
;
L,l
#
loop_
_chem_comp.id
_chem_comp.type
_chem_comp.name
_chem_comp.formula
BMA D-saccharide, beta linking beta-D-mannopyranose 'C6 H12 O6'
FUC L-saccharide, alpha linking alpha-L-fucopyranose 'C6 H12 O5'
NAG D-saccharide, beta linking 2-acetamido-2-deoxy-beta-D-glucopyranose 'C8 H15 N O6'
#
# COMPACT_ATOMS: atom_id res chain seq x y z
N ILE A 136 42.50 -35.73 -0.22
CA ILE A 136 41.87 -35.86 1.08
C ILE A 136 40.69 -34.89 1.15
N ARG A 137 39.60 -35.38 1.72
CA ARG A 137 38.38 -34.62 1.93
C ARG A 137 37.54 -34.57 0.66
N CYS A 138 38.12 -35.06 -0.44
CA CYS A 138 37.43 -35.06 -1.73
C CYS A 138 37.47 -36.41 -2.45
N ILE A 139 37.99 -37.45 -1.80
CA ILE A 139 38.10 -38.73 -2.46
C ILE A 139 36.76 -39.17 -3.01
N GLY A 140 35.74 -39.24 -2.16
CA GLY A 140 34.52 -39.90 -2.52
C GLY A 140 33.32 -39.03 -2.84
N VAL A 141 33.50 -37.71 -2.96
CA VAL A 141 32.35 -36.82 -3.02
C VAL A 141 31.52 -37.02 -4.28
N SER A 142 32.07 -37.66 -5.30
CA SER A 142 31.35 -38.08 -6.51
C SER A 142 30.85 -36.90 -7.34
N ASN A 143 31.22 -35.68 -6.99
CA ASN A 143 30.83 -34.52 -7.77
C ASN A 143 32.00 -33.55 -7.85
N ARG A 144 33.22 -34.07 -7.87
CA ARG A 144 34.39 -33.22 -7.83
C ARG A 144 35.00 -33.09 -9.22
N ASP A 145 35.67 -31.97 -9.46
CA ASP A 145 36.32 -31.69 -10.73
C ASP A 145 37.71 -31.16 -10.48
N PHE A 146 38.65 -31.56 -11.32
CA PHE A 146 40.05 -31.22 -11.16
C PHE A 146 40.36 -29.93 -11.89
N VAL A 147 40.93 -28.97 -11.19
CA VAL A 147 41.36 -27.70 -11.78
C VAL A 147 42.88 -27.74 -11.84
N GLU A 148 43.42 -27.85 -13.04
CA GLU A 148 44.85 -28.03 -13.24
C GLU A 148 45.41 -26.85 -14.02
N GLY A 149 46.63 -26.47 -13.69
CA GLY A 149 47.36 -25.51 -14.49
C GLY A 149 47.05 -24.07 -14.11
N MET A 150 47.92 -23.18 -14.57
CA MET A 150 47.82 -21.76 -14.26
C MET A 150 48.81 -21.01 -15.15
N SER A 151 48.82 -19.68 -15.00
CA SER A 151 49.79 -18.82 -15.69
C SER A 151 51.12 -18.91 -14.95
N GLY A 152 51.83 -20.02 -15.19
CA GLY A 152 53.12 -20.22 -14.56
C GLY A 152 53.09 -20.22 -13.05
N GLY A 153 51.92 -20.50 -12.46
CA GLY A 153 51.79 -20.52 -11.01
C GLY A 153 51.28 -19.25 -10.36
N THR A 154 50.73 -18.31 -11.13
CA THR A 154 50.31 -17.06 -10.53
C THR A 154 48.96 -17.19 -9.82
N TRP A 155 47.93 -17.65 -10.53
CA TRP A 155 46.58 -17.65 -9.95
C TRP A 155 45.67 -18.48 -10.84
N VAL A 156 44.60 -19.00 -10.24
CA VAL A 156 43.60 -19.78 -10.94
C VAL A 156 42.22 -19.36 -10.46
N ASP A 157 41.31 -19.13 -11.40
CA ASP A 157 39.92 -18.89 -11.06
C ASP A 157 39.24 -20.21 -10.73
N VAL A 158 38.29 -20.18 -9.81
CA VAL A 158 37.61 -21.39 -9.37
C VAL A 158 36.25 -21.01 -8.83
N VAL A 159 35.21 -21.73 -9.23
CA VAL A 159 33.89 -21.56 -8.66
C VAL A 159 33.62 -22.72 -7.72
N LEU A 160 33.26 -22.40 -6.49
CA LEU A 160 32.97 -23.41 -5.48
C LEU A 160 31.46 -23.55 -5.34
N GLU A 161 30.99 -24.79 -5.26
CA GLU A 161 29.57 -25.06 -5.12
C GLU A 161 29.35 -25.92 -3.91
N HIS A 162 28.09 -25.98 -3.45
CA HIS A 162 27.79 -26.77 -2.28
C HIS A 162 27.88 -28.26 -2.56
N GLY A 163 27.40 -28.68 -3.73
CA GLY A 163 27.30 -30.10 -4.01
C GLY A 163 28.65 -30.80 -3.99
N GLY A 164 29.63 -30.26 -4.71
CA GLY A 164 30.90 -30.92 -4.82
C GLY A 164 32.07 -30.12 -4.30
N CYS A 165 33.27 -30.49 -4.70
CA CYS A 165 34.46 -29.78 -4.28
C CYS A 165 35.49 -29.80 -5.40
N VAL A 166 36.52 -28.98 -5.25
CA VAL A 166 37.49 -28.73 -6.30
C VAL A 166 38.86 -29.10 -5.76
N THR A 167 39.57 -29.98 -6.46
CA THR A 167 40.95 -30.28 -6.10
C THR A 167 41.89 -29.59 -7.08
N VAL A 168 42.64 -28.62 -6.57
CA VAL A 168 43.51 -27.78 -7.39
C VAL A 168 44.90 -28.36 -7.34
N MET A 169 45.46 -28.66 -8.51
CA MET A 169 46.80 -29.23 -8.62
C MET A 169 47.62 -28.33 -9.53
N ALA A 170 48.81 -27.98 -9.08
CA ALA A 170 49.70 -27.10 -9.83
C ALA A 170 50.84 -27.91 -10.40
N GLN A 171 51.81 -27.23 -11.01
CA GLN A 171 52.94 -27.92 -11.60
C GLN A 171 53.83 -28.55 -10.54
N ASP A 172 54.31 -27.74 -9.60
CA ASP A 172 55.25 -28.23 -8.58
C ASP A 172 54.81 -27.79 -7.19
N LYS A 173 53.53 -27.95 -6.90
CA LYS A 173 52.93 -27.50 -5.65
C LYS A 173 51.97 -28.54 -5.11
N PRO A 174 51.74 -28.57 -3.81
CA PRO A 174 50.90 -29.61 -3.23
C PRO A 174 49.44 -29.45 -3.63
N THR A 175 48.81 -30.57 -3.94
CA THR A 175 47.42 -30.58 -4.35
C THR A 175 46.51 -30.21 -3.20
N VAL A 176 45.69 -29.19 -3.36
CA VAL A 176 44.84 -28.67 -2.29
C VAL A 176 43.39 -28.87 -2.66
N ASP A 177 42.60 -29.47 -1.77
CA ASP A 177 41.19 -29.71 -2.00
C ASP A 177 40.35 -28.70 -1.23
N ILE A 178 39.48 -27.99 -1.94
CA ILE A 178 38.68 -26.90 -1.39
C ILE A 178 37.22 -27.29 -1.49
N GLU A 179 36.45 -27.00 -0.45
CA GLU A 179 35.03 -27.34 -0.43
C GLU A 179 34.27 -26.29 0.37
N LEU A 180 33.12 -25.87 -0.16
CA LEU A 180 32.22 -25.03 0.61
C LEU A 180 31.39 -25.91 1.54
N VAL A 181 31.14 -25.43 2.75
CA VAL A 181 30.49 -26.22 3.79
C VAL A 181 29.10 -25.70 4.13
N THR A 182 29.01 -24.48 4.65
CA THR A 182 27.72 -23.90 5.03
C THR A 182 27.74 -22.40 4.77
N THR A 183 26.57 -21.85 4.45
CA THR A 183 26.43 -20.39 4.31
C THR A 183 25.45 -19.89 5.35
N THR A 184 25.92 -19.05 6.26
CA THR A 184 25.06 -18.50 7.30
C THR A 184 24.61 -17.10 6.94
N VAL A 185 23.38 -16.78 7.26
CA VAL A 185 22.85 -15.44 7.13
C VAL A 185 22.52 -14.95 8.54
N SER A 186 22.73 -13.65 8.77
CA SER A 186 22.70 -13.12 10.13
C SER A 186 21.90 -11.83 10.19
N ASN A 187 21.23 -11.64 11.32
CA ASN A 187 20.38 -10.49 11.65
C ASN A 187 19.44 -10.14 10.48
N MET A 188 18.51 -11.05 10.25
CA MET A 188 17.43 -10.81 9.31
C MET A 188 16.31 -10.00 9.96
N ALA A 189 15.56 -9.28 9.13
CA ALA A 189 14.60 -8.29 9.59
C ALA A 189 13.20 -8.69 9.13
N GLU A 190 12.31 -8.96 10.09
CA GLU A 190 11.01 -9.53 9.78
C GLU A 190 10.17 -8.59 8.91
N VAL A 191 9.42 -9.18 7.99
CA VAL A 191 8.59 -8.45 7.03
C VAL A 191 7.32 -9.24 6.78
N ARG A 192 6.17 -8.65 7.11
CA ARG A 192 4.91 -9.11 6.53
C ARG A 192 4.55 -10.57 6.81
N SER A 193 4.16 -10.89 8.03
CA SER A 193 3.85 -12.26 8.40
C SER A 193 2.39 -12.58 8.12
N TYR A 194 2.14 -13.75 7.53
CA TYR A 194 0.83 -14.19 7.08
C TYR A 194 0.17 -15.11 8.10
N CYS A 195 -1.12 -15.38 7.88
CA CYS A 195 -1.91 -16.25 8.74
C CYS A 195 -2.35 -17.45 7.93
N TYR A 196 -2.07 -18.65 8.40
CA TYR A 196 -2.53 -19.82 7.68
C TYR A 196 -3.55 -20.64 8.43
N GLU A 197 -4.07 -20.17 9.56
CA GLU A 197 -5.12 -20.88 10.29
C GLU A 197 -5.98 -19.88 11.04
N ALA A 198 -7.24 -19.79 10.68
CA ALA A 198 -8.12 -18.83 11.31
C ALA A 198 -8.89 -19.47 12.45
N SER A 199 -9.46 -18.61 13.30
CA SER A 199 -10.42 -19.04 14.30
C SER A 199 -11.49 -17.97 14.43
N ILE A 200 -12.73 -18.40 14.52
CA ILE A 200 -13.87 -17.49 14.55
C ILE A 200 -14.41 -17.46 15.97
N SER A 201 -15.33 -16.54 16.22
CA SER A 201 -15.79 -16.26 17.58
C SER A 201 -17.26 -15.85 17.50
N ASP A 202 -17.70 -15.10 18.50
CA ASP A 202 -19.13 -14.84 18.68
C ASP A 202 -19.73 -14.05 17.52
N MET A 203 -20.48 -14.74 16.67
CA MET A 203 -21.16 -14.06 15.58
C MET A 203 -22.24 -13.14 16.11
N ALA A 204 -22.64 -12.19 15.28
CA ALA A 204 -23.77 -11.32 15.57
C ALA A 204 -24.31 -10.81 14.24
N SER A 205 -25.54 -10.29 14.28
CA SER A 205 -26.16 -9.86 13.03
C SER A 205 -27.23 -8.83 13.33
N ASP A 206 -27.60 -8.09 12.29
CA ASP A 206 -28.63 -7.06 12.39
C ASP A 206 -29.32 -6.92 11.05
N SER A 207 -30.65 -6.71 11.10
CA SER A 207 -31.47 -6.57 9.89
C SER A 207 -32.33 -5.31 9.88
N ARG A 208 -32.77 -4.90 8.70
CA ARG A 208 -33.56 -3.68 8.53
C ARG A 208 -34.82 -3.86 7.67
N CYS A 209 -35.76 -2.91 7.81
CA CYS A 209 -37.02 -2.91 7.07
C CYS A 209 -36.80 -2.75 5.57
N PRO A 210 -37.71 -3.31 4.76
CA PRO A 210 -37.54 -3.27 3.31
C PRO A 210 -37.14 -1.88 2.87
N THR A 211 -37.60 -0.86 3.59
CA THR A 211 -37.25 0.48 3.22
C THR A 211 -36.31 1.17 4.18
N GLN A 212 -36.21 0.70 5.38
CA GLN A 212 -35.47 1.44 6.34
C GLN A 212 -34.01 1.69 6.18
N GLY A 213 -33.26 1.14 5.25
CA GLY A 213 -31.87 1.61 5.19
C GLY A 213 -30.83 0.57 5.19
N GLU A 214 -29.68 0.73 5.81
CA GLU A 214 -28.91 -0.50 5.74
C GLU A 214 -28.58 -0.92 7.16
N ALA A 215 -28.27 -2.20 7.33
CA ALA A 215 -27.94 -2.68 8.66
C ALA A 215 -26.63 -2.09 9.14
N TYR A 216 -26.54 -1.86 10.44
CA TYR A 216 -25.29 -1.41 11.04
C TYR A 216 -25.18 -2.01 12.43
N LEU A 217 -24.28 -2.98 12.59
CA LEU A 217 -23.95 -3.49 13.90
C LEU A 217 -22.95 -2.57 14.58
N ASP A 218 -23.05 -2.47 15.89
CA ASP A 218 -22.11 -1.62 16.63
C ASP A 218 -20.72 -2.22 16.70
N LYS A 219 -20.53 -3.45 16.23
CA LYS A 219 -19.22 -4.07 16.19
C LYS A 219 -18.55 -3.92 14.84
N GLN A 220 -19.12 -3.13 13.94
CA GLN A 220 -18.49 -2.85 12.67
C GLN A 220 -17.40 -1.80 12.78
N SER A 221 -17.39 -1.04 13.87
CA SER A 221 -16.39 -0.01 14.10
C SER A 221 -15.19 -0.56 14.84
N ASP A 222 -14.94 -1.85 14.72
CA ASP A 222 -13.83 -2.52 15.38
C ASP A 222 -13.00 -3.20 14.30
N THR A 223 -11.67 -3.09 14.41
CA THR A 223 -10.79 -3.64 13.38
C THR A 223 -10.40 -5.07 13.69
N GLN A 224 -11.25 -5.80 14.40
CA GLN A 224 -11.00 -7.19 14.71
C GLN A 224 -12.16 -8.08 14.29
N TYR A 225 -13.15 -7.53 13.61
CA TYR A 225 -14.34 -8.27 13.22
C TYR A 225 -14.51 -8.21 11.71
N VAL A 226 -14.93 -9.33 11.14
CA VAL A 226 -15.26 -9.42 9.72
C VAL A 226 -16.76 -9.23 9.58
N CYS A 227 -17.17 -8.35 8.67
CA CYS A 227 -18.57 -8.03 8.53
C CYS A 227 -18.98 -8.04 7.06
N LYS A 228 -20.07 -8.70 6.78
CA LYS A 228 -20.60 -8.82 5.42
C LYS A 228 -22.05 -8.36 5.40
N ARG A 229 -22.42 -7.66 4.33
CA ARG A 229 -23.74 -7.07 4.19
C ARG A 229 -24.44 -7.66 2.97
N THR A 230 -25.70 -8.05 3.13
CA THR A 230 -26.41 -8.70 2.03
C THR A 230 -27.89 -8.38 2.11
N LEU A 231 -28.66 -9.00 1.22
CA LEU A 231 -30.09 -8.77 1.10
C LEU A 231 -30.84 -10.04 1.50
N VAL A 232 -31.94 -9.87 2.23
CA VAL A 232 -32.69 -10.96 2.82
C VAL A 232 -34.17 -10.75 2.54
N ASP A 233 -34.89 -11.83 2.22
CA ASP A 233 -36.32 -11.75 2.00
C ASP A 233 -37.05 -11.52 3.31
N ARG A 234 -37.98 -10.56 3.33
CA ARG A 234 -38.66 -10.19 4.56
C ARG A 234 -40.10 -9.81 4.25
N GLY A 235 -40.88 -9.56 5.30
CA GLY A 235 -42.23 -9.04 5.14
C GLY A 235 -43.39 -9.82 5.73
N TRP A 236 -44.05 -9.21 6.71
CA TRP A 236 -45.35 -9.63 7.26
C TRP A 236 -45.25 -10.94 8.03
N GLY A 237 -44.12 -11.62 7.93
CA GLY A 237 -43.95 -12.87 8.63
C GLY A 237 -42.93 -12.72 9.72
N ASN A 238 -41.85 -12.01 9.40
CA ASN A 238 -40.76 -11.83 10.34
C ASN A 238 -41.00 -10.64 11.25
N GLY A 239 -41.76 -9.64 10.81
CA GLY A 239 -42.09 -8.55 11.71
C GLY A 239 -42.19 -7.15 11.14
N CYS A 240 -41.83 -6.93 9.89
CA CYS A 240 -41.81 -5.59 9.33
C CYS A 240 -42.71 -5.54 8.10
N GLY A 241 -43.74 -4.70 8.15
CA GLY A 241 -44.70 -4.71 7.07
C GLY A 241 -44.32 -3.94 5.84
N LEU A 242 -43.79 -4.68 4.86
CA LEU A 242 -43.52 -4.30 3.48
C LEU A 242 -42.75 -5.49 2.92
N PHE A 243 -42.75 -5.65 1.60
CA PHE A 243 -42.35 -6.93 1.05
C PHE A 243 -41.07 -6.93 0.24
N GLY A 244 -40.37 -5.81 0.12
CA GLY A 244 -39.11 -5.80 -0.57
C GLY A 244 -38.05 -6.63 0.14
N LYS A 245 -36.89 -6.70 -0.48
CA LYS A 245 -35.73 -7.32 0.16
C LYS A 245 -35.24 -6.43 1.30
N GLY A 246 -34.79 -7.05 2.38
CA GLY A 246 -34.19 -6.35 3.49
C GLY A 246 -32.69 -6.24 3.33
N SER A 247 -32.02 -5.87 4.42
CA SER A 247 -30.57 -5.85 4.43
C SER A 247 -30.08 -6.40 5.76
N LEU A 248 -29.20 -7.39 5.70
CA LEU A 248 -28.71 -8.11 6.87
C LEU A 248 -27.21 -8.04 6.91
N VAL A 249 -26.65 -7.68 8.06
CA VAL A 249 -25.21 -7.59 8.28
C VAL A 249 -24.82 -8.60 9.32
N THR A 250 -23.76 -9.35 9.06
CA THR A 250 -23.24 -10.31 10.03
C THR A 250 -21.77 -10.03 10.28
N CYS A 251 -21.38 -10.16 11.55
CA CYS A 251 -20.02 -9.90 11.97
C CYS A 251 -19.52 -11.03 12.84
N ALA A 252 -18.24 -11.33 12.72
CA ALA A 252 -17.63 -12.42 13.47
C ALA A 252 -16.20 -12.05 13.82
N LYS A 253 -15.79 -12.36 15.04
CA LYS A 253 -14.46 -11.97 15.51
C LYS A 253 -13.40 -12.92 14.98
N PHE A 254 -12.25 -12.38 14.58
CA PHE A 254 -11.20 -13.23 14.04
C PHE A 254 -9.96 -13.36 14.93
N ALA A 255 -9.60 -14.61 15.22
CA ALA A 255 -8.44 -14.94 16.04
C ALA A 255 -7.54 -15.87 15.22
N CYS A 256 -6.24 -15.58 15.20
CA CYS A 256 -5.34 -16.41 14.42
C CYS A 256 -4.40 -17.27 15.26
N SER A 257 -4.47 -18.55 15.09
CA SER A 257 -3.59 -19.44 15.75
C SER A 257 -2.76 -19.88 14.61
N LYS A 258 -1.46 -19.62 14.70
CA LYS A 258 -0.33 -19.89 13.82
C LYS A 258 -0.16 -18.81 12.79
N LYS A 259 1.04 -18.50 12.37
CA LYS A 259 1.27 -17.54 11.34
C LYS A 259 2.60 -17.80 10.78
N MET A 260 2.80 -17.56 9.52
CA MET A 260 4.09 -17.82 8.95
C MET A 260 4.74 -16.58 8.71
N THR A 261 5.99 -16.43 9.03
CA THR A 261 6.67 -15.15 8.82
C THR A 261 7.75 -15.17 7.73
N GLY A 262 7.90 -14.03 7.05
CA GLY A 262 8.88 -13.86 6.00
C GLY A 262 9.89 -12.82 6.44
N LYS A 263 11.18 -13.13 6.28
CA LYS A 263 12.22 -12.22 6.72
C LYS A 263 13.08 -11.86 5.54
N SER A 264 13.74 -10.70 5.61
CA SER A 264 14.55 -10.20 4.51
C SER A 264 15.99 -10.62 4.68
N ILE A 265 16.70 -10.69 3.56
CA ILE A 265 18.12 -11.06 3.54
C ILE A 265 18.84 -10.02 2.72
N GLN A 266 19.68 -9.21 3.35
CA GLN A 266 20.54 -8.34 2.57
C GLN A 266 21.82 -9.10 2.19
N PRO A 267 22.41 -8.79 1.04
CA PRO A 267 23.62 -9.50 0.63
C PRO A 267 24.84 -9.08 1.41
N GLU A 268 24.72 -8.13 2.32
CA GLU A 268 25.76 -7.87 3.31
C GLU A 268 25.46 -8.72 4.53
N ASN A 269 26.41 -8.74 5.46
CA ASN A 269 26.34 -9.57 6.68
C ASN A 269 25.93 -11.00 6.35
N LEU A 270 26.54 -11.56 5.31
CA LEU A 270 26.28 -12.93 4.85
C LEU A 270 27.60 -13.68 4.86
N GLU A 271 27.71 -14.71 5.68
CA GLU A 271 29.00 -15.33 5.95
C GLU A 271 29.12 -16.70 5.30
N TYR A 272 30.18 -16.89 4.53
CA TYR A 272 30.49 -18.17 3.92
C TYR A 272 31.63 -18.82 4.71
N ARG A 273 31.64 -20.15 4.74
CA ARG A 273 32.66 -20.89 5.48
C ARG A 273 33.26 -21.93 4.55
N ILE A 274 34.50 -21.71 4.15
CA ILE A 274 35.20 -22.58 3.22
C ILE A 274 36.18 -23.45 4.00
N MET A 275 36.23 -24.73 3.68
CA MET A 275 37.16 -25.64 4.32
C MET A 275 38.10 -26.19 3.26
N LEU A 276 39.40 -26.08 3.50
CA LEU A 276 40.34 -26.64 2.55
C LEU A 276 41.31 -27.56 3.29
N SER A 277 41.83 -28.53 2.57
CA SER A 277 42.76 -29.49 3.13
C SER A 277 43.78 -29.84 2.07
N VAL A 278 44.84 -30.51 2.48
CA VAL A 278 45.94 -30.78 1.58
C VAL A 278 46.20 -32.27 1.54
N HIS A 279 46.70 -32.75 0.42
CA HIS A 279 47.10 -34.13 0.30
C HIS A 279 48.47 -34.29 0.96
N GLY A 280 49.13 -35.41 0.68
CA GLY A 280 50.42 -35.66 1.30
C GLY A 280 50.44 -36.81 2.28
N SER A 281 50.51 -36.50 3.57
CA SER A 281 50.96 -37.48 4.55
C SER A 281 49.86 -38.04 5.45
N GLN A 282 48.61 -37.64 5.28
CA GLN A 282 47.57 -38.08 6.19
C GLN A 282 47.02 -39.44 5.77
N HIS A 283 46.88 -40.34 6.73
CA HIS A 283 46.35 -41.67 6.44
C HIS A 283 44.84 -41.60 6.20
N SER A 284 44.31 -42.66 5.60
CA SER A 284 42.94 -42.72 5.11
C SER A 284 41.89 -42.30 6.14
N GLY A 285 42.18 -42.49 7.43
CA GLY A 285 41.20 -42.18 8.44
C GLY A 285 40.77 -40.72 8.43
N MET A 286 41.72 -39.82 8.24
CA MET A 286 41.46 -38.38 8.32
C MET A 286 40.94 -37.83 6.98
N ILE A 287 39.79 -38.33 6.56
CA ILE A 287 39.13 -37.86 5.35
C ILE A 287 37.92 -37.00 5.67
N VAL A 288 37.09 -37.42 6.62
CA VAL A 288 35.88 -36.68 6.96
C VAL A 288 35.91 -36.46 8.47
N ASN A 289 37.04 -36.74 9.09
CA ASN A 289 37.19 -36.63 10.54
C ASN A 289 37.24 -35.16 10.93
N ASP A 290 36.20 -34.67 11.57
CA ASP A 290 36.10 -33.28 11.97
C ASP A 290 36.34 -33.19 13.46
N THR A 291 37.44 -32.55 13.84
CA THR A 291 37.90 -32.43 15.22
C THR A 291 38.56 -31.07 15.35
N GLY A 292 39.43 -30.93 16.35
CA GLY A 292 40.12 -29.67 16.55
C GLY A 292 41.16 -29.43 15.48
N HIS A 293 40.68 -29.16 14.26
CA HIS A 293 41.54 -29.01 13.08
C HIS A 293 42.49 -27.82 13.16
N GLU A 294 42.45 -27.03 14.23
CA GLU A 294 43.44 -25.97 14.38
C GLU A 294 44.83 -26.55 14.57
N THR A 295 44.93 -27.70 15.23
CA THR A 295 46.23 -28.28 15.55
C THR A 295 46.79 -29.15 14.43
N ASP A 296 45.92 -29.67 13.55
CA ASP A 296 46.32 -30.75 12.64
C ASP A 296 47.38 -30.30 11.64
N GLU A 297 47.40 -29.02 11.29
CA GLU A 297 48.40 -28.39 10.43
C GLU A 297 48.21 -28.73 8.95
N ASN A 298 47.33 -29.68 8.61
CA ASN A 298 47.07 -30.01 7.22
C ASN A 298 45.74 -29.49 6.71
N ARG A 299 44.80 -29.17 7.59
CA ARG A 299 43.48 -28.72 7.18
C ARG A 299 43.23 -27.35 7.80
N ALA A 300 42.59 -26.47 7.03
CA ALA A 300 42.33 -25.11 7.49
C ALA A 300 40.90 -24.71 7.15
N LYS A 301 40.40 -23.75 7.92
CA LYS A 301 39.04 -23.25 7.79
C LYS A 301 39.11 -21.74 7.61
N VAL A 302 38.34 -21.23 6.67
CA VAL A 302 38.37 -19.82 6.29
C VAL A 302 36.96 -19.27 6.33
N GLU A 303 36.77 -18.16 7.01
CA GLU A 303 35.53 -17.42 6.94
C GLU A 303 35.67 -16.34 5.89
N ILE A 304 34.64 -16.14 5.08
CA ILE A 304 34.64 -15.11 4.07
C ILE A 304 33.34 -14.34 4.15
N THR A 305 33.43 -13.04 4.32
CA THR A 305 32.27 -12.16 4.44
C THR A 305 32.47 -10.95 3.55
N PRO A 306 31.38 -10.34 3.08
CA PRO A 306 31.53 -9.14 2.25
C PRO A 306 32.35 -8.05 2.90
N ASN A 307 32.46 -8.05 4.22
CA ASN A 307 33.32 -7.08 4.89
C ASN A 307 34.80 -7.47 4.86
N SER A 308 35.10 -8.73 4.54
CA SER A 308 36.49 -9.17 4.41
C SER A 308 36.56 -10.29 3.39
N PRO A 309 36.51 -9.94 2.11
CA PRO A 309 36.44 -10.97 1.07
C PRO A 309 37.74 -11.68 0.81
N ARG A 310 38.85 -11.15 1.28
CA ARG A 310 40.16 -11.70 0.99
C ARG A 310 40.68 -12.40 2.24
N ALA A 311 41.25 -13.59 2.07
CA ALA A 311 41.75 -14.30 3.23
C ALA A 311 42.90 -15.22 2.82
N GLU A 312 43.80 -15.44 3.76
CA GLU A 312 44.93 -16.34 3.56
C GLU A 312 44.80 -17.50 4.53
N ALA A 313 44.79 -18.71 4.00
CA ALA A 313 44.74 -19.92 4.82
C ALA A 313 46.16 -20.38 5.08
N THR A 314 46.56 -20.35 6.35
CA THR A 314 47.93 -20.69 6.73
C THR A 314 48.03 -22.19 6.97
N LEU A 315 48.67 -22.90 6.05
CA LEU A 315 48.90 -24.34 6.20
C LEU A 315 50.36 -24.51 6.62
N GLY A 316 50.56 -24.78 7.91
CA GLY A 316 51.87 -24.82 8.51
C GLY A 316 52.86 -25.73 7.81
N GLY A 317 53.98 -25.17 7.36
CA GLY A 317 54.96 -25.93 6.63
C GLY A 317 54.69 -26.08 5.16
N PHE A 318 53.43 -25.90 4.74
CA PHE A 318 53.08 -25.84 3.34
C PHE A 318 53.01 -24.42 2.82
N GLY A 319 53.07 -23.43 3.71
CA GLY A 319 52.93 -22.04 3.32
C GLY A 319 51.55 -21.52 3.59
N SER A 320 50.98 -20.78 2.65
CA SER A 320 49.64 -20.24 2.82
C SER A 320 48.99 -20.08 1.46
N LEU A 321 47.74 -20.51 1.37
CA LEU A 321 46.95 -20.36 0.16
C LEU A 321 46.20 -19.05 0.23
N GLY A 322 46.51 -18.13 -0.69
CA GLY A 322 45.78 -16.87 -0.76
C GLY A 322 44.50 -17.05 -1.55
N LEU A 323 43.43 -16.43 -1.06
CA LEU A 323 42.09 -16.72 -1.56
C LEU A 323 41.29 -15.43 -1.58
N ASP A 324 41.07 -14.88 -2.78
CA ASP A 324 40.26 -13.68 -2.96
C ASP A 324 38.93 -14.09 -3.57
N CYS A 325 37.84 -13.75 -2.91
CA CYS A 325 36.56 -14.33 -3.26
C CYS A 325 35.49 -13.25 -3.34
N GLU A 326 34.43 -13.54 -4.09
CA GLU A 326 33.36 -12.58 -4.34
C GLU A 326 32.06 -13.04 -3.68
N PRO A 327 31.73 -12.57 -2.49
CA PRO A 327 30.55 -13.07 -1.78
C PRO A 327 29.24 -12.41 -2.14
N ARG A 328 29.27 -11.17 -2.60
CA ARG A 328 28.02 -10.45 -2.84
C ARG A 328 27.26 -11.03 -4.03
N THR A 329 27.95 -11.27 -5.12
CA THR A 329 27.35 -11.87 -6.30
C THR A 329 27.15 -13.35 -6.17
N GLY A 330 27.17 -13.97 -5.00
CA GLY A 330 27.05 -15.41 -4.94
C GLY A 330 25.73 -15.95 -5.47
N LEU A 331 24.66 -15.82 -4.70
CA LEU A 331 23.36 -16.34 -5.13
C LEU A 331 22.28 -15.28 -4.84
N ASP A 332 22.10 -14.36 -5.77
CA ASP A 332 20.86 -13.62 -5.97
C ASP A 332 20.31 -12.92 -4.74
N PHE A 333 21.04 -12.85 -3.63
CA PHE A 333 20.40 -12.57 -2.34
C PHE A 333 19.90 -11.12 -2.30
N SER A 334 18.97 -10.81 -3.19
CA SER A 334 18.17 -9.60 -3.05
C SER A 334 16.74 -9.86 -3.46
N ASP A 335 16.35 -11.12 -3.58
CA ASP A 335 15.03 -11.50 -4.02
C ASP A 335 14.54 -12.68 -3.20
N LEU A 336 15.32 -13.07 -2.20
CA LEU A 336 15.04 -14.27 -1.42
C LEU A 336 14.67 -13.89 0.00
N TYR A 337 13.44 -14.15 0.38
CA TYR A 337 13.02 -14.05 1.76
C TYR A 337 13.21 -15.38 2.46
N TYR A 338 13.50 -15.31 3.74
CA TYR A 338 13.62 -16.49 4.60
C TYR A 338 12.28 -16.73 5.26
N LEU A 339 11.64 -17.85 4.96
CA LEU A 339 10.24 -18.07 5.34
C LEU A 339 10.14 -19.16 6.38
N THR A 340 9.47 -18.88 7.50
CA THR A 340 9.25 -19.88 8.53
C THR A 340 7.77 -20.09 8.75
N MET A 341 7.36 -21.35 8.92
CA MET A 341 5.98 -21.66 9.28
C MET A 341 5.90 -22.23 10.69
N ASN A 342 6.52 -23.37 10.94
CA ASN A 342 6.65 -23.90 12.30
C ASN A 342 7.87 -24.81 12.31
N ASN A 343 9.01 -24.24 12.69
CA ASN A 343 10.28 -24.94 12.80
C ASN A 343 10.73 -25.54 11.47
N LYS A 344 10.08 -25.20 10.37
CA LYS A 344 10.54 -25.54 9.04
C LYS A 344 10.79 -24.26 8.28
N HIS A 345 11.99 -24.08 7.75
CA HIS A 345 12.39 -22.83 7.14
C HIS A 345 12.76 -23.06 5.69
N TRP A 346 12.29 -22.18 4.82
CA TRP A 346 12.55 -22.25 3.39
C TRP A 346 13.20 -20.96 2.92
N LEU A 347 13.82 -21.02 1.76
CA LEU A 347 14.20 -19.84 1.00
C LEU A 347 13.17 -19.64 -0.09
N VAL A 348 12.51 -18.50 -0.07
CA VAL A 348 11.35 -18.24 -0.91
C VAL A 348 11.69 -17.06 -1.79
N HIS A 349 11.25 -17.08 -3.03
CA HIS A 349 11.54 -15.96 -3.92
C HIS A 349 10.52 -14.87 -3.66
N LYS A 350 11.00 -13.67 -3.37
CA LYS A 350 10.11 -12.52 -3.34
C LYS A 350 9.41 -12.42 -4.68
N GLU A 351 8.19 -11.90 -4.68
CA GLU A 351 7.17 -11.98 -5.72
C GLU A 351 6.48 -13.33 -5.69
N TRP A 352 6.85 -14.22 -4.78
CA TRP A 352 5.96 -15.28 -4.37
C TRP A 352 5.56 -15.11 -2.93
N PHE A 353 6.25 -14.24 -2.19
CA PHE A 353 5.89 -13.95 -0.82
C PHE A 353 5.27 -12.57 -0.77
N HIS A 354 4.78 -12.11 -1.92
CA HIS A 354 3.96 -10.91 -2.01
C HIS A 354 2.67 -11.12 -2.78
N ASP A 355 2.63 -12.05 -3.74
CA ASP A 355 1.40 -12.37 -4.43
C ASP A 355 0.71 -13.59 -3.82
N ILE A 356 0.59 -13.64 -2.50
CA ILE A 356 -0.01 -14.77 -1.81
C ILE A 356 -1.28 -14.27 -1.13
N PRO A 357 -2.41 -14.92 -1.32
CA PRO A 357 -3.70 -14.40 -0.81
C PRO A 357 -4.11 -14.91 0.58
N LEU A 358 -3.53 -14.36 1.62
CA LEU A 358 -3.87 -14.73 2.98
C LEU A 358 -3.86 -13.47 3.82
N PRO A 359 -4.51 -13.50 4.98
CA PRO A 359 -4.47 -12.33 5.87
C PRO A 359 -3.05 -11.94 6.23
N TRP A 360 -2.65 -10.71 5.95
CA TRP A 360 -1.26 -10.32 6.09
C TRP A 360 -1.12 -9.16 7.05
N HIS A 361 -0.33 -9.35 8.10
CA HIS A 361 0.08 -8.23 8.94
C HIS A 361 1.20 -7.50 8.21
N ALA A 362 1.91 -6.61 8.91
CA ALA A 362 3.04 -5.94 8.28
C ALA A 362 4.06 -5.58 9.35
N GLY A 363 5.05 -6.45 9.54
CA GLY A 363 6.20 -6.06 10.32
C GLY A 363 6.04 -6.20 11.81
N ALA A 364 5.88 -5.07 12.49
CA ALA A 364 6.03 -4.99 13.94
C ALA A 364 4.83 -5.63 14.63
N ASP A 365 5.10 -6.67 15.41
CA ASP A 365 4.09 -7.28 16.26
C ASP A 365 4.18 -6.62 17.63
N THR A 366 3.16 -5.85 17.99
CA THR A 366 3.21 -5.04 19.19
C THR A 366 2.22 -5.49 20.26
N GLY A 367 0.93 -5.49 19.95
CA GLY A 367 -0.08 -5.85 20.90
C GLY A 367 -1.10 -6.77 20.28
N THR A 368 -2.37 -6.38 20.33
CA THR A 368 -3.42 -7.15 19.68
C THR A 368 -3.32 -6.94 18.18
N PRO A 369 -2.95 -7.96 17.41
CA PRO A 369 -2.64 -7.74 15.99
C PRO A 369 -3.87 -7.35 15.19
N HIS A 370 -3.61 -6.81 14.00
CA HIS A 370 -4.66 -6.43 13.07
C HIS A 370 -4.26 -6.94 11.70
N TRP A 371 -5.15 -7.65 11.03
CA TRP A 371 -4.83 -8.15 9.70
C TRP A 371 -5.64 -7.37 8.68
N ASN A 372 -4.95 -6.74 7.74
CA ASN A 372 -5.63 -5.96 6.70
C ASN A 372 -6.02 -6.81 5.49
N ASN A 373 -6.92 -7.78 5.73
CA ASN A 373 -7.41 -8.64 4.67
C ASN A 373 -8.89 -8.84 4.84
N LYS A 374 -9.27 -9.57 5.89
CA LYS A 374 -10.66 -9.86 6.22
C LYS A 374 -11.33 -10.45 5.00
N GLU A 375 -10.63 -11.33 4.31
CA GLU A 375 -11.16 -11.93 3.11
C GLU A 375 -10.17 -13.01 2.73
N ALA A 376 -10.71 -14.02 2.09
CA ALA A 376 -10.07 -15.24 1.59
C ALA A 376 -9.83 -16.22 2.72
N LEU A 377 -10.12 -15.86 3.98
CA LEU A 377 -10.03 -16.97 4.92
C LEU A 377 -11.32 -17.20 5.68
N VAL A 378 -12.30 -16.30 5.57
CA VAL A 378 -13.62 -16.48 6.15
C VAL A 378 -14.63 -16.49 5.01
N GLU A 379 -15.47 -17.52 4.97
CA GLU A 379 -16.46 -17.70 3.91
C GLU A 379 -17.83 -17.38 4.47
N PHE A 380 -18.47 -16.35 3.88
CA PHE A 380 -19.79 -15.90 4.30
C PHE A 380 -20.84 -16.59 3.47
N LYS A 381 -21.20 -17.80 3.87
CA LYS A 381 -22.13 -18.57 3.06
C LYS A 381 -23.55 -18.17 3.42
N ASP A 382 -24.34 -17.94 2.38
CA ASP A 382 -25.73 -17.56 2.53
C ASP A 382 -26.60 -18.80 2.53
N ALA A 383 -27.68 -18.66 3.30
CA ALA A 383 -28.78 -19.61 3.42
C ALA A 383 -29.84 -19.10 2.41
N HIS A 384 -31.09 -19.38 2.77
CA HIS A 384 -32.28 -18.97 2.04
C HIS A 384 -33.20 -18.29 3.06
N ALA A 385 -34.11 -17.45 2.58
CA ALA A 385 -35.05 -16.73 3.45
C ALA A 385 -34.36 -15.95 4.56
N LYS A 386 -33.37 -15.14 4.17
CA LYS A 386 -32.59 -14.28 5.06
C LYS A 386 -31.78 -14.94 6.19
N ARG A 387 -31.13 -16.06 5.88
CA ARG A 387 -30.29 -16.75 6.85
C ARG A 387 -28.84 -16.60 6.38
N GLN A 388 -27.96 -16.17 7.28
CA GLN A 388 -26.57 -15.96 6.89
C GLN A 388 -25.68 -16.70 7.85
N THR A 389 -24.61 -17.30 7.33
CA THR A 389 -23.70 -18.07 8.16
C THR A 389 -22.26 -17.75 7.80
N VAL A 390 -21.39 -17.84 8.80
CA VAL A 390 -19.99 -17.48 8.68
C VAL A 390 -19.17 -18.71 9.05
N VAL A 391 -18.26 -19.11 8.16
CA VAL A 391 -17.38 -20.23 8.46
C VAL A 391 -15.94 -19.84 8.18
N VAL A 392 -15.01 -20.58 8.73
CA VAL A 392 -13.59 -20.41 8.45
C VAL A 392 -13.13 -21.52 7.54
N LEU A 393 -12.10 -21.23 6.76
CA LEU A 393 -11.45 -22.27 5.96
C LEU A 393 -10.33 -22.89 6.77
N GLY A 394 -10.18 -24.19 6.65
CA GLY A 394 -9.37 -24.92 7.61
C GLY A 394 -7.88 -25.03 7.35
N SER A 395 -7.12 -24.19 8.04
CA SER A 395 -5.74 -24.44 8.39
C SER A 395 -4.72 -24.39 7.26
N GLN A 396 -5.14 -24.39 6.00
CA GLN A 396 -4.39 -23.75 4.93
C GLN A 396 -2.93 -24.13 4.82
N GLU A 397 -2.44 -25.00 5.71
CA GLU A 397 -1.02 -25.34 5.75
C GLU A 397 -0.70 -26.46 4.81
N GLY A 398 -1.61 -26.76 3.91
CA GLY A 398 -1.40 -27.84 2.98
C GLY A 398 -1.30 -27.26 1.60
N ALA A 399 -1.92 -26.12 1.39
CA ALA A 399 -1.74 -25.43 0.11
C ALA A 399 -0.40 -24.71 0.07
N VAL A 400 0.08 -24.23 1.21
CA VAL A 400 1.38 -23.56 1.24
C VAL A 400 2.51 -24.56 1.05
N HIS A 401 2.38 -25.77 1.61
CA HIS A 401 3.42 -26.77 1.42
C HIS A 401 3.50 -27.24 -0.03
N THR A 402 2.37 -27.24 -0.74
CA THR A 402 2.40 -27.59 -2.15
C THR A 402 2.52 -26.38 -3.07
N ALA A 403 2.18 -25.19 -2.59
CA ALA A 403 2.49 -24.00 -3.39
C ALA A 403 3.99 -23.82 -3.48
N LEU A 404 4.70 -24.10 -2.39
CA LEU A 404 6.15 -24.18 -2.41
C LEU A 404 6.54 -25.42 -3.18
N ALA A 405 7.09 -25.24 -4.37
CA ALA A 405 7.69 -26.34 -5.09
C ALA A 405 8.82 -25.76 -5.90
N GLY A 406 10.02 -26.25 -5.67
CA GLY A 406 11.17 -25.62 -6.27
C GLY A 406 11.72 -24.46 -5.48
N ALA A 407 11.38 -24.35 -4.20
CA ALA A 407 12.00 -23.39 -3.30
C ALA A 407 12.92 -24.13 -2.35
N LEU A 408 14.13 -23.62 -2.17
CA LEU A 408 15.17 -24.35 -1.47
C LEU A 408 14.83 -24.50 0.00
N GLU A 409 15.35 -25.53 0.62
CA GLU A 409 15.21 -25.66 2.06
C GLU A 409 16.37 -25.00 2.79
N ALA A 410 16.19 -24.83 4.10
CA ALA A 410 17.21 -24.22 4.94
C ALA A 410 16.98 -24.70 6.37
N GLU A 411 17.92 -24.36 7.24
CA GLU A 411 17.74 -24.64 8.66
C GLU A 411 18.23 -23.45 9.46
N MET A 412 17.87 -23.40 10.74
CA MET A 412 18.11 -22.24 11.57
C MET A 412 18.85 -22.64 12.84
N ASP A 413 19.87 -21.88 13.21
CA ASP A 413 20.54 -22.02 14.49
C ASP A 413 20.52 -20.68 15.22
N GLY A 414 19.83 -20.63 16.35
CA GLY A 414 19.68 -19.37 17.06
C GLY A 414 19.04 -18.32 16.18
N ALA A 415 19.64 -17.14 16.14
CA ALA A 415 19.15 -16.06 15.31
C ALA A 415 19.65 -16.12 13.87
N LYS A 416 20.47 -17.11 13.52
CA LYS A 416 21.09 -17.15 12.21
C LYS A 416 20.50 -18.28 11.37
N GLY A 417 20.57 -18.13 10.06
CA GLY A 417 20.06 -19.15 9.18
C GLY A 417 21.13 -19.83 8.36
N ARG A 418 21.31 -21.13 8.57
CA ARG A 418 22.25 -21.92 7.78
C ARG A 418 21.54 -22.41 6.53
N LEU A 419 21.94 -21.88 5.38
CA LEU A 419 21.60 -22.45 4.10
C LEU A 419 22.68 -23.45 3.72
N SER A 420 22.25 -24.56 3.15
CA SER A 420 23.15 -25.61 2.71
C SER A 420 23.22 -25.75 1.21
N SER A 421 22.59 -24.85 0.46
CA SER A 421 22.66 -24.87 -1.01
C SER A 421 22.98 -23.48 -1.50
N GLY A 422 24.17 -23.31 -2.07
CA GLY A 422 24.63 -22.00 -2.49
C GLY A 422 25.58 -22.06 -3.66
N HIS A 423 26.35 -21.00 -3.88
CA HIS A 423 27.25 -20.91 -5.03
C HIS A 423 28.21 -19.77 -4.79
N LEU A 424 29.51 -20.06 -4.71
CA LEU A 424 30.53 -19.06 -4.46
C LEU A 424 31.63 -19.12 -5.51
N LYS A 425 32.29 -17.99 -5.77
CA LYS A 425 33.33 -17.89 -6.79
C LYS A 425 34.58 -17.26 -6.21
N CYS A 426 35.63 -18.06 -6.01
CA CYS A 426 36.87 -17.60 -5.37
C CYS A 426 38.03 -17.76 -6.33
N ARG A 427 38.81 -16.69 -6.50
CA ARG A 427 40.07 -16.78 -7.23
C ARG A 427 41.19 -17.20 -6.30
N LEU A 428 41.99 -18.17 -6.74
CA LEU A 428 43.00 -18.82 -5.89
C LEU A 428 44.39 -18.31 -6.26
N LYS A 429 45.00 -17.54 -5.36
CA LYS A 429 46.37 -17.08 -5.54
C LYS A 429 47.32 -18.03 -4.82
N MET A 430 47.65 -19.14 -5.49
CA MET A 430 48.54 -20.14 -4.93
C MET A 430 49.94 -19.90 -5.49
N ASP A 431 50.63 -18.92 -4.92
CA ASP A 431 52.03 -18.68 -5.25
C ASP A 431 52.91 -18.68 -4.00
N LYS A 432 52.34 -18.98 -2.84
CA LYS A 432 53.09 -19.13 -1.60
C LYS A 432 52.90 -20.53 -1.01
N LEU A 433 52.65 -21.51 -1.86
CA LEU A 433 52.63 -22.91 -1.46
C LEU A 433 53.99 -23.53 -1.73
N ARG A 434 54.49 -24.29 -0.77
CA ARG A 434 55.77 -24.96 -0.89
C ARG A 434 55.55 -26.47 -0.87
N LEU A 435 56.63 -27.22 -1.00
CA LEU A 435 56.59 -28.67 -0.96
C LEU A 435 57.42 -29.13 0.24
N LYS A 436 56.75 -29.78 1.20
CA LYS A 436 57.44 -30.24 2.40
C LYS A 436 58.42 -31.34 2.08
N GLY A 437 58.05 -32.25 1.17
CA GLY A 437 58.76 -33.50 1.03
C GLY A 437 60.13 -33.40 0.39
N VAL A 438 60.32 -32.43 -0.50
CA VAL A 438 61.57 -32.39 -1.26
C VAL A 438 62.75 -32.22 -0.30
N SER A 439 63.90 -32.72 -0.73
CA SER A 439 65.19 -32.74 -0.04
C SER A 439 65.25 -33.81 1.04
N TYR A 440 64.22 -34.63 1.20
CA TYR A 440 64.35 -35.82 2.02
C TYR A 440 65.02 -36.94 1.21
N SER A 441 65.53 -37.94 1.91
CA SER A 441 66.02 -39.15 1.26
C SER A 441 64.90 -40.19 1.22
N LEU A 442 64.87 -40.99 0.15
CA LEU A 442 63.76 -41.89 -0.06
C LEU A 442 63.88 -43.16 0.79
N CYS A 443 62.74 -43.61 1.32
CA CYS A 443 62.71 -44.75 2.21
C CYS A 443 63.09 -46.02 1.46
N THR A 444 63.99 -46.80 2.05
CA THR A 444 64.32 -48.14 1.55
C THR A 444 64.23 -49.11 2.74
N ALA A 445 63.01 -49.51 3.10
CA ALA A 445 62.85 -50.68 3.96
C ALA A 445 61.90 -51.71 3.37
N ALA A 446 60.63 -51.34 3.19
CA ALA A 446 59.55 -52.22 2.76
C ALA A 446 58.27 -51.40 2.72
N PHE A 447 57.27 -51.92 2.03
CA PHE A 447 55.95 -51.29 2.01
C PHE A 447 54.90 -52.38 1.92
N THR A 448 53.85 -52.25 2.72
CA THR A 448 52.79 -53.24 2.73
C THR A 448 51.49 -52.57 2.36
N PHE A 449 50.77 -53.15 1.40
CA PHE A 449 49.51 -52.57 1.00
C PHE A 449 48.42 -53.14 1.88
N THR A 450 48.08 -52.41 2.93
CA THR A 450 47.03 -52.83 3.84
C THR A 450 45.55 -52.66 3.53
N LYS A 451 45.09 -51.50 3.14
CA LYS A 451 43.67 -51.40 2.89
C LYS A 451 43.64 -51.73 1.50
N ILE A 452 44.76 -51.61 0.85
CA ILE A 452 44.59 -52.04 -0.55
C ILE A 452 44.07 -50.92 -1.45
N PRO A 453 44.27 -51.06 -2.78
CA PRO A 453 43.83 -50.08 -3.78
C PRO A 453 42.32 -50.07 -4.02
N ALA A 454 41.76 -48.89 -4.27
CA ALA A 454 40.35 -48.75 -4.57
C ALA A 454 40.14 -47.69 -5.63
N GLU A 455 39.02 -47.78 -6.33
CA GLU A 455 38.73 -46.92 -7.47
C GLU A 455 37.59 -45.97 -7.15
N THR A 456 37.85 -44.68 -7.26
CA THR A 456 36.82 -43.67 -7.04
C THR A 456 35.88 -43.64 -8.25
N LEU A 457 34.94 -42.71 -8.26
CA LEU A 457 33.98 -42.65 -9.35
C LEU A 457 34.54 -42.02 -10.62
N HIS A 458 35.68 -41.33 -10.53
CA HIS A 458 36.21 -40.60 -11.66
C HIS A 458 37.37 -41.28 -12.34
N GLY A 459 37.96 -42.30 -11.74
CA GLY A 459 39.05 -42.97 -12.37
C GLY A 459 40.29 -43.00 -11.50
N THR A 460 40.39 -42.07 -10.57
CA THR A 460 41.54 -42.04 -9.69
C THR A 460 41.58 -43.31 -8.86
N VAL A 461 42.74 -43.56 -8.26
CA VAL A 461 43.02 -44.80 -7.55
C VAL A 461 43.63 -44.46 -6.22
N THR A 462 42.96 -44.75 -5.13
CA THR A 462 43.49 -44.46 -3.81
C THR A 462 44.18 -45.68 -3.26
N VAL A 463 45.35 -45.47 -2.66
CA VAL A 463 46.19 -46.53 -2.12
C VAL A 463 46.60 -46.13 -0.72
N GLU A 464 46.49 -47.06 0.22
CA GLU A 464 46.91 -46.82 1.59
C GLU A 464 48.04 -47.77 1.92
N VAL A 465 49.23 -47.22 2.13
CA VAL A 465 50.45 -47.99 2.33
C VAL A 465 50.88 -47.88 3.78
N GLN A 466 51.52 -48.95 4.26
CA GLN A 466 52.09 -49.00 5.61
C GLN A 466 53.59 -49.25 5.51
N TYR A 467 54.37 -48.44 6.22
CA TYR A 467 55.82 -48.49 6.18
C TYR A 467 56.36 -49.14 7.45
N ALA A 468 57.23 -50.12 7.27
CA ALA A 468 57.75 -50.91 8.40
C ALA A 468 59.01 -50.31 8.99
N GLY A 469 59.87 -49.72 8.15
CA GLY A 469 61.16 -49.25 8.64
C GLY A 469 61.03 -48.02 9.52
N THR A 470 62.04 -47.81 10.36
CA THR A 470 62.12 -46.63 11.22
C THR A 470 63.17 -45.68 10.64
N ASP A 471 62.77 -44.97 9.59
CA ASP A 471 63.68 -44.11 8.85
C ASP A 471 63.38 -42.63 9.01
N GLY A 472 62.57 -42.26 10.01
CA GLY A 472 62.23 -40.88 10.24
C GLY A 472 61.42 -40.28 9.11
N PRO A 473 61.42 -38.96 8.99
CA PRO A 473 60.76 -38.32 7.85
C PRO A 473 61.41 -38.77 6.56
N CYS A 474 60.58 -39.17 5.60
CA CYS A 474 61.13 -39.82 4.41
C CYS A 474 60.17 -39.70 3.24
N LYS A 475 60.70 -40.03 2.05
CA LYS A 475 60.06 -39.78 0.77
C LYS A 475 59.70 -41.11 0.13
N VAL A 476 58.41 -41.31 -0.15
CA VAL A 476 57.89 -42.59 -0.63
C VAL A 476 57.98 -42.59 -2.15
N PRO A 477 58.69 -43.54 -2.76
CA PRO A 477 58.70 -43.62 -4.22
C PRO A 477 57.53 -44.42 -4.77
N ALA A 478 56.68 -43.79 -5.56
CA ALA A 478 55.53 -44.47 -6.14
C ALA A 478 55.32 -43.98 -7.55
N GLN A 479 55.12 -44.90 -8.48
CA GLN A 479 54.93 -44.53 -9.88
C GLN A 479 54.05 -45.55 -10.57
N MET A 480 53.07 -45.07 -11.33
CA MET A 480 52.35 -45.94 -12.24
C MET A 480 53.30 -46.42 -13.33
N ALA A 481 53.21 -47.69 -13.70
CA ALA A 481 54.10 -48.21 -14.71
C ALA A 481 53.47 -49.42 -15.40
N VAL A 482 53.76 -49.54 -16.69
CA VAL A 482 53.48 -50.75 -17.45
C VAL A 482 54.81 -51.23 -18.01
N ASP A 483 54.84 -52.50 -18.42
CA ASP A 483 56.07 -53.10 -18.94
C ASP A 483 57.17 -53.07 -17.87
N MET A 484 56.95 -53.87 -16.84
CA MET A 484 57.78 -53.87 -15.64
C MET A 484 59.24 -54.19 -15.94
N GLN A 485 59.58 -54.48 -17.20
CA GLN A 485 60.97 -54.65 -17.57
C GLN A 485 61.74 -53.34 -17.39
N THR A 486 61.22 -52.26 -17.96
CA THR A 486 61.80 -50.91 -17.83
C THR A 486 60.72 -49.99 -17.29
N LEU A 487 60.80 -49.65 -16.01
CA LEU A 487 59.74 -48.89 -15.36
C LEU A 487 59.81 -47.45 -15.84
N THR A 488 59.13 -47.18 -16.95
CA THR A 488 59.04 -45.81 -17.45
C THR A 488 57.76 -45.19 -16.93
N PRO A 489 57.83 -44.08 -16.20
CA PRO A 489 56.62 -43.54 -15.57
C PRO A 489 55.59 -43.15 -16.61
N VAL A 490 54.38 -43.67 -16.45
CA VAL A 490 53.25 -43.28 -17.27
C VAL A 490 52.15 -42.80 -16.33
N GLY A 491 51.07 -42.31 -16.91
CA GLY A 491 50.03 -41.79 -16.08
C GLY A 491 50.50 -40.55 -15.35
N ARG A 492 49.70 -40.14 -14.38
CA ARG A 492 49.97 -38.94 -13.61
C ARG A 492 49.69 -39.22 -12.15
N LEU A 493 50.56 -38.71 -11.28
CA LEU A 493 50.49 -38.98 -9.85
C LEU A 493 49.85 -37.76 -9.19
N ILE A 494 48.54 -37.81 -9.00
CA ILE A 494 47.88 -36.68 -8.36
C ILE A 494 47.87 -36.89 -6.86
N THR A 495 49.00 -36.65 -6.21
CA THR A 495 49.02 -36.78 -4.76
C THR A 495 49.32 -35.42 -4.15
N ALA A 496 50.63 -35.17 -4.03
CA ALA A 496 51.30 -34.00 -3.48
C ALA A 496 52.76 -34.41 -3.47
N ASN A 497 53.52 -33.93 -2.50
CA ASN A 497 54.88 -34.38 -2.38
C ASN A 497 54.67 -35.58 -1.46
N PRO A 498 54.82 -36.81 -2.01
CA PRO A 498 54.56 -37.96 -1.16
C PRO A 498 55.55 -38.01 -0.03
N VAL A 499 55.14 -38.34 1.18
CA VAL A 499 56.12 -38.40 2.24
C VAL A 499 55.45 -38.83 3.53
N ILE A 500 56.06 -39.77 4.24
CA ILE A 500 55.62 -40.15 5.58
C ILE A 500 56.30 -39.24 6.60
N THR A 501 55.52 -38.72 7.53
CA THR A 501 56.05 -37.81 8.54
C THR A 501 56.29 -38.46 9.88
N GLU A 502 55.64 -39.59 10.16
CA GLU A 502 55.89 -40.28 11.41
C GLU A 502 57.26 -40.96 11.36
N SER A 503 57.76 -41.31 12.54
CA SER A 503 59.09 -41.89 12.64
C SER A 503 59.16 -43.10 13.58
N THR A 504 58.03 -43.60 14.08
CA THR A 504 58.16 -44.47 15.23
C THR A 504 58.51 -45.90 14.87
N GLU A 505 57.54 -46.71 14.45
CA GLU A 505 57.88 -48.04 13.95
C GLU A 505 57.21 -48.33 12.60
N ASN A 506 55.89 -48.29 12.61
CA ASN A 506 55.08 -48.56 11.43
C ASN A 506 54.17 -47.36 11.19
N SER A 507 54.21 -46.80 9.98
CA SER A 507 53.45 -45.61 9.71
C SER A 507 52.45 -45.89 8.59
N LYS A 508 51.45 -45.03 8.49
CA LYS A 508 50.42 -45.16 7.47
C LYS A 508 50.40 -43.92 6.59
N MET A 509 50.07 -44.13 5.32
CA MET A 509 50.03 -43.05 4.34
C MET A 509 48.98 -43.39 3.31
N MET A 510 48.39 -42.36 2.71
CA MET A 510 47.43 -42.55 1.64
C MET A 510 47.76 -41.61 0.49
N LEU A 511 47.86 -42.16 -0.72
CA LEU A 511 48.11 -41.36 -1.91
C LEU A 511 47.23 -41.87 -3.03
N GLU A 512 46.79 -40.97 -3.92
CA GLU A 512 45.92 -41.35 -5.02
C GLU A 512 46.59 -41.01 -6.35
N LEU A 513 46.47 -41.93 -7.30
CA LEU A 513 47.13 -41.83 -8.58
C LEU A 513 46.10 -41.81 -9.70
N ASP A 514 46.41 -41.10 -10.77
CA ASP A 514 45.58 -41.09 -11.96
C ASP A 514 46.21 -42.01 -12.99
N PRO A 515 45.68 -43.20 -13.21
CA PRO A 515 46.39 -44.21 -14.01
C PRO A 515 46.10 -44.04 -15.49
N PRO A 516 46.91 -44.64 -16.35
CA PRO A 516 46.58 -44.65 -17.78
C PRO A 516 45.42 -45.58 -18.06
N PHE A 517 44.86 -45.44 -19.26
CA PHE A 517 43.61 -46.13 -19.55
C PHE A 517 43.81 -47.63 -19.65
N GLY A 518 44.87 -48.08 -20.32
CA GLY A 518 45.14 -49.50 -20.43
C GLY A 518 45.46 -50.16 -19.09
N ASP A 519 45.84 -51.43 -19.14
CA ASP A 519 46.33 -52.09 -17.92
C ASP A 519 47.61 -51.41 -17.44
N SER A 520 47.80 -51.40 -16.12
CA SER A 520 48.95 -50.74 -15.54
C SER A 520 49.29 -51.40 -14.22
N TYR A 521 50.50 -51.12 -13.74
CA TYR A 521 50.96 -51.62 -12.45
C TYR A 521 51.27 -50.46 -11.52
N ILE A 522 50.64 -50.47 -10.36
CA ILE A 522 51.01 -49.56 -9.29
C ILE A 522 52.25 -50.13 -8.63
N VAL A 523 53.34 -49.38 -8.62
CA VAL A 523 54.62 -49.84 -8.10
C VAL A 523 55.01 -48.95 -6.93
N ILE A 524 55.25 -49.56 -5.77
CA ILE A 524 55.69 -48.83 -4.59
C ILE A 524 56.88 -49.56 -4.00
N GLY A 525 57.97 -48.84 -3.77
CA GLY A 525 59.17 -49.46 -3.25
C GLY A 525 60.37 -49.21 -4.13
N VAL A 526 61.57 -49.50 -3.62
CA VAL A 526 62.79 -49.11 -4.31
C VAL A 526 63.31 -50.21 -5.20
N GLY A 527 63.76 -51.32 -4.60
CA GLY A 527 64.38 -52.36 -5.38
C GLY A 527 64.29 -53.74 -4.78
N GLU A 528 63.84 -54.71 -5.57
CA GLU A 528 63.80 -56.12 -5.18
C GLU A 528 62.90 -56.36 -3.99
N LYS A 529 62.26 -55.31 -3.49
CA LYS A 529 61.22 -55.40 -2.48
C LYS A 529 60.08 -54.46 -2.84
N LYS A 530 59.84 -54.31 -4.14
CA LYS A 530 58.79 -53.44 -4.64
C LYS A 530 57.49 -54.20 -4.63
N ILE A 531 56.49 -53.65 -3.96
CA ILE A 531 55.15 -54.22 -4.04
C ILE A 531 54.45 -53.62 -5.24
N THR A 532 53.85 -54.50 -6.05
CA THR A 532 53.17 -54.11 -7.27
C THR A 532 51.75 -54.61 -7.23
N HIS A 533 50.85 -53.83 -7.79
CA HIS A 533 49.45 -54.19 -7.88
C HIS A 533 48.98 -53.96 -9.31
N HIS A 534 47.99 -54.72 -9.75
CA HIS A 534 47.52 -54.66 -11.12
C HIS A 534 46.24 -53.85 -11.19
N TRP A 535 46.17 -52.93 -12.13
CA TRP A 535 45.06 -51.99 -12.22
C TRP A 535 44.56 -51.90 -13.66
N HIS A 536 43.24 -51.95 -13.82
CA HIS A 536 42.62 -51.86 -15.14
C HIS A 536 41.58 -50.74 -15.12
N ARG A 537 41.79 -49.73 -15.96
CA ARG A 537 40.88 -48.60 -16.05
C ARG A 537 40.05 -48.72 -17.33
N SER A 538 38.79 -48.29 -17.26
CA SER A 538 37.81 -48.73 -18.25
C SER A 538 37.91 -47.98 -19.57
N GLY A 539 37.63 -46.67 -19.57
CA GLY A 539 37.18 -46.04 -20.78
C GLY A 539 38.15 -45.15 -21.53
N SER A 540 38.29 -45.40 -22.84
CA SER A 540 39.22 -44.67 -23.70
C SER A 540 38.98 -43.16 -23.69
N THR A 541 39.95 -42.40 -24.20
CA THR A 541 39.94 -40.95 -24.09
C THR A 541 38.66 -40.33 -24.62
N ILE A 542 38.05 -40.94 -25.65
CA ILE A 542 36.81 -40.41 -26.19
C ILE A 542 35.73 -40.39 -25.11
N GLY A 543 35.65 -41.46 -24.32
CA GLY A 543 34.70 -41.48 -23.23
C GLY A 543 34.93 -40.37 -22.23
N LYS A 544 36.20 -40.10 -21.91
CA LYS A 544 36.51 -39.04 -20.97
C LYS A 544 36.12 -37.68 -21.54
N ALA A 545 36.37 -37.46 -22.83
CA ALA A 545 35.99 -36.19 -23.44
C ALA A 545 34.48 -36.00 -23.45
N PHE A 546 33.75 -37.07 -23.77
CA PHE A 546 32.29 -36.93 -23.77
C PHE A 546 31.76 -36.67 -22.37
N GLU A 547 32.28 -37.37 -21.36
CA GLU A 547 31.84 -37.11 -20.00
C GLU A 547 32.22 -35.72 -19.55
N ALA A 548 33.36 -35.20 -20.02
CA ALA A 548 33.72 -33.84 -19.70
C ALA A 548 32.73 -32.85 -20.31
N THR A 549 32.31 -33.08 -21.56
CA THR A 549 31.34 -32.17 -22.14
C THR A 549 30.00 -32.27 -21.45
N VAL A 550 29.63 -33.45 -20.98
CA VAL A 550 28.38 -33.57 -20.22
C VAL A 550 28.48 -32.77 -18.93
N ARG A 551 29.61 -32.88 -18.24
CA ARG A 551 29.79 -32.08 -17.03
C ARG A 551 29.72 -30.60 -17.35
N GLY A 552 30.32 -30.19 -18.47
CA GLY A 552 30.25 -28.80 -18.85
C GLY A 552 28.82 -28.33 -19.08
N ALA A 553 28.03 -29.15 -19.76
CA ALA A 553 26.64 -28.78 -20.00
C ALA A 553 25.89 -28.66 -18.68
N LYS A 554 26.06 -29.61 -17.77
CA LYS A 554 25.37 -29.52 -16.50
C LYS A 554 25.79 -28.26 -15.74
N ARG A 555 27.09 -27.97 -15.71
CA ARG A 555 27.56 -26.83 -14.95
C ARG A 555 27.04 -25.53 -15.54
N MET A 556 27.01 -25.42 -16.86
CA MET A 556 26.46 -24.21 -17.46
C MET A 556 24.98 -24.08 -17.15
N ALA A 557 24.22 -25.17 -17.31
CA ALA A 557 22.79 -25.11 -17.05
C ALA A 557 22.49 -24.74 -15.61
N VAL A 558 23.38 -25.11 -14.69
CA VAL A 558 23.12 -24.79 -13.28
C VAL A 558 23.57 -23.38 -12.92
N LEU A 559 24.74 -22.97 -13.40
CA LEU A 559 25.36 -21.73 -12.93
C LEU A 559 25.08 -20.53 -13.81
N GLY A 560 24.57 -20.70 -15.02
CA GLY A 560 24.31 -19.56 -15.85
C GLY A 560 25.58 -19.03 -16.47
N ASP A 561 25.75 -17.71 -16.46
CA ASP A 561 26.92 -17.10 -17.06
C ASP A 561 28.20 -17.46 -16.32
N THR A 562 28.13 -17.58 -14.99
CA THR A 562 29.36 -17.67 -14.21
C THR A 562 30.17 -18.91 -14.54
N ALA A 563 29.53 -19.93 -15.12
CA ALA A 563 30.24 -21.17 -15.40
C ALA A 563 31.45 -20.95 -16.28
N TRP A 564 31.48 -19.86 -17.04
CA TRP A 564 32.65 -19.56 -17.87
C TRP A 564 33.88 -19.23 -17.05
N ASP A 565 33.76 -19.16 -15.73
CA ASP A 565 34.87 -18.84 -14.85
C ASP A 565 35.39 -20.04 -14.07
N PHE A 566 35.16 -21.27 -14.52
CA PHE A 566 35.58 -22.40 -13.71
C PHE A 566 37.09 -22.57 -13.70
N GLY A 567 37.71 -22.68 -14.87
CA GLY A 567 39.14 -22.89 -14.91
C GLY A 567 39.82 -21.71 -15.55
N SER A 568 39.30 -20.54 -15.22
CA SER A 568 39.44 -19.35 -16.03
C SER A 568 40.73 -18.59 -15.78
N VAL A 569 41.89 -19.19 -16.03
CA VAL A 569 43.15 -18.45 -16.06
C VAL A 569 42.87 -17.13 -16.73
N GLY A 570 42.15 -17.18 -17.85
CA GLY A 570 41.53 -15.99 -18.38
C GLY A 570 42.26 -15.47 -19.58
N GLY A 571 41.62 -15.50 -20.74
CA GLY A 571 42.29 -15.10 -21.95
C GLY A 571 41.56 -13.98 -22.64
N ALA A 572 41.22 -14.17 -23.90
CA ALA A 572 40.33 -13.26 -24.59
C ALA A 572 39.15 -14.04 -25.12
N LEU A 573 39.40 -15.28 -25.52
CA LEU A 573 38.32 -16.13 -25.99
C LEU A 573 37.34 -16.43 -24.88
N ASN A 574 37.86 -16.78 -23.70
CA ASN A 574 36.97 -17.04 -22.57
C ASN A 574 36.15 -15.81 -22.22
N SER A 575 36.74 -14.63 -22.31
CA SER A 575 35.98 -13.42 -21.97
C SER A 575 34.91 -13.12 -23.00
N LEU A 576 35.21 -13.33 -24.28
CA LEU A 576 34.20 -13.15 -25.30
C LEU A 576 33.05 -14.13 -25.11
N GLY A 577 33.38 -15.39 -24.81
CA GLY A 577 32.33 -16.35 -24.52
C GLY A 577 31.47 -15.93 -23.35
N LYS A 578 32.11 -15.50 -22.27
CA LYS A 578 31.37 -15.04 -21.09
C LYS A 578 30.44 -13.90 -21.46
N GLY A 579 30.90 -12.96 -22.27
CA GLY A 579 30.07 -11.82 -22.62
C GLY A 579 28.85 -12.22 -23.43
N ILE A 580 29.06 -12.96 -24.53
CA ILE A 580 27.91 -13.25 -25.38
C ILE A 580 26.96 -14.22 -24.67
N HIS A 581 27.49 -15.10 -23.83
CA HIS A 581 26.59 -15.94 -23.06
C HIS A 581 25.81 -15.14 -22.04
N GLN A 582 26.42 -14.08 -21.49
CA GLN A 582 25.67 -13.23 -20.56
C GLN A 582 24.52 -12.52 -21.27
N ILE A 583 24.76 -12.03 -22.49
CA ILE A 583 23.69 -11.37 -23.23
C ILE A 583 22.57 -12.35 -23.55
N PHE A 584 22.92 -13.51 -24.13
CA PHE A 584 21.88 -14.49 -24.46
C PHE A 584 21.16 -14.95 -23.21
N GLY A 585 21.87 -15.07 -22.10
CA GLY A 585 21.21 -15.49 -20.87
C GLY A 585 20.21 -14.47 -20.37
N ALA A 586 20.57 -13.20 -20.43
CA ALA A 586 19.61 -12.17 -20.03
C ALA A 586 18.37 -12.20 -20.91
N ALA A 587 18.57 -12.35 -22.22
CA ALA A 587 17.42 -12.37 -23.11
C ALA A 587 16.54 -13.58 -22.85
N PHE A 588 17.14 -14.76 -22.77
CA PHE A 588 16.38 -15.99 -22.55
C PHE A 588 15.65 -15.96 -21.21
N LYS A 589 16.29 -15.46 -20.17
CA LYS A 589 15.61 -15.35 -18.89
C LYS A 589 14.52 -14.31 -18.93
N SER A 590 14.61 -13.32 -19.82
CA SER A 590 13.56 -12.33 -19.90
C SER A 590 12.35 -12.80 -20.69
N LEU A 591 12.54 -13.71 -21.66
CA LEU A 591 11.39 -14.16 -22.46
C LEU A 591 10.74 -15.38 -21.83
N PHE A 592 11.47 -16.49 -21.80
CA PHE A 592 11.07 -17.70 -21.09
C PHE A 592 11.49 -17.55 -19.65
N GLY A 593 11.55 -18.65 -18.90
CA GLY A 593 11.93 -18.54 -17.52
C GLY A 593 10.83 -17.95 -16.68
N GLY A 594 9.59 -18.12 -17.11
CA GLY A 594 8.43 -17.96 -16.28
C GLY A 594 7.66 -19.24 -16.43
N MET A 595 8.41 -20.32 -16.64
CA MET A 595 7.86 -21.62 -16.95
C MET A 595 8.61 -22.67 -16.15
N SER A 596 7.94 -23.79 -15.91
CA SER A 596 8.48 -24.87 -15.10
C SER A 596 8.68 -26.09 -15.97
N TRP A 597 9.16 -27.17 -15.35
CA TRP A 597 9.59 -28.36 -16.07
C TRP A 597 8.64 -28.74 -17.20
N PHE A 598 7.38 -29.03 -16.85
CA PHE A 598 6.45 -29.51 -17.85
C PHE A 598 6.16 -28.45 -18.90
N SER A 599 5.90 -27.22 -18.46
CA SER A 599 5.53 -26.18 -19.40
C SER A 599 6.62 -25.95 -20.42
N GLN A 600 7.89 -25.96 -20.00
CA GLN A 600 8.92 -25.71 -20.99
C GLN A 600 9.24 -26.94 -21.82
N ILE A 601 8.99 -28.15 -21.31
CA ILE A 601 9.05 -29.28 -22.24
C ILE A 601 8.02 -29.10 -23.35
N LEU A 602 6.84 -28.58 -23.00
CA LEU A 602 5.81 -28.36 -24.00
C LEU A 602 6.25 -27.33 -25.03
N ILE A 603 6.68 -26.16 -24.56
CA ILE A 603 7.07 -25.14 -25.52
C ILE A 603 8.31 -25.57 -26.29
N GLY A 604 9.15 -26.42 -25.72
CA GLY A 604 10.29 -26.93 -26.46
C GLY A 604 9.86 -27.79 -27.62
N THR A 605 8.96 -28.74 -27.38
CA THR A 605 8.46 -29.56 -28.48
C THR A 605 7.73 -28.74 -29.53
N LEU A 606 6.94 -27.76 -29.10
CA LEU A 606 6.20 -26.94 -30.06
C LEU A 606 7.14 -26.15 -30.94
N LEU A 607 8.12 -25.47 -30.33
CA LEU A 607 9.10 -24.75 -31.14
C LEU A 607 9.93 -25.70 -31.97
N MET A 608 10.09 -26.95 -31.54
CA MET A 608 10.84 -27.91 -32.34
C MET A 608 10.10 -28.20 -33.63
N TRP A 609 8.82 -28.49 -33.54
CA TRP A 609 8.04 -28.67 -34.76
C TRP A 609 8.09 -27.41 -35.63
N LEU A 610 7.75 -26.26 -35.04
CA LEU A 610 7.66 -25.03 -35.80
C LEU A 610 8.95 -24.74 -36.55
N GLY A 611 10.10 -24.94 -35.90
CA GLY A 611 11.36 -24.79 -36.59
C GLY A 611 11.65 -25.90 -37.57
N LEU A 612 11.07 -27.08 -37.35
CA LEU A 612 11.35 -28.20 -38.24
C LEU A 612 10.74 -27.98 -39.61
N ASN A 613 9.55 -27.38 -39.68
CA ASN A 613 8.93 -27.24 -41.00
C ASN A 613 8.57 -25.80 -41.36
N THR A 614 9.36 -24.81 -40.91
CA THR A 614 9.04 -23.43 -41.26
C THR A 614 9.53 -23.04 -42.65
N LYS A 615 10.61 -23.66 -43.13
CA LYS A 615 11.12 -23.52 -44.50
C LYS A 615 11.79 -22.18 -44.78
N ASN A 616 11.73 -21.24 -43.84
CA ASN A 616 12.39 -19.96 -44.00
C ASN A 616 13.82 -20.08 -43.46
N GLY A 617 14.50 -18.95 -43.29
CA GLY A 617 15.84 -18.95 -42.74
C GLY A 617 15.92 -18.87 -41.23
N SER A 618 14.80 -18.64 -40.56
CA SER A 618 14.77 -18.55 -39.11
C SER A 618 14.74 -19.91 -38.42
N ILE A 619 14.62 -21.00 -39.20
CA ILE A 619 14.48 -22.33 -38.60
C ILE A 619 15.57 -22.58 -37.57
N SER A 620 16.83 -22.37 -37.96
CA SER A 620 17.94 -22.58 -37.04
C SER A 620 17.68 -21.87 -35.72
N LEU A 621 17.29 -20.60 -35.79
CA LEU A 621 16.98 -19.85 -34.58
C LEU A 621 16.01 -20.61 -33.70
N MET A 622 14.85 -20.98 -34.26
CA MET A 622 13.88 -21.75 -33.48
C MET A 622 14.51 -23.04 -32.98
N CYS A 623 15.20 -23.77 -33.85
CA CYS A 623 15.84 -24.99 -33.40
C CYS A 623 16.83 -24.71 -32.26
N LEU A 624 17.56 -23.60 -32.36
CA LEU A 624 18.46 -23.26 -31.25
C LEU A 624 17.69 -23.19 -29.95
N ALA A 625 16.54 -22.51 -29.95
CA ALA A 625 15.78 -22.36 -28.71
C ALA A 625 15.53 -23.72 -28.06
N LEU A 626 15.21 -24.73 -28.88
CA LEU A 626 14.89 -26.04 -28.31
C LEU A 626 16.00 -26.52 -27.41
N GLY A 627 17.23 -26.48 -27.90
CA GLY A 627 18.36 -26.96 -27.16
C GLY A 627 18.28 -26.37 -25.79
N GLY A 628 18.33 -25.05 -25.70
CA GLY A 628 18.35 -24.40 -24.41
C GLY A 628 17.23 -24.98 -23.59
N VAL A 629 15.99 -24.79 -24.08
CA VAL A 629 14.84 -25.16 -23.27
C VAL A 629 14.90 -26.64 -22.94
N LEU A 630 15.11 -27.48 -23.94
CA LEU A 630 15.01 -28.91 -23.67
C LEU A 630 16.16 -29.37 -22.78
N ILE A 631 17.34 -28.77 -22.93
CA ILE A 631 18.44 -29.25 -22.10
C ILE A 631 18.18 -28.91 -20.65
N PHE A 632 17.39 -27.89 -20.37
CA PHE A 632 17.11 -27.56 -18.99
C PHE A 632 16.43 -28.74 -18.31
N LEU A 633 15.48 -29.34 -19.01
CA LEU A 633 14.72 -30.50 -18.52
C LEU A 633 15.50 -31.80 -18.27
N SER A 634 16.43 -32.14 -19.15
CA SER A 634 17.17 -33.39 -19.05
C SER A 634 18.49 -33.23 -18.28
N THR A 635 18.58 -32.27 -17.36
CA THR A 635 19.71 -32.19 -16.46
C THR A 635 19.31 -32.05 -15.00
N ALA A 636 18.05 -31.84 -14.71
CA ALA A 636 17.57 -31.84 -13.34
C ALA A 636 17.62 -33.27 -12.80
N ALA B 216 -6.56 -18.63 0.88
CA ALA B 216 -7.60 -18.40 -0.12
C ALA B 216 -7.59 -19.51 -1.13
N VAL B 217 -8.01 -19.18 -2.36
CA VAL B 217 -8.18 -20.21 -3.38
C VAL B 217 -6.99 -20.27 -4.33
N THR B 218 -6.35 -19.13 -4.61
CA THR B 218 -5.39 -19.09 -5.71
C THR B 218 -4.03 -19.64 -5.31
N LEU B 219 -3.31 -18.96 -4.41
CA LEU B 219 -2.01 -19.40 -3.92
C LEU B 219 -1.04 -19.73 -5.05
N PRO B 220 -0.40 -18.73 -5.65
CA PRO B 220 0.35 -18.96 -6.87
C PRO B 220 1.49 -19.94 -6.67
N SER B 221 1.61 -20.86 -7.62
CA SER B 221 2.65 -21.87 -7.53
C SER B 221 4.02 -21.22 -7.63
N HIS B 222 4.99 -21.79 -6.92
CA HIS B 222 6.32 -21.24 -6.87
C HIS B 222 7.25 -21.86 -7.89
N SER B 223 6.87 -22.96 -8.52
CA SER B 223 7.75 -23.56 -9.52
C SER B 223 8.03 -22.63 -10.67
N THR B 224 7.30 -21.53 -10.79
CA THR B 224 7.61 -20.54 -11.81
C THR B 224 8.97 -19.92 -11.57
N ARG B 225 9.30 -19.64 -10.31
CA ARG B 225 10.57 -19.01 -9.94
C ARG B 225 11.55 -20.03 -9.37
N LYS B 226 11.56 -21.23 -9.92
CA LYS B 226 12.34 -22.35 -9.40
C LYS B 226 13.76 -21.93 -9.11
N LEU B 227 14.13 -21.96 -7.84
CA LEU B 227 15.49 -21.60 -7.45
C LEU B 227 16.44 -22.68 -7.93
N GLN B 228 17.26 -22.34 -8.92
CA GLN B 228 18.08 -23.32 -9.61
C GLN B 228 19.43 -23.40 -8.94
N THR B 229 19.75 -24.56 -8.39
CA THR B 229 21.05 -24.78 -7.77
C THR B 229 21.27 -26.27 -7.67
N ARG B 230 22.51 -26.64 -7.33
CA ARG B 230 22.94 -28.03 -7.45
C ARG B 230 22.16 -28.94 -6.52
N SER B 231 21.79 -28.45 -5.35
CA SER B 231 21.04 -29.26 -4.41
C SER B 231 19.60 -29.44 -4.88
N GLN B 232 18.94 -30.46 -4.33
CA GLN B 232 17.53 -30.67 -4.65
C GLN B 232 16.68 -29.56 -4.05
N THR B 233 15.54 -29.32 -4.69
CA THR B 233 14.60 -28.32 -4.25
C THR B 233 13.59 -28.97 -3.30
N TRP B 234 12.48 -28.29 -3.01
CA TRP B 234 11.57 -28.77 -1.98
C TRP B 234 10.84 -30.02 -2.42
N LEU B 235 10.13 -29.96 -3.55
CA LEU B 235 9.39 -31.12 -4.04
C LEU B 235 9.82 -31.34 -5.48
N GLU B 236 10.96 -31.98 -5.65
CA GLU B 236 11.45 -32.31 -6.97
C GLU B 236 10.97 -33.66 -7.44
N SER B 237 10.29 -34.42 -6.59
CA SER B 237 9.82 -35.73 -6.99
C SER B 237 8.45 -35.71 -7.67
N ARG B 238 7.72 -34.60 -7.58
CA ARG B 238 6.31 -34.65 -7.91
C ARG B 238 5.88 -33.80 -9.09
N GLU B 239 6.77 -33.01 -9.70
CA GLU B 239 6.30 -32.05 -10.70
C GLU B 239 5.76 -32.74 -11.96
N TYR B 240 6.57 -33.61 -12.56
CA TYR B 240 6.16 -34.28 -13.78
C TYR B 240 4.89 -35.09 -13.57
N THR B 241 4.93 -36.02 -12.63
CA THR B 241 3.77 -36.84 -12.35
C THR B 241 2.58 -35.99 -11.95
N LYS B 242 2.82 -34.83 -11.31
CA LYS B 242 1.72 -33.97 -10.90
C LYS B 242 0.89 -33.53 -12.10
N HIS B 243 1.53 -32.83 -13.04
CA HIS B 243 0.75 -32.29 -14.15
C HIS B 243 0.18 -33.42 -15.00
N LEU B 244 0.99 -34.43 -15.30
CA LEU B 244 0.48 -35.50 -16.16
C LEU B 244 -0.67 -36.24 -15.50
N ILE B 245 -0.62 -36.44 -14.18
CA ILE B 245 -1.68 -37.16 -13.51
C ILE B 245 -2.97 -36.37 -13.54
N ARG B 246 -2.89 -35.06 -13.33
CA ARG B 246 -4.12 -34.27 -13.39
C ARG B 246 -4.78 -34.36 -14.75
N VAL B 247 -3.98 -34.20 -15.82
CA VAL B 247 -4.58 -34.26 -17.16
C VAL B 247 -5.14 -35.65 -17.45
N GLU B 248 -4.36 -36.70 -17.17
CA GLU B 248 -4.81 -38.05 -17.50
C GLU B 248 -6.07 -38.41 -16.74
N ASN B 249 -6.15 -38.04 -15.47
CA ASN B 249 -7.35 -38.34 -14.70
C ASN B 249 -8.56 -37.60 -15.23
N TRP B 250 -8.43 -36.31 -15.51
CA TRP B 250 -9.60 -35.58 -15.96
C TRP B 250 -10.09 -36.11 -17.31
N ILE B 251 -9.18 -36.42 -18.22
CA ILE B 251 -9.64 -36.94 -19.52
C ILE B 251 -10.25 -38.32 -19.34
N PHE B 252 -9.72 -39.13 -18.42
CA PHE B 252 -10.32 -40.43 -18.19
C PHE B 252 -11.75 -40.31 -17.69
N ARG B 253 -12.01 -39.33 -16.83
CA ARG B 253 -13.35 -39.25 -16.26
C ARG B 253 -14.40 -38.78 -17.27
N ASN B 254 -14.08 -37.77 -18.08
CA ASN B 254 -15.04 -37.18 -19.02
C ASN B 254 -14.58 -37.40 -20.45
N PRO B 255 -14.90 -38.53 -21.08
CA PRO B 255 -14.36 -38.78 -22.41
C PRO B 255 -14.95 -37.91 -23.50
N GLY B 256 -16.28 -37.76 -23.53
CA GLY B 256 -16.94 -37.13 -24.67
C GLY B 256 -16.36 -35.77 -25.04
N PHE B 257 -15.75 -35.08 -24.09
CA PHE B 257 -15.12 -33.83 -24.44
C PHE B 257 -13.98 -34.04 -25.42
N ALA B 258 -13.41 -35.24 -25.50
CA ALA B 258 -12.47 -35.53 -26.57
C ALA B 258 -13.14 -35.37 -27.93
N LEU B 259 -14.37 -35.86 -28.06
CA LEU B 259 -15.12 -35.67 -29.31
C LEU B 259 -15.40 -34.20 -29.57
N ALA B 260 -15.86 -33.48 -28.56
CA ALA B 260 -16.15 -32.06 -28.78
C ALA B 260 -14.90 -31.29 -29.18
N ALA B 261 -13.76 -31.62 -28.57
CA ALA B 261 -12.52 -30.96 -28.91
C ALA B 261 -12.07 -31.32 -30.31
N ALA B 262 -12.28 -32.58 -30.71
CA ALA B 262 -11.97 -32.95 -32.09
C ALA B 262 -12.77 -32.12 -33.07
N ALA B 263 -14.06 -31.92 -32.78
CA ALA B 263 -14.89 -31.12 -33.69
C ALA B 263 -14.42 -29.67 -33.73
N ILE B 264 -14.22 -29.06 -32.56
CA ILE B 264 -13.81 -27.66 -32.53
C ILE B 264 -12.46 -27.47 -33.19
N ALA B 265 -11.56 -28.45 -33.06
CA ALA B 265 -10.28 -28.35 -33.74
C ALA B 265 -10.44 -28.51 -35.24
N TRP B 266 -11.31 -29.43 -35.66
CA TRP B 266 -11.47 -29.69 -37.08
C TRP B 266 -12.08 -28.50 -37.80
N LEU B 267 -12.95 -27.74 -37.14
CA LEU B 267 -13.52 -26.58 -37.80
C LEU B 267 -12.49 -25.48 -38.00
N LEU B 268 -11.48 -25.40 -37.15
CA LEU B 268 -10.45 -24.37 -37.24
C LEU B 268 -9.19 -24.93 -37.88
N GLY B 269 -8.46 -24.07 -38.58
CA GLY B 269 -7.15 -24.45 -39.05
C GLY B 269 -7.17 -25.23 -40.37
N SER B 270 -6.36 -24.77 -41.33
CA SER B 270 -6.41 -25.35 -42.66
C SER B 270 -5.72 -26.70 -42.74
N SER B 271 -4.40 -26.73 -42.52
CA SER B 271 -3.65 -27.96 -42.72
C SER B 271 -3.86 -28.90 -41.53
N THR B 272 -3.26 -30.08 -41.61
CA THR B 272 -3.42 -31.05 -40.54
C THR B 272 -2.62 -30.65 -39.31
N SER B 273 -1.43 -30.08 -39.49
CA SER B 273 -0.60 -29.72 -38.35
C SER B 273 -1.30 -28.73 -37.45
N GLN B 274 -1.91 -27.70 -38.04
CA GLN B 274 -2.62 -26.72 -37.23
C GLN B 274 -3.78 -27.36 -36.49
N LYS B 275 -4.47 -28.31 -37.12
CA LYS B 275 -5.61 -28.92 -36.47
C LYS B 275 -5.18 -29.81 -35.30
N VAL B 276 -4.09 -30.56 -35.45
CA VAL B 276 -3.64 -31.38 -34.33
C VAL B 276 -3.11 -30.50 -33.20
N ILE B 277 -2.47 -29.38 -33.54
CA ILE B 277 -1.99 -28.49 -32.48
C ILE B 277 -3.17 -27.89 -31.73
N TYR B 278 -4.23 -27.50 -32.45
CA TYR B 278 -5.39 -26.94 -31.77
C TYR B 278 -6.07 -28.00 -30.89
N LEU B 279 -6.12 -29.25 -31.36
CA LEU B 279 -6.68 -30.30 -30.53
C LEU B 279 -5.89 -30.46 -29.24
N VAL B 280 -4.57 -30.52 -29.35
CA VAL B 280 -3.74 -30.70 -28.15
C VAL B 280 -3.92 -29.52 -27.20
N MET B 281 -3.98 -28.30 -27.75
CA MET B 281 -4.11 -27.15 -26.88
C MET B 281 -5.46 -27.11 -26.18
N ILE B 282 -6.52 -27.54 -26.86
CA ILE B 282 -7.82 -27.60 -26.20
C ILE B 282 -7.79 -28.64 -25.08
N LEU B 283 -7.22 -29.81 -25.36
CA LEU B 283 -7.20 -30.85 -24.33
C LEU B 283 -6.29 -30.50 -23.17
N LEU B 284 -5.37 -29.55 -23.34
CA LEU B 284 -4.59 -29.11 -22.19
C LEU B 284 -5.27 -27.95 -21.46
N ILE B 285 -6.02 -27.12 -22.18
CA ILE B 285 -6.63 -25.95 -21.57
C ILE B 285 -7.92 -26.29 -20.85
N ALA B 286 -8.56 -27.42 -21.17
CA ALA B 286 -9.80 -27.75 -20.49
C ALA B 286 -9.62 -28.34 -19.10
N PRO B 287 -8.69 -29.28 -18.86
CA PRO B 287 -8.64 -29.90 -17.53
C PRO B 287 -8.22 -28.96 -16.42
N ALA B 288 -7.41 -27.96 -16.71
CA ALA B 288 -7.07 -26.96 -15.70
C ALA B 288 -8.11 -25.86 -15.59
N TYR B 289 -9.13 -25.87 -16.46
CA TYR B 289 -10.09 -24.78 -16.58
C TYR B 289 -9.39 -23.43 -16.62
N SER B 290 -8.21 -23.39 -17.23
CA SER B 290 -7.36 -22.22 -17.09
C SER B 290 -7.99 -21.00 -17.72
N GLU C 1 41.11 -38.31 30.50
CA GLU C 1 40.22 -39.45 30.69
C GLU C 1 38.76 -39.01 30.74
N VAL C 2 37.96 -39.52 29.80
CA VAL C 2 36.56 -39.15 29.71
C VAL C 2 35.82 -39.68 30.93
N GLN C 3 34.90 -38.88 31.46
CA GLN C 3 34.10 -39.24 32.62
C GLN C 3 32.62 -39.18 32.25
N LEU C 4 31.95 -40.32 32.34
CA LEU C 4 30.51 -40.40 32.14
C LEU C 4 29.81 -40.45 33.49
N VAL C 5 28.77 -39.64 33.64
CA VAL C 5 28.08 -39.48 34.91
C VAL C 5 26.60 -39.73 34.71
N GLU C 6 26.07 -40.75 35.37
CA GLU C 6 24.65 -41.06 35.30
C GLU C 6 23.87 -40.26 36.35
N SER C 7 22.62 -39.95 36.03
CA SER C 7 21.80 -39.15 36.91
C SER C 7 20.33 -39.50 36.69
N GLY C 8 19.51 -39.24 37.70
CA GLY C 8 18.07 -39.36 37.58
C GLY C 8 17.48 -40.65 38.12
N GLY C 9 18.29 -41.55 38.65
CA GLY C 9 17.77 -42.83 39.12
C GLY C 9 17.10 -42.71 40.47
N GLY C 10 15.99 -43.42 40.62
CA GLY C 10 15.26 -43.41 41.89
C GLY C 10 14.21 -44.49 41.93
N LEU C 11 13.72 -44.74 43.14
CA LEU C 11 12.65 -45.70 43.36
C LEU C 11 11.35 -45.20 42.75
N VAL C 12 10.60 -46.11 42.13
CA VAL C 12 9.32 -45.76 41.51
C VAL C 12 8.33 -46.90 41.70
N ARG C 13 7.06 -46.54 41.81
CA ARG C 13 5.99 -47.53 41.90
C ARG C 13 5.82 -48.22 40.55
N PRO C 14 5.39 -49.48 40.55
CA PRO C 14 5.18 -50.19 39.27
C PRO C 14 4.24 -49.43 38.35
N GLY C 15 4.61 -49.38 37.07
CA GLY C 15 3.89 -48.60 36.09
C GLY C 15 4.38 -47.18 35.89
N GLY C 16 5.30 -46.71 36.74
CA GLY C 16 5.76 -45.34 36.64
C GLY C 16 6.76 -45.13 35.51
N SER C 17 7.15 -43.87 35.35
CA SER C 17 8.11 -43.45 34.34
C SER C 17 9.29 -42.75 35.00
N LEU C 18 10.43 -42.74 34.31
CA LEU C 18 11.62 -42.07 34.83
C LEU C 18 12.53 -41.69 33.68
N ARG C 19 13.17 -40.53 33.80
CA ARG C 19 14.05 -40.01 32.75
C ARG C 19 15.48 -40.02 33.27
N LEU C 20 16.27 -41.00 32.82
CA LEU C 20 17.66 -41.08 33.18
C LEU C 20 18.49 -40.22 32.25
N SER C 21 19.53 -39.59 32.79
CA SER C 21 20.39 -38.70 32.02
C SER C 21 21.84 -39.11 32.20
N CYS C 22 22.67 -38.69 31.26
CA CYS C 22 24.09 -39.02 31.24
C CYS C 22 24.87 -37.82 30.75
N ALA C 23 25.87 -37.42 31.54
CA ALA C 23 26.73 -36.29 31.22
C ALA C 23 28.10 -36.81 30.78
N ALA C 24 28.56 -36.33 29.62
CA ALA C 24 29.83 -36.71 29.05
C ALA C 24 30.75 -35.50 28.92
N SER C 25 32.05 -35.74 29.05
CA SER C 25 33.04 -34.68 28.90
C SER C 25 34.39 -35.31 28.61
N GLY C 26 35.16 -34.63 27.75
CA GLY C 26 36.50 -35.07 27.40
C GLY C 26 36.65 -35.76 26.07
N PHE C 27 35.61 -35.79 25.23
CA PHE C 27 35.70 -36.38 23.91
C PHE C 27 34.64 -35.76 23.02
N SER C 28 34.75 -36.02 21.72
CA SER C 28 33.83 -35.48 20.72
C SER C 28 32.51 -36.24 20.82
N TYR C 29 31.65 -35.77 21.72
CA TYR C 29 30.36 -36.41 21.96
C TYR C 29 29.52 -36.42 20.68
N SER C 30 29.57 -35.33 19.91
CA SER C 30 28.72 -35.23 18.73
C SER C 30 29.04 -36.27 17.66
N ASN C 31 30.15 -36.98 17.79
CA ASN C 31 30.60 -37.90 16.76
C ASN C 31 30.64 -39.37 17.21
N HIS C 32 30.08 -39.69 18.37
CA HIS C 32 30.14 -41.05 18.89
C HIS C 32 28.75 -41.65 19.07
N TRP C 33 28.66 -42.96 18.83
CA TRP C 33 27.48 -43.71 19.22
C TRP C 33 27.44 -43.86 20.73
N MET C 34 26.24 -43.88 21.29
CA MET C 34 26.06 -44.02 22.73
C MET C 34 25.14 -45.19 23.03
N HIS C 35 25.39 -45.84 24.16
CA HIS C 35 24.60 -47.00 24.56
C HIS C 35 24.08 -46.84 25.98
N TRP C 36 22.96 -47.50 26.25
CA TRP C 36 22.48 -47.76 27.60
C TRP C 36 22.47 -49.27 27.80
N VAL C 37 23.11 -49.74 28.88
CA VAL C 37 23.11 -51.14 29.26
C VAL C 37 22.59 -51.21 30.69
N ARG C 38 22.01 -52.34 31.07
CA ARG C 38 21.49 -52.49 32.42
C ARG C 38 21.93 -53.82 33.02
N GLN C 39 21.85 -53.88 34.34
CA GLN C 39 22.26 -55.07 35.09
C GLN C 39 21.36 -55.18 36.31
N ALA C 40 20.56 -56.24 36.37
CA ALA C 40 19.73 -56.47 37.55
C ALA C 40 20.61 -56.91 38.72
N PRO C 41 20.20 -56.60 39.96
CA PRO C 41 21.03 -56.96 41.13
C PRO C 41 21.35 -58.44 41.19
N GLY C 42 22.65 -58.76 41.24
CA GLY C 42 23.08 -60.14 41.22
C GLY C 42 22.93 -60.83 39.89
N LYS C 43 22.52 -60.12 38.84
CA LYS C 43 22.34 -60.67 37.51
C LYS C 43 23.41 -60.15 36.58
N GLY C 44 23.34 -60.58 35.31
CA GLY C 44 24.32 -60.20 34.32
C GLY C 44 23.96 -58.92 33.60
N LEU C 45 24.87 -58.51 32.71
CA LEU C 45 24.64 -57.32 31.91
C LEU C 45 23.65 -57.61 30.79
N VAL C 46 22.71 -56.70 30.58
CA VAL C 46 21.67 -56.84 29.58
C VAL C 46 21.65 -55.57 28.73
N TRP C 47 21.94 -55.72 27.45
CA TRP C 47 21.99 -54.56 26.56
C TRP C 47 20.60 -53.97 26.38
N VAL C 48 20.50 -52.65 26.46
CA VAL C 48 19.22 -51.94 26.41
C VAL C 48 19.03 -51.21 25.10
N SER C 49 19.87 -50.22 24.82
CA SER C 49 19.60 -49.39 23.64
C SER C 49 20.89 -48.73 23.15
N ARG C 50 20.82 -48.24 21.92
CA ARG C 50 21.93 -47.49 21.33
C ARG C 50 21.38 -46.41 20.41
N ILE C 51 22.17 -45.35 20.25
CA ILE C 51 21.80 -44.21 19.41
C ILE C 51 23.03 -43.72 18.68
N ASN C 52 22.83 -43.26 17.44
CA ASN C 52 23.92 -42.73 16.63
C ASN C 52 24.16 -41.26 16.98
N SER C 53 24.95 -40.57 16.14
CA SER C 53 25.41 -39.23 16.47
C SER C 53 24.28 -38.21 16.42
N ASP C 54 23.38 -38.34 15.46
CA ASP C 54 22.32 -37.35 15.27
C ASP C 54 21.00 -37.73 15.93
N GLY C 55 20.78 -39.00 16.21
CA GLY C 55 19.51 -39.46 16.72
C GLY C 55 18.60 -40.05 15.66
N SER C 56 19.03 -40.09 14.40
CA SER C 56 18.21 -40.64 13.34
C SER C 56 18.05 -42.15 13.46
N THR C 57 19.00 -42.84 14.09
CA THR C 57 18.94 -44.27 14.27
C THR C 57 18.90 -44.59 15.76
N ARG C 58 17.80 -45.17 16.20
CA ARG C 58 17.66 -45.62 17.58
C ARG C 58 17.38 -47.11 17.57
N ASN C 59 18.20 -47.87 18.29
CA ASN C 59 18.00 -49.31 18.37
C ASN C 59 17.70 -49.70 19.81
N TYR C 60 16.71 -50.56 19.98
CA TYR C 60 16.31 -51.06 21.29
C TYR C 60 16.27 -52.58 21.25
N ALA C 61 16.56 -53.20 22.39
CA ALA C 61 16.47 -54.64 22.46
C ALA C 61 15.02 -55.08 22.47
N ASP C 62 14.81 -56.39 22.32
CA ASP C 62 13.45 -56.91 22.17
C ASP C 62 12.66 -56.80 23.45
N PHE C 63 13.31 -56.85 24.62
CA PHE C 63 12.58 -56.82 25.87
C PHE C 63 11.76 -55.55 26.03
N VAL C 64 12.26 -54.43 25.51
CA VAL C 64 11.56 -53.15 25.62
C VAL C 64 10.68 -53.01 24.38
N LYS C 65 9.40 -53.33 24.54
CA LYS C 65 8.42 -53.16 23.47
C LYS C 65 7.98 -51.70 23.40
N GLY C 66 8.91 -50.87 22.94
CA GLY C 66 8.63 -49.46 22.76
C GLY C 66 8.43 -48.65 24.02
N ARG C 67 8.62 -49.24 25.20
CA ARG C 67 8.43 -48.50 26.44
C ARG C 67 9.48 -47.40 26.59
N PHE C 68 10.72 -47.68 26.21
CA PHE C 68 11.83 -46.77 26.43
C PHE C 68 12.10 -45.96 25.18
N THR C 69 12.57 -44.72 25.38
CA THR C 69 12.93 -43.82 24.30
C THR C 69 14.30 -43.24 24.60
N ILE C 70 15.24 -43.47 23.69
CA ILE C 70 16.60 -42.96 23.82
C ILE C 70 16.73 -41.70 22.97
N SER C 71 17.50 -40.73 23.46
CA SER C 71 17.68 -39.47 22.75
C SER C 71 18.97 -38.83 23.24
N ARG C 72 19.34 -37.73 22.59
CA ARG C 72 20.60 -37.08 22.94
C ARG C 72 20.53 -35.60 22.62
N ASP C 73 21.40 -34.85 23.29
CA ASP C 73 21.64 -33.43 23.02
C ASP C 73 23.15 -33.27 22.89
N ASN C 74 23.61 -33.12 21.64
CA ASN C 74 25.04 -33.05 21.38
C ASN C 74 25.64 -31.77 21.95
N ALA C 75 24.95 -30.64 21.76
CA ALA C 75 25.49 -29.37 22.25
C ALA C 75 25.64 -29.37 23.77
N GLU C 76 24.82 -30.15 24.46
CA GLU C 76 24.90 -30.26 25.91
C GLU C 76 25.68 -31.48 26.37
N ASN C 77 26.19 -32.29 25.45
CA ASN C 77 26.90 -33.52 25.78
C ASN C 77 26.07 -34.40 26.71
N THR C 78 24.78 -34.52 26.41
CA THR C 78 23.86 -35.21 27.30
C THR C 78 23.15 -36.33 26.56
N LEU C 79 22.93 -37.43 27.27
CA LEU C 79 22.17 -38.56 26.76
C LEU C 79 20.97 -38.80 27.66
N TYR C 80 19.82 -39.11 27.06
CA TYR C 80 18.59 -39.29 27.82
C TYR C 80 17.96 -40.64 27.49
N LEU C 81 17.39 -41.26 28.51
CA LEU C 81 16.63 -42.50 28.36
C LEU C 81 15.36 -42.36 29.18
N GLU C 82 14.24 -42.18 28.50
CA GLU C 82 12.95 -42.04 29.15
C GLU C 82 12.26 -43.40 29.18
N MET C 83 11.83 -43.83 30.36
CA MET C 83 11.31 -45.16 30.58
C MET C 83 9.87 -45.07 31.07
N ASN C 84 8.97 -45.79 30.40
CA ASN C 84 7.56 -45.79 30.74
C ASN C 84 7.07 -47.20 31.05
N SER C 85 5.97 -47.28 31.79
CA SER C 85 5.34 -48.54 32.16
C SER C 85 6.35 -49.50 32.80
N LEU C 86 7.08 -48.98 33.78
CA LEU C 86 8.12 -49.77 34.43
C LEU C 86 7.49 -50.89 35.26
N THR C 87 8.18 -52.03 35.30
CA THR C 87 7.77 -53.18 36.09
C THR C 87 8.95 -53.66 36.92
N ALA C 88 8.69 -54.68 37.75
CA ALA C 88 9.74 -55.21 38.62
C ALA C 88 10.93 -55.71 37.83
N ASP C 89 10.71 -56.17 36.59
CA ASP C 89 11.84 -56.62 35.77
C ASP C 89 12.75 -55.47 35.37
N ASP C 90 12.31 -54.23 35.53
CA ASP C 90 13.12 -53.07 35.18
C ASP C 90 14.01 -52.59 36.31
N THR C 91 13.91 -53.20 37.49
CA THR C 91 14.79 -52.86 38.60
C THR C 91 16.21 -53.32 38.27
N ALA C 92 17.13 -52.35 38.11
CA ALA C 92 18.50 -52.65 37.72
C ALA C 92 19.32 -51.38 37.84
N VAL C 93 20.63 -51.54 37.68
CA VAL C 93 21.55 -50.41 37.52
C VAL C 93 21.83 -50.21 36.04
N TYR C 94 21.73 -48.97 35.59
CA TYR C 94 21.89 -48.62 34.18
C TYR C 94 23.22 -47.89 33.98
N TYR C 95 24.05 -48.41 33.09
CA TYR C 95 25.31 -47.80 32.71
C TYR C 95 25.16 -47.09 31.37
N CYS C 96 25.66 -45.86 31.30
CA CYS C 96 25.74 -45.09 30.08
C CYS C 96 27.13 -45.28 29.47
N VAL C 97 27.18 -45.70 28.21
CA VAL C 97 28.41 -46.21 27.61
C VAL C 97 28.71 -45.45 26.32
N ARG C 98 29.99 -45.25 26.07
CA ARG C 98 30.47 -44.67 24.82
C ARG C 98 31.08 -45.74 23.93
N ASP C 99 30.78 -45.67 22.63
CA ASP C 99 31.30 -46.61 21.65
C ASP C 99 32.55 -46.00 21.02
N GLY C 100 33.71 -46.38 21.55
CA GLY C 100 34.96 -45.82 21.07
C GLY C 100 35.56 -46.53 19.88
N VAL C 101 35.28 -47.83 19.73
CA VAL C 101 35.85 -48.59 18.62
C VAL C 101 35.25 -48.13 17.30
N ARG C 102 33.94 -47.90 17.25
CA ARG C 102 33.31 -47.43 16.03
C ARG C 102 33.88 -46.10 15.57
N PHE C 103 34.30 -45.24 16.51
CA PHE C 103 34.86 -43.95 16.13
C PHE C 103 36.15 -44.10 15.34
N TYR C 104 36.82 -45.24 15.45
CA TYR C 104 38.07 -45.43 14.73
C TYR C 104 37.84 -45.47 13.22
N TYR C 105 36.76 -46.13 12.78
CA TYR C 105 36.49 -46.33 11.36
C TYR C 105 35.58 -45.25 10.78
N ASP C 106 34.48 -44.95 11.47
CA ASP C 106 33.47 -44.01 10.99
C ASP C 106 33.50 -42.78 11.88
N SER C 107 34.28 -41.78 11.47
CA SER C 107 34.41 -40.57 12.27
C SER C 107 33.14 -39.74 12.31
N THR C 108 32.22 -39.93 11.38
CA THR C 108 30.95 -39.21 11.42
C THR C 108 29.97 -39.84 12.39
N GLY C 109 30.11 -41.15 12.64
CA GLY C 109 29.23 -41.84 13.57
C GLY C 109 27.78 -41.86 13.16
N TYR C 110 27.49 -41.56 11.90
CA TYR C 110 26.11 -41.48 11.42
C TYR C 110 25.66 -42.73 10.70
N TYR C 111 26.45 -43.23 9.76
CA TYR C 111 26.03 -44.36 8.93
C TYR C 111 25.90 -45.63 9.76
N PRO C 112 24.69 -46.19 9.89
CA PRO C 112 24.49 -47.39 10.74
C PRO C 112 24.62 -48.69 9.95
N ASP C 113 25.82 -48.97 9.46
CA ASP C 113 26.07 -50.19 8.71
C ASP C 113 25.68 -51.43 9.50
N SER C 114 25.36 -52.51 8.78
CA SER C 114 25.03 -53.77 9.43
C SER C 114 26.30 -54.49 9.86
N PHE C 115 26.30 -55.01 11.09
CA PHE C 115 27.40 -55.81 11.62
C PHE C 115 28.72 -55.05 11.57
N PHE C 116 28.71 -53.82 12.05
CA PHE C 116 29.94 -53.04 12.09
C PHE C 116 30.72 -53.34 13.37
N LYS C 117 32.04 -53.25 13.26
CA LYS C 117 32.90 -53.51 14.40
C LYS C 117 32.69 -52.44 15.47
N TYR C 118 32.56 -52.88 16.72
CA TYR C 118 32.11 -52.01 17.79
C TYR C 118 32.93 -52.27 19.04
N GLY C 119 32.79 -51.36 20.01
CA GLY C 119 33.35 -51.53 21.34
C GLY C 119 32.90 -50.45 22.28
N MET C 120 32.40 -50.83 23.45
CA MET C 120 31.83 -49.88 24.42
C MET C 120 32.88 -49.56 25.48
N ASP C 121 33.86 -48.76 25.09
CA ASP C 121 35.09 -48.67 25.86
C ASP C 121 34.96 -47.90 27.17
N VAL C 122 34.08 -46.91 27.23
CA VAL C 122 34.00 -46.01 28.39
C VAL C 122 32.64 -46.19 29.02
N TRP C 123 32.63 -46.58 30.30
CA TRP C 123 31.40 -46.78 31.04
C TRP C 123 31.30 -45.76 32.17
N GLY C 124 30.08 -45.39 32.51
CA GLY C 124 29.83 -44.62 33.70
C GLY C 124 29.72 -45.52 34.92
N GLN C 125 29.54 -44.88 36.08
CA GLN C 125 29.36 -45.63 37.31
C GLN C 125 27.99 -46.31 37.38
N GLY C 126 27.03 -45.84 36.60
CA GLY C 126 25.70 -46.44 36.58
C GLY C 126 24.80 -45.84 37.64
N THR C 127 23.51 -45.76 37.33
CA THR C 127 22.52 -45.27 38.27
C THR C 127 21.52 -46.38 38.59
N THR C 128 21.18 -46.53 39.86
CA THR C 128 20.30 -47.60 40.30
C THR C 128 18.85 -47.15 40.27
N VAL C 129 18.00 -47.92 39.60
CA VAL C 129 16.56 -47.68 39.57
C VAL C 129 15.86 -48.94 40.04
N THR C 130 14.92 -48.80 40.97
CA THR C 130 14.19 -49.93 41.52
C THR C 130 12.70 -49.65 41.38
N VAL C 131 12.01 -50.50 40.63
CA VAL C 131 10.57 -50.37 40.41
C VAL C 131 9.89 -51.15 41.53
N SER C 132 9.72 -50.51 42.68
CA SER C 132 9.14 -51.17 43.84
C SER C 132 8.06 -50.32 44.49
N VAL D 8 29.37 -71.08 33.66
CA VAL D 8 28.78 -70.24 34.70
C VAL D 8 29.86 -69.70 35.61
N SER D 9 30.84 -70.54 35.94
CA SER D 9 31.91 -70.13 36.84
C SER D 9 33.19 -70.89 36.46
N VAL D 10 34.33 -70.29 36.77
CA VAL D 10 35.63 -70.90 36.53
C VAL D 10 36.50 -70.67 37.77
N SER D 11 37.22 -71.72 38.16
CA SER D 11 38.10 -71.68 39.32
C SER D 11 39.54 -71.90 38.88
N GLY D 12 40.47 -71.25 39.58
CA GLY D 12 41.87 -71.37 39.25
C GLY D 12 42.75 -70.97 40.41
N SER D 13 44.01 -71.38 40.33
CA SER D 13 45.01 -71.05 41.33
C SER D 13 45.97 -70.00 40.77
N PRO D 14 46.58 -69.19 41.64
CA PRO D 14 47.54 -68.19 41.15
C PRO D 14 48.65 -68.81 40.34
N GLY D 15 49.00 -68.16 39.23
CA GLY D 15 49.98 -68.68 38.31
C GLY D 15 49.44 -69.59 37.24
N GLN D 16 48.19 -70.03 37.35
CA GLN D 16 47.60 -70.95 36.39
C GLN D 16 46.92 -70.18 35.25
N SER D 17 46.40 -70.93 34.29
CA SER D 17 45.70 -70.37 33.14
C SER D 17 44.28 -70.95 33.09
N ILE D 18 43.32 -70.08 32.77
CA ILE D 18 41.92 -70.48 32.66
C ILE D 18 41.35 -69.92 31.37
N THR D 19 40.36 -70.61 30.82
CA THR D 19 39.72 -70.18 29.58
C THR D 19 38.21 -70.22 29.74
N ILE D 20 37.56 -69.10 29.40
CA ILE D 20 36.11 -68.99 29.42
C ILE D 20 35.61 -69.09 27.98
N SER D 21 34.61 -69.93 27.76
CA SER D 21 34.05 -70.17 26.44
C SER D 21 32.76 -69.37 26.25
N CYS D 22 32.45 -69.08 24.99
CA CYS D 22 31.24 -68.37 24.61
C CYS D 22 30.71 -68.99 23.33
N THR D 23 29.55 -69.64 23.41
CA THR D 23 28.91 -70.27 22.25
C THR D 23 27.49 -69.75 22.15
N GLY D 24 27.16 -69.16 21.00
CA GLY D 24 25.80 -68.70 20.74
C GLY D 24 25.06 -69.72 19.92
N THR D 25 23.77 -69.86 20.19
CA THR D 25 22.98 -70.92 19.56
C THR D 25 22.71 -70.59 18.10
N SER D 26 23.59 -71.03 17.22
CA SER D 26 23.45 -70.98 15.77
C SER D 26 22.87 -69.65 15.29
N SER D 27 23.55 -68.56 15.66
CA SER D 27 23.16 -67.25 15.16
C SER D 27 23.72 -67.01 13.77
N ASN D 28 25.05 -66.90 13.68
CA ASN D 28 25.77 -66.81 12.42
C ASN D 28 27.25 -66.90 12.73
N ALA D 29 28.07 -67.09 11.68
CA ALA D 29 29.51 -67.15 11.88
C ALA D 29 30.06 -65.80 12.29
N ASP D 30 29.62 -64.73 11.62
CA ASP D 30 30.11 -63.39 11.92
C ASP D 30 29.79 -62.94 13.34
N THR D 31 28.98 -63.70 14.06
CA THR D 31 28.78 -63.42 15.48
C THR D 31 30.09 -63.52 16.25
N TYR D 32 30.93 -64.47 15.89
CA TYR D 32 32.14 -64.72 16.67
C TYR D 32 33.26 -63.74 16.34
N ASN D 33 33.35 -63.30 15.09
CA ASN D 33 34.37 -62.32 14.73
C ASN D 33 34.19 -61.00 15.44
N LEU D 34 32.99 -60.73 15.96
CA LEU D 34 32.67 -59.47 16.63
C LEU D 34 32.51 -59.64 18.14
N VAL D 35 32.84 -60.81 18.68
CA VAL D 35 32.68 -61.05 20.10
C VAL D 35 33.60 -60.13 20.89
N SER D 36 33.05 -59.53 21.95
CA SER D 36 33.81 -58.70 22.86
C SER D 36 33.73 -59.29 24.26
N TRP D 37 34.85 -59.25 24.96
CA TRP D 37 34.97 -59.77 26.32
C TRP D 37 35.20 -58.61 27.28
N TYR D 38 34.40 -58.58 28.35
CA TYR D 38 34.34 -57.51 29.32
C TYR D 38 34.59 -58.06 30.71
N GLN D 39 35.33 -57.31 31.52
CA GLN D 39 35.62 -57.67 32.90
C GLN D 39 34.93 -56.68 33.85
N GLN D 40 34.32 -57.21 34.90
CA GLN D 40 33.68 -56.41 35.94
C GLN D 40 34.08 -56.98 37.29
N ARG D 41 34.97 -56.27 37.99
CA ARG D 41 35.27 -56.65 39.35
C ARG D 41 34.08 -56.35 40.25
N PRO D 42 33.92 -57.09 41.36
CA PRO D 42 32.77 -56.84 42.25
C PRO D 42 32.68 -55.40 42.72
N GLY D 43 31.55 -54.75 42.40
CA GLY D 43 31.34 -53.37 42.79
C GLY D 43 32.00 -52.34 41.90
N LYS D 44 32.59 -52.75 40.79
CA LYS D 44 33.23 -51.84 39.84
C LYS D 44 32.41 -51.75 38.56
N ALA D 45 32.63 -50.67 37.81
CA ALA D 45 32.02 -50.56 36.50
C ALA D 45 32.72 -51.52 35.54
N PRO D 46 31.98 -52.09 34.59
CA PRO D 46 32.59 -53.06 33.67
C PRO D 46 33.71 -52.45 32.85
N LYS D 47 34.69 -53.29 32.51
CA LYS D 47 35.85 -52.88 31.76
C LYS D 47 36.08 -53.86 30.62
N LEU D 48 36.66 -53.36 29.53
CA LEU D 48 36.79 -54.11 28.29
C LEU D 48 38.18 -54.73 28.21
N MET D 49 38.23 -56.05 28.03
CA MET D 49 39.50 -56.74 27.84
C MET D 49 39.73 -57.20 26.41
N ILE D 50 38.67 -57.35 25.62
CA ILE D 50 38.82 -57.89 24.26
C ILE D 50 37.69 -57.33 23.40
N TYR D 51 38.02 -56.94 22.17
CA TYR D 51 37.02 -56.58 21.18
C TYR D 51 37.46 -57.10 19.82
N GLU D 52 36.53 -57.06 18.86
CA GLU D 52 36.75 -57.59 17.52
C GLU D 52 37.14 -59.07 17.56
N GLY D 53 36.67 -59.79 18.56
CA GLY D 53 37.01 -61.20 18.70
C GLY D 53 38.36 -61.52 19.31
N THR D 54 39.42 -60.88 18.81
CA THR D 54 40.77 -61.16 19.30
C THR D 54 41.60 -59.92 19.60
N LYS D 55 41.12 -58.72 19.27
CA LYS D 55 41.91 -57.52 19.49
C LYS D 55 41.82 -57.07 20.94
N ARG D 56 42.98 -56.76 21.54
CA ARG D 56 43.07 -56.36 22.93
C ARG D 56 43.36 -54.87 23.02
N PRO D 57 42.64 -54.13 23.85
CA PRO D 57 42.88 -52.69 23.95
C PRO D 57 44.24 -52.38 24.53
N SER D 58 44.74 -51.19 24.20
CA SER D 58 45.95 -50.68 24.82
C SER D 58 45.70 -50.41 26.29
N GLY D 59 46.66 -50.79 27.14
CA GLY D 59 46.52 -50.70 28.57
C GLY D 59 46.07 -51.98 29.23
N VAL D 60 45.29 -52.80 28.52
CA VAL D 60 44.86 -54.08 29.07
C VAL D 60 46.06 -55.02 29.14
N SER D 61 46.18 -55.75 30.25
CA SER D 61 47.36 -56.55 30.52
C SER D 61 47.60 -57.58 29.42
N ASN D 62 48.88 -57.84 29.14
CA ASN D 62 49.29 -58.81 28.13
C ASN D 62 48.91 -60.23 28.50
N ARG D 63 48.52 -60.49 29.75
CA ARG D 63 48.15 -61.84 30.16
C ARG D 63 46.83 -62.28 29.53
N PHE D 64 45.92 -61.34 29.26
CA PHE D 64 44.66 -61.66 28.63
C PHE D 64 44.84 -61.86 27.14
N SER D 65 44.23 -62.92 26.59
CA SER D 65 44.26 -63.19 25.18
C SER D 65 42.91 -63.76 24.76
N ALA D 66 42.70 -63.88 23.45
CA ALA D 66 41.43 -64.36 22.94
C ALA D 66 41.64 -65.19 21.69
N SER D 67 40.71 -66.12 21.46
CA SER D 67 40.69 -66.93 20.25
C SER D 67 39.25 -67.07 19.79
N LYS D 68 39.07 -67.47 18.54
CA LYS D 68 37.73 -67.60 17.99
C LYS D 68 37.71 -68.71 16.95
N SER D 69 36.55 -69.35 16.82
CA SER D 69 36.33 -70.37 15.81
C SER D 69 34.99 -70.16 15.13
N ALA D 70 34.60 -71.09 14.27
CA ALA D 70 33.30 -71.02 13.62
C ALA D 70 32.16 -71.48 14.52
N THR D 71 32.47 -71.96 15.73
CA THR D 71 31.46 -72.43 16.66
C THR D 71 31.49 -71.77 18.02
N ALA D 72 32.61 -71.21 18.44
CA ALA D 72 32.71 -70.62 19.77
C ALA D 72 33.91 -69.68 19.82
N ALA D 73 33.94 -68.84 20.86
CA ALA D 73 35.05 -67.96 21.14
C ALA D 73 35.56 -68.24 22.54
N SER D 74 36.82 -67.89 22.79
CA SER D 74 37.45 -68.24 24.06
C SER D 74 38.30 -67.07 24.55
N LEU D 75 38.23 -66.83 25.86
CA LEU D 75 39.05 -65.85 26.54
C LEU D 75 40.02 -66.57 27.46
N THR D 76 41.31 -66.27 27.31
CA THR D 76 42.37 -66.99 28.00
C THR D 76 43.10 -66.04 28.95
N ILE D 77 43.21 -66.44 30.21
CA ILE D 77 43.93 -65.70 31.23
C ILE D 77 45.02 -66.61 31.77
N SER D 78 46.27 -66.33 31.42
CA SER D 78 47.41 -67.10 31.87
C SER D 78 48.08 -66.39 33.04
N GLY D 79 48.52 -67.17 34.01
CA GLY D 79 49.07 -66.59 35.23
C GLY D 79 48.01 -65.88 36.04
N LEU D 80 47.02 -66.65 36.53
CA LEU D 80 45.92 -66.07 37.27
C LEU D 80 46.41 -65.29 38.48
N GLN D 81 45.78 -64.15 38.73
CA GLN D 81 46.08 -63.28 39.85
C GLN D 81 44.82 -63.04 40.67
N PRO D 82 44.95 -62.75 41.97
CA PRO D 82 43.75 -62.52 42.80
C PRO D 82 42.83 -61.45 42.26
N GLU D 83 43.38 -60.43 41.60
CA GLU D 83 42.57 -59.34 41.04
C GLU D 83 41.72 -59.81 39.86
N ASP D 84 41.92 -61.03 39.36
CA ASP D 84 41.14 -61.52 38.24
C ASP D 84 39.79 -62.07 38.66
N GLU D 85 39.57 -62.30 39.96
CA GLU D 85 38.30 -62.81 40.44
C GLU D 85 37.19 -61.79 40.20
N ALA D 86 36.32 -62.06 39.23
CA ALA D 86 35.38 -61.05 38.76
C ALA D 86 34.38 -61.72 37.80
N ASP D 87 33.43 -60.92 37.31
CA ASP D 87 32.44 -61.37 36.35
C ASP D 87 32.89 -61.00 34.95
N TYR D 88 32.97 -61.99 34.06
CA TYR D 88 33.41 -61.79 32.69
C TYR D 88 32.25 -62.09 31.75
N TYR D 89 32.02 -61.19 30.80
CA TYR D 89 30.88 -61.27 29.90
C TYR D 89 31.33 -61.24 28.45
N CYS D 90 30.76 -62.11 27.63
CA CYS D 90 30.91 -62.00 26.18
C CYS D 90 29.67 -61.37 25.57
N CYS D 91 29.88 -60.61 24.51
CA CYS D 91 28.81 -59.89 23.84
C CYS D 91 29.03 -59.91 22.34
N SER D 92 27.94 -60.01 21.59
CA SER D 92 28.00 -60.00 20.13
C SER D 92 26.62 -59.63 19.60
N TYR D 93 26.49 -59.63 18.27
CA TYR D 93 25.27 -59.17 17.63
C TYR D 93 24.21 -60.26 17.61
N ALA D 94 23.00 -59.91 18.03
CA ALA D 94 21.87 -60.81 17.87
C ALA D 94 21.28 -60.72 16.47
N THR D 95 21.06 -59.49 15.99
CA THR D 95 20.69 -59.22 14.61
C THR D 95 21.54 -58.06 14.12
N SER D 96 21.19 -57.50 12.97
CA SER D 96 21.96 -56.38 12.44
C SER D 96 21.87 -55.15 13.34
N ARG D 97 20.69 -54.86 13.88
CA ARG D 97 20.50 -53.74 14.79
C ARG D 97 20.09 -54.29 16.15
N THR D 98 21.09 -54.68 16.95
CA THR D 98 20.88 -55.24 18.28
C THR D 98 22.24 -55.44 18.94
N LEU D 99 22.20 -55.81 20.22
CA LEU D 99 23.35 -56.34 20.92
C LEU D 99 22.86 -57.23 22.04
N VAL D 100 23.69 -58.21 22.41
CA VAL D 100 23.32 -59.19 23.42
C VAL D 100 24.57 -59.64 24.15
N PHE D 101 24.47 -59.77 25.46
CA PHE D 101 25.57 -60.25 26.29
C PHE D 101 25.39 -61.74 26.60
N GLY D 102 26.51 -62.39 26.93
CA GLY D 102 26.46 -63.78 27.33
C GLY D 102 25.95 -63.94 28.76
N GLY D 103 25.81 -65.20 29.16
CA GLY D 103 25.30 -65.51 30.49
C GLY D 103 26.20 -65.05 31.62
N GLY D 104 27.45 -64.73 31.34
CA GLY D 104 28.36 -64.29 32.38
C GLY D 104 29.07 -65.45 33.05
N THR D 105 30.30 -65.20 33.48
CA THR D 105 31.12 -66.22 34.12
C THR D 105 31.80 -65.61 35.35
N LYS D 106 31.69 -66.30 36.48
CA LYS D 106 32.35 -65.88 37.71
C LYS D 106 33.70 -66.56 37.82
N LEU D 107 34.78 -65.77 37.83
CA LEU D 107 36.13 -66.27 37.94
C LEU D 107 36.60 -66.04 39.37
N THR D 108 36.78 -67.14 40.12
CA THR D 108 37.21 -67.10 41.51
C THR D 108 38.64 -67.62 41.61
N VAL D 109 39.48 -66.88 42.32
CA VAL D 109 40.88 -67.26 42.51
C VAL D 109 40.98 -68.00 43.84
N VAL D 110 41.20 -69.30 43.76
CA VAL D 110 41.23 -70.17 44.94
C VAL D 110 42.65 -70.18 45.51
N GLY D 111 42.74 -70.19 46.83
CA GLY D 111 44.02 -70.17 47.51
C GLY D 111 44.37 -68.81 48.10
N ILE E 136 27.66 14.84 0.57
CA ILE E 136 27.17 15.58 1.72
C ILE E 136 26.06 16.51 1.28
N ARG E 137 24.95 16.49 2.02
CA ARG E 137 23.72 17.22 1.73
C ARG E 137 23.00 16.67 0.49
N CYS E 138 23.64 15.80 -0.28
CA CYS E 138 23.06 15.36 -1.53
C CYS E 138 22.95 13.85 -1.59
N ILE E 139 23.68 13.16 -0.71
CA ILE E 139 23.87 11.72 -0.85
C ILE E 139 22.55 11.01 -1.07
N GLY E 140 21.61 11.15 -0.15
CA GLY E 140 20.40 10.36 -0.22
C GLY E 140 19.23 10.94 -0.95
N VAL E 141 19.39 12.08 -1.64
CA VAL E 141 18.25 12.86 -2.09
C VAL E 141 17.41 12.12 -3.12
N SER E 142 18.02 11.27 -3.93
CA SER E 142 17.36 10.45 -4.95
C SER E 142 16.77 11.26 -6.09
N ASN E 143 17.14 12.52 -6.23
CA ASN E 143 16.73 13.32 -7.37
C ASN E 143 17.88 14.20 -7.82
N ARG E 144 19.11 13.75 -7.61
CA ARG E 144 20.29 14.55 -7.88
C ARG E 144 20.92 14.13 -9.19
N ASP E 145 21.62 15.07 -9.80
CA ASP E 145 22.32 14.82 -11.05
C ASP E 145 23.66 15.53 -11.04
N PHE E 146 24.65 14.92 -11.68
CA PHE E 146 26.01 15.40 -11.67
C PHE E 146 26.23 16.30 -12.88
N VAL E 147 26.93 17.41 -12.67
CA VAL E 147 27.20 18.35 -13.75
C VAL E 147 28.67 18.23 -14.10
N GLU E 148 29.20 17.01 -14.00
CA GLU E 148 30.56 16.71 -14.37
C GLU E 148 30.97 17.45 -15.64
N GLY E 149 32.08 18.15 -15.57
CA GLY E 149 32.57 18.86 -16.73
C GLY E 149 32.64 20.35 -16.55
N MET E 150 33.70 20.94 -17.07
CA MET E 150 33.89 22.38 -17.06
C MET E 150 34.88 22.68 -18.18
N SER E 151 34.39 23.24 -19.27
CA SER E 151 35.21 23.37 -20.46
C SER E 151 35.64 24.80 -20.75
N GLY E 152 35.25 25.76 -19.92
CA GLY E 152 35.81 27.09 -20.00
C GLY E 152 36.93 27.35 -19.03
N GLY E 153 37.38 26.33 -18.29
CA GLY E 153 38.25 26.53 -17.17
C GLY E 153 37.63 27.31 -16.04
N THR E 154 36.33 27.57 -16.13
CA THR E 154 35.65 28.59 -15.36
C THR E 154 34.20 28.21 -15.20
N TRP E 155 33.35 29.23 -15.04
CA TRP E 155 31.92 29.09 -14.79
C TRP E 155 31.23 27.96 -15.53
N VAL E 156 30.31 27.29 -14.84
CA VAL E 156 29.45 26.25 -15.39
C VAL E 156 28.03 26.59 -14.98
N ASP E 157 27.16 26.81 -15.97
CA ASP E 157 25.77 27.13 -15.66
C ASP E 157 25.07 25.93 -15.03
N VAL E 158 24.08 26.21 -14.19
CA VAL E 158 23.39 25.16 -13.47
C VAL E 158 22.01 25.67 -13.09
N VAL E 159 21.01 24.81 -13.20
CA VAL E 159 19.64 25.14 -12.84
C VAL E 159 19.23 24.28 -11.66
N LEU E 160 18.83 24.93 -10.58
CA LEU E 160 18.50 24.28 -9.32
C LEU E 160 17.00 24.26 -9.13
N GLU E 161 16.49 23.16 -8.60
CA GLU E 161 15.07 23.00 -8.35
C GLU E 161 14.86 22.63 -6.89
N HIS E 162 13.62 22.81 -6.42
CA HIS E 162 13.32 22.48 -5.04
C HIS E 162 13.44 20.99 -4.78
N GLY E 163 13.10 20.17 -5.77
CA GLY E 163 13.08 18.73 -5.54
C GLY E 163 14.47 18.15 -5.30
N GLY E 164 15.43 18.51 -6.14
CA GLY E 164 16.72 17.87 -6.11
C GLY E 164 17.89 18.76 -5.77
N CYS E 165 19.09 18.29 -6.08
CA CYS E 165 20.32 18.98 -5.75
C CYS E 165 21.39 18.59 -6.75
N VAL E 166 22.38 19.45 -6.91
CA VAL E 166 23.35 19.34 -7.99
C VAL E 166 24.74 19.19 -7.39
N THR E 167 25.47 18.15 -7.80
CA THR E 167 26.85 17.97 -7.37
C THR E 167 27.77 18.29 -8.53
N VAL E 168 28.50 19.40 -8.41
CA VAL E 168 29.39 19.88 -9.46
C VAL E 168 30.77 19.34 -9.18
N MET E 169 31.33 18.64 -10.16
CA MET E 169 32.67 18.09 -10.04
C MET E 169 33.50 18.56 -11.23
N ALA E 170 34.71 19.02 -10.95
CA ALA E 170 35.58 19.57 -11.96
C ALA E 170 36.85 18.74 -12.07
N GLN E 171 37.80 19.22 -12.86
CA GLN E 171 39.04 18.48 -13.06
C GLN E 171 39.88 18.44 -11.78
N ASP E 172 40.28 19.60 -11.27
CA ASP E 172 41.16 19.68 -10.11
C ASP E 172 40.52 20.38 -8.93
N LYS E 173 39.20 20.43 -8.88
CA LYS E 173 38.51 21.22 -7.87
C LYS E 173 37.56 20.34 -7.10
N PRO E 174 37.41 20.57 -5.79
CA PRO E 174 36.66 19.65 -4.95
C PRO E 174 35.20 19.56 -5.37
N THR E 175 34.62 18.39 -5.18
CA THR E 175 33.23 18.15 -5.53
C THR E 175 32.30 18.92 -4.62
N VAL E 176 31.59 19.89 -5.18
CA VAL E 176 30.72 20.78 -4.41
C VAL E 176 29.29 20.31 -4.56
N ASP E 177 28.51 20.36 -3.50
CA ASP E 177 27.10 20.02 -3.53
C ASP E 177 26.26 21.25 -3.25
N ILE E 178 25.29 21.52 -4.12
CA ILE E 178 24.48 22.73 -4.03
C ILE E 178 23.02 22.32 -4.01
N GLU E 179 22.23 23.02 -3.20
CA GLU E 179 20.80 22.77 -3.20
C GLU E 179 20.04 24.03 -2.79
N LEU E 180 18.95 24.30 -3.51
CA LEU E 180 18.05 25.37 -3.12
C LEU E 180 17.12 24.86 -2.02
N VAL E 181 16.95 25.64 -0.96
CA VAL E 181 16.25 25.17 0.23
C VAL E 181 14.87 25.80 0.35
N THR E 182 14.81 27.12 0.52
CA THR E 182 13.52 27.80 0.67
C THR E 182 13.56 29.13 -0.05
N THR E 183 12.39 29.54 -0.56
CA THR E 183 12.21 30.85 -1.17
C THR E 183 11.11 31.57 -0.41
N THR E 184 11.46 32.63 0.29
CA THR E 184 10.51 33.37 1.10
C THR E 184 10.02 34.62 0.38
N VAL E 185 8.75 34.96 0.58
CA VAL E 185 8.16 36.20 0.08
C VAL E 185 7.66 36.98 1.29
N SER E 186 7.89 38.29 1.28
CA SER E 186 7.57 39.11 2.45
C SER E 186 6.92 40.42 2.03
N ASN E 187 6.09 40.94 2.92
CA ASN E 187 5.37 42.22 2.77
C ASN E 187 4.74 42.35 1.38
N MET E 188 3.89 41.40 1.04
CA MET E 188 3.13 41.46 -0.20
C MET E 188 1.99 42.46 -0.08
N ALA E 189 1.68 43.13 -1.19
CA ALA E 189 0.54 44.03 -1.24
C ALA E 189 -0.73 43.22 -1.50
N GLU E 190 -1.88 43.79 -1.11
CA GLU E 190 -3.14 43.07 -1.12
C GLU E 190 -4.05 43.60 -2.22
N VAL E 191 -4.66 42.69 -2.98
CA VAL E 191 -5.48 43.04 -4.14
C VAL E 191 -6.69 42.12 -4.20
N ARG E 192 -7.89 42.70 -4.18
CA ARG E 192 -9.11 41.99 -4.56
C ARG E 192 -9.39 40.74 -3.72
N SER E 193 -9.85 40.91 -2.49
CA SER E 193 -10.26 39.78 -1.66
C SER E 193 -11.72 39.42 -1.94
N TYR E 194 -12.01 38.12 -1.91
CA TYR E 194 -13.33 37.57 -2.22
C TYR E 194 -13.98 37.05 -0.94
N CYS E 195 -15.31 37.02 -0.94
CA CYS E 195 -16.09 36.60 0.22
C CYS E 195 -16.80 35.30 -0.09
N TYR E 196 -16.41 34.23 0.60
CA TYR E 196 -16.95 32.93 0.28
C TYR E 196 -17.99 32.41 1.26
N GLU E 197 -18.44 33.21 2.23
CA GLU E 197 -19.55 32.81 3.12
C GLU E 197 -20.40 34.02 3.47
N ALA E 198 -21.54 34.15 2.81
CA ALA E 198 -22.42 35.28 3.05
C ALA E 198 -23.37 35.00 4.21
N SER E 199 -24.02 36.06 4.68
CA SER E 199 -25.15 35.94 5.60
C SER E 199 -26.13 37.07 5.33
N ILE E 200 -27.42 36.75 5.35
CA ILE E 200 -28.47 37.71 5.08
C ILE E 200 -29.15 38.06 6.40
N SER E 201 -29.20 39.35 6.72
CA SER E 201 -29.62 39.79 8.06
C SER E 201 -31.13 39.85 8.19
N ASP E 202 -31.78 40.73 7.44
CA ASP E 202 -33.21 40.97 7.58
C ASP E 202 -33.84 41.18 6.22
N MET E 203 -34.93 40.47 5.95
CA MET E 203 -35.61 40.63 4.68
C MET E 203 -36.70 41.70 4.79
N ALA E 204 -37.05 42.26 3.63
CA ALA E 204 -38.16 43.19 3.53
C ALA E 204 -38.68 43.14 2.10
N SER E 205 -39.95 43.50 1.93
CA SER E 205 -40.57 43.38 0.61
C SER E 205 -41.72 44.36 0.49
N ASP E 206 -42.06 44.68 -0.75
CA ASP E 206 -43.11 45.65 -1.04
C ASP E 206 -43.80 45.29 -2.34
N SER E 207 -45.13 45.37 -2.34
CA SER E 207 -45.97 45.02 -3.48
C SER E 207 -46.86 46.21 -3.84
N ARG E 208 -47.07 46.42 -5.13
CA ARG E 208 -47.77 47.61 -5.64
C ARG E 208 -49.24 47.65 -6.12
N CYS E 209 -50.03 46.59 -5.96
CA CYS E 209 -51.43 46.61 -6.40
C CYS E 209 -51.62 47.06 -7.86
N PRO E 210 -51.00 46.32 -8.79
CA PRO E 210 -50.84 46.39 -10.24
C PRO E 210 -51.00 47.74 -10.98
N THR E 211 -52.07 48.52 -10.86
CA THR E 211 -52.04 49.77 -11.60
C THR E 211 -51.67 50.87 -10.62
N GLN E 212 -50.36 51.03 -10.44
CA GLN E 212 -49.73 52.05 -9.61
C GLN E 212 -48.39 52.34 -10.27
N GLY E 213 -47.44 52.88 -9.50
CA GLY E 213 -46.12 53.06 -10.05
C GLY E 213 -45.33 51.78 -9.95
N GLU E 214 -44.14 51.83 -9.36
CA GLU E 214 -43.31 50.64 -9.19
C GLU E 214 -43.07 50.40 -7.71
N ALA E 215 -42.87 49.14 -7.35
CA ALA E 215 -42.63 48.79 -5.96
C ALA E 215 -41.36 49.48 -5.47
N TYR E 216 -41.48 50.18 -4.36
CA TYR E 216 -40.41 51.07 -3.88
C TYR E 216 -40.04 50.73 -2.46
N LEU E 217 -38.75 50.55 -2.22
CA LEU E 217 -38.19 50.45 -0.88
C LEU E 217 -37.08 51.47 -0.74
N ASP E 218 -37.06 52.16 0.40
CA ASP E 218 -35.97 53.11 0.63
C ASP E 218 -34.63 52.41 0.72
N LYS E 219 -34.63 51.14 1.12
CA LYS E 219 -33.39 50.38 1.22
C LYS E 219 -32.70 50.25 -0.13
N GLN E 220 -33.46 50.38 -1.22
CA GLN E 220 -32.90 50.18 -2.56
C GLN E 220 -31.65 51.03 -2.80
N SER E 221 -31.61 52.24 -2.24
CA SER E 221 -30.49 53.13 -2.48
C SER E 221 -29.26 52.79 -1.65
N ASP E 222 -29.39 51.96 -0.63
CA ASP E 222 -28.24 51.57 0.18
C ASP E 222 -27.49 50.44 -0.50
N THR E 223 -26.20 50.61 -0.69
CA THR E 223 -25.39 49.66 -1.43
C THR E 223 -24.94 48.48 -0.59
N GLN E 224 -25.44 48.36 0.64
CA GLN E 224 -25.22 47.17 1.45
C GLN E 224 -26.35 46.17 1.34
N TYR E 225 -27.36 46.44 0.52
CA TYR E 225 -28.55 45.61 0.44
C TYR E 225 -28.70 45.03 -0.97
N VAL E 226 -29.19 43.81 -1.03
CA VAL E 226 -29.53 43.14 -2.29
C VAL E 226 -31.01 43.37 -2.54
N CYS E 227 -31.36 43.85 -3.73
CA CYS E 227 -32.75 44.08 -4.08
C CYS E 227 -33.07 43.43 -5.40
N LYS E 228 -34.19 42.72 -5.46
CA LYS E 228 -34.65 42.03 -6.65
C LYS E 228 -36.09 42.42 -6.93
N ARG E 229 -36.39 42.71 -8.19
CA ARG E 229 -37.72 43.13 -8.61
C ARG E 229 -38.33 42.07 -9.53
N THR E 230 -39.59 41.72 -9.28
CA THR E 230 -40.29 40.73 -10.07
C THR E 230 -41.75 41.11 -10.18
N LEU E 231 -42.53 40.25 -10.81
CA LEU E 231 -43.96 40.45 -11.00
C LEU E 231 -44.73 39.39 -10.25
N VAL E 232 -45.82 39.79 -9.59
CA VAL E 232 -46.63 38.93 -8.76
C VAL E 232 -48.10 39.16 -9.08
N ASP E 233 -48.88 38.08 -9.02
CA ASP E 233 -50.32 38.16 -9.26
C ASP E 233 -51.02 38.87 -8.11
N ARG E 234 -51.91 39.81 -8.43
CA ARG E 234 -52.63 40.58 -7.44
C ARG E 234 -54.04 40.83 -7.91
N GLY E 235 -54.96 40.98 -6.94
CA GLY E 235 -56.25 41.58 -7.23
C GLY E 235 -57.47 40.98 -6.57
N TRP E 236 -58.22 41.83 -5.85
CA TRP E 236 -59.55 41.53 -5.34
C TRP E 236 -59.53 40.48 -4.24
N GLY E 237 -58.37 39.86 -4.03
CA GLY E 237 -58.19 38.96 -2.92
C GLY E 237 -57.33 39.68 -1.91
N ASN E 238 -56.37 40.42 -2.44
CA ASN E 238 -55.42 41.19 -1.64
C ASN E 238 -55.86 42.63 -1.43
N GLY E 239 -57.00 43.03 -1.99
CA GLY E 239 -57.53 44.34 -1.70
C GLY E 239 -57.23 45.43 -2.71
N CYS E 240 -56.62 45.08 -3.83
CA CYS E 240 -56.32 46.06 -4.87
C CYS E 240 -57.19 45.75 -6.08
N GLY E 241 -58.08 46.67 -6.42
CA GLY E 241 -59.04 46.36 -7.47
C GLY E 241 -58.54 46.52 -8.88
N LEU E 242 -58.00 45.42 -9.42
CA LEU E 242 -57.65 45.19 -10.82
C LEU E 242 -56.98 43.81 -10.84
N PHE E 243 -56.72 43.29 -12.04
CA PHE E 243 -56.18 41.95 -12.13
C PHE E 243 -54.91 41.84 -12.95
N GLY E 244 -54.27 42.96 -13.30
CA GLY E 244 -52.99 42.89 -13.95
C GLY E 244 -51.91 42.35 -13.04
N LYS E 245 -50.73 42.12 -13.62
CA LYS E 245 -49.57 41.79 -12.81
C LYS E 245 -49.07 43.02 -12.06
N GLY E 246 -48.61 42.83 -10.83
CA GLY E 246 -48.05 43.89 -10.03
C GLY E 246 -46.56 43.67 -9.78
N SER E 247 -45.91 44.72 -9.28
CA SER E 247 -44.47 44.68 -9.06
C SER E 247 -44.16 44.41 -7.59
N LEU E 248 -43.21 43.52 -7.35
CA LEU E 248 -42.79 43.15 -6.01
C LEU E 248 -41.29 43.30 -5.90
N VAL E 249 -40.82 44.02 -4.88
CA VAL E 249 -39.40 44.23 -4.65
C VAL E 249 -39.03 43.65 -3.30
N THR E 250 -37.97 42.85 -3.27
CA THR E 250 -37.48 42.29 -2.01
C THR E 250 -36.01 42.66 -1.82
N CYS E 251 -35.68 43.06 -0.61
CA CYS E 251 -34.33 43.48 -0.28
C CYS E 251 -33.88 42.82 1.01
N ALA E 252 -32.58 42.57 1.10
CA ALA E 252 -31.99 41.89 2.25
C ALA E 252 -30.60 42.45 2.50
N LYS E 253 -30.25 42.55 3.78
CA LYS E 253 -28.93 43.07 4.15
C LYS E 253 -27.87 41.99 3.97
N PHE E 254 -26.76 42.37 3.36
CA PHE E 254 -25.66 41.45 3.05
C PHE E 254 -24.52 41.68 4.03
N ALA E 255 -24.15 40.64 4.78
CA ALA E 255 -23.10 40.73 5.78
C ALA E 255 -22.18 39.55 5.61
N CYS E 256 -20.90 39.83 5.43
CA CYS E 256 -19.97 38.77 5.06
C CYS E 256 -19.51 37.99 6.28
N SER E 257 -18.78 36.91 5.99
CA SER E 257 -18.09 36.10 6.97
C SER E 257 -16.70 35.86 6.43
N LYS E 258 -15.93 35.03 7.11
CA LYS E 258 -14.52 34.73 6.80
C LYS E 258 -14.38 34.53 5.28
N LYS E 259 -13.21 34.77 4.72
CA LYS E 259 -13.07 35.08 3.31
C LYS E 259 -11.61 35.06 2.90
N MET E 260 -11.33 35.04 1.60
CA MET E 260 -10.00 34.79 1.05
C MET E 260 -9.40 36.06 0.50
N THR E 261 -8.07 36.17 0.62
CA THR E 261 -7.32 37.34 0.19
C THR E 261 -6.29 36.92 -0.85
N GLY E 262 -6.24 37.65 -1.96
CA GLY E 262 -5.16 37.51 -2.92
C GLY E 262 -4.16 38.64 -2.83
N LYS E 263 -2.88 38.32 -3.00
CA LYS E 263 -1.81 39.29 -2.83
C LYS E 263 -0.85 39.18 -4.00
N SER E 264 -0.15 40.26 -4.30
CA SER E 264 0.69 40.33 -5.48
C SER E 264 2.15 40.10 -5.10
N ILE E 265 2.83 39.27 -5.88
CA ILE E 265 4.24 38.96 -5.66
C ILE E 265 5.06 39.82 -6.61
N GLN E 266 5.67 40.88 -6.08
CA GLN E 266 6.51 41.71 -6.91
C GLN E 266 7.89 41.09 -7.02
N PRO E 267 8.68 41.46 -8.04
CA PRO E 267 10.00 40.85 -8.19
C PRO E 267 10.91 41.13 -7.02
N GLU E 268 10.82 42.31 -6.42
CA GLU E 268 11.55 42.55 -5.19
C GLU E 268 11.02 41.66 -4.08
N ASN E 269 11.59 41.80 -2.89
CA ASN E 269 11.15 41.13 -1.67
C ASN E 269 11.07 39.62 -1.84
N LEU E 270 11.73 39.06 -2.84
CA LEU E 270 11.77 37.63 -3.10
C LEU E 270 13.18 37.14 -2.83
N GLU E 271 13.34 36.22 -1.87
CA GLU E 271 14.66 35.83 -1.41
C GLU E 271 14.83 34.33 -1.51
N TYR E 272 15.83 33.90 -2.26
CA TYR E 272 16.16 32.49 -2.41
C TYR E 272 17.31 32.14 -1.48
N ARG E 273 17.19 31.00 -0.80
CA ARG E 273 18.23 30.53 0.11
C ARG E 273 18.88 29.30 -0.49
N ILE E 274 20.20 29.35 -0.70
CA ILE E 274 20.95 28.31 -1.35
C ILE E 274 21.99 27.77 -0.38
N MET E 275 22.00 26.45 -0.19
CA MET E 275 22.94 25.81 0.70
C MET E 275 24.04 25.15 -0.11
N LEU E 276 25.28 25.37 0.29
CA LEU E 276 26.43 24.70 -0.31
C LEU E 276 27.05 23.82 0.75
N SER E 277 27.65 22.73 0.28
CA SER E 277 28.49 21.90 1.12
C SER E 277 29.55 21.30 0.22
N VAL E 278 30.59 20.75 0.84
CA VAL E 278 31.73 20.28 0.07
C VAL E 278 32.06 18.87 0.51
N HIS E 279 32.40 18.02 -0.46
CA HIS E 279 32.88 16.70 -0.13
C HIS E 279 34.29 16.79 0.46
N GLY E 280 34.77 15.67 0.95
CA GLY E 280 36.12 15.64 1.50
C GLY E 280 36.19 15.02 2.87
N SER E 281 36.67 15.79 3.84
CA SER E 281 36.91 15.27 5.18
C SER E 281 35.65 15.14 6.02
N GLN E 282 34.46 15.34 5.45
CA GLN E 282 33.25 15.38 6.24
C GLN E 282 33.04 14.07 7.00
N HIS E 283 32.49 14.19 8.20
CA HIS E 283 32.11 13.05 9.01
C HIS E 283 30.95 12.31 8.36
N SER E 284 30.40 11.33 9.07
CA SER E 284 29.27 10.58 8.52
C SER E 284 27.96 11.34 8.70
N GLY E 285 27.72 11.86 9.90
CA GLY E 285 26.44 12.50 10.18
C GLY E 285 26.29 13.87 9.55
N MET E 286 27.39 14.60 9.40
CA MET E 286 27.35 16.00 9.01
C MET E 286 26.58 16.25 7.71
N ILE E 287 26.08 15.20 7.05
CA ILE E 287 25.30 15.42 5.84
C ILE E 287 23.95 16.04 6.16
N VAL E 288 23.43 15.84 7.37
CA VAL E 288 22.07 16.26 7.67
C VAL E 288 21.97 17.12 8.92
N ASN E 289 23.10 17.54 9.49
CA ASN E 289 23.05 18.32 10.72
C ASN E 289 22.32 19.65 10.49
N ASP E 290 21.91 20.26 11.60
CA ASP E 290 21.03 21.42 11.55
C ASP E 290 21.77 22.75 11.47
N THR E 291 22.65 23.02 12.43
CA THR E 291 23.28 24.34 12.53
C THR E 291 24.78 24.15 12.74
N GLY E 292 25.47 25.26 12.94
CA GLY E 292 26.92 25.28 12.94
C GLY E 292 27.54 25.61 11.60
N HIS E 293 26.81 26.30 10.73
CA HIS E 293 27.33 26.60 9.40
C HIS E 293 28.59 27.46 9.48
N GLU E 294 28.53 28.56 10.23
CA GLU E 294 29.66 29.48 10.30
C GLU E 294 30.88 28.82 10.93
N THR E 295 30.66 27.87 11.83
CA THR E 295 31.77 27.18 12.47
C THR E 295 32.33 26.05 11.63
N ASP E 296 31.53 25.49 10.72
CA ASP E 296 31.86 24.20 10.12
C ASP E 296 33.02 24.31 9.13
N GLU E 297 33.10 25.41 8.38
CA GLU E 297 34.15 25.73 7.43
C GLU E 297 34.00 24.93 6.12
N ASN E 298 33.05 24.02 6.02
CA ASN E 298 32.81 23.29 4.77
C ASN E 298 31.38 23.44 4.27
N ARG E 299 30.54 24.19 4.95
CA ARG E 299 29.18 24.40 4.50
C ARG E 299 28.90 25.89 4.50
N ALA E 300 28.07 26.33 3.57
CA ALA E 300 27.80 27.75 3.43
C ALA E 300 26.33 27.96 3.13
N LYS E 301 25.86 29.17 3.43
CA LYS E 301 24.47 29.55 3.19
C LYS E 301 24.48 30.89 2.50
N VAL E 302 23.80 30.97 1.36
CA VAL E 302 23.80 32.17 0.53
C VAL E 302 22.37 32.64 0.36
N GLU E 303 22.13 33.92 0.60
CA GLU E 303 20.83 34.53 0.35
C GLU E 303 20.93 35.38 -0.91
N ILE E 304 19.97 35.21 -1.82
CA ILE E 304 19.95 35.92 -3.09
C ILE E 304 18.63 36.66 -3.21
N THR E 305 18.71 37.94 -3.52
CA THR E 305 17.54 38.74 -3.85
C THR E 305 17.84 39.53 -5.11
N PRO E 306 16.81 39.88 -5.89
CA PRO E 306 17.05 40.66 -7.11
C PRO E 306 17.82 41.94 -6.87
N ASN E 307 17.87 42.43 -5.63
CA ASN E 307 18.74 43.57 -5.33
C ASN E 307 20.20 43.18 -5.32
N SER E 308 20.51 41.93 -4.99
CA SER E 308 21.88 41.42 -4.95
C SER E 308 21.92 40.04 -5.58
N PRO E 309 21.84 39.95 -6.91
CA PRO E 309 21.78 38.63 -7.55
C PRO E 309 23.06 37.83 -7.40
N ARG E 310 24.21 38.50 -7.36
CA ARG E 310 25.51 37.85 -7.41
C ARG E 310 26.12 37.79 -6.02
N ALA E 311 26.60 36.61 -5.63
CA ALA E 311 27.14 36.42 -4.29
C ALA E 311 28.35 35.50 -4.34
N GLU E 312 29.07 35.46 -3.22
CA GLU E 312 30.22 34.58 -3.05
C GLU E 312 30.07 33.80 -1.76
N ALA E 313 30.29 32.49 -1.82
CA ALA E 313 30.34 31.65 -0.64
C ALA E 313 31.80 31.41 -0.29
N THR E 314 32.19 31.82 0.92
CA THR E 314 33.57 31.69 1.39
C THR E 314 33.73 30.38 2.15
N LEU E 315 34.42 29.42 1.55
CA LEU E 315 34.71 28.14 2.18
C LEU E 315 36.15 28.18 2.66
N GLY E 316 36.34 28.30 3.97
CA GLY E 316 37.67 28.41 4.55
C GLY E 316 38.57 27.26 4.18
N GLY E 317 39.70 27.56 3.53
CA GLY E 317 40.63 26.56 3.10
C GLY E 317 40.39 26.03 1.71
N PHE E 318 39.15 26.13 1.22
CA PHE E 318 38.82 25.74 -0.14
C PHE E 318 38.73 26.94 -1.08
N GLY E 319 38.74 28.15 -0.55
CA GLY E 319 38.63 29.35 -1.36
C GLY E 319 37.22 29.93 -1.33
N SER E 320 36.72 30.31 -2.50
CA SER E 320 35.42 30.94 -2.57
C SER E 320 34.76 30.59 -3.90
N LEU E 321 33.50 30.17 -3.82
CA LEU E 321 32.72 29.81 -4.99
C LEU E 321 31.73 30.92 -5.29
N GLY E 322 31.75 31.44 -6.52
CA GLY E 322 30.88 32.55 -6.89
C GLY E 322 29.62 32.05 -7.55
N LEU E 323 28.49 32.58 -7.12
CA LEU E 323 27.20 32.28 -7.74
C LEU E 323 26.67 33.53 -8.40
N ASP E 324 26.40 33.46 -9.71
CA ASP E 324 25.72 34.53 -10.42
C ASP E 324 24.39 33.99 -10.90
N CYS E 325 23.30 34.50 -10.34
CA CYS E 325 21.99 33.94 -10.57
C CYS E 325 21.06 34.97 -11.18
N GLU E 326 20.04 34.49 -11.87
CA GLU E 326 18.98 35.34 -12.38
C GLU E 326 17.71 35.10 -11.58
N PRO E 327 17.49 35.86 -10.51
CA PRO E 327 16.29 35.62 -9.71
C PRO E 327 15.01 36.05 -10.40
N ARG E 328 15.06 37.14 -11.17
CA ARG E 328 13.83 37.74 -11.68
C ARG E 328 13.05 36.78 -12.56
N THR E 329 13.75 36.00 -13.39
CA THR E 329 13.10 35.07 -14.30
C THR E 329 13.02 33.66 -13.74
N GLY E 330 12.86 33.53 -12.43
CA GLY E 330 12.82 32.20 -11.85
C GLY E 330 11.61 31.37 -12.22
N LEU E 331 10.44 31.70 -11.66
CA LEU E 331 9.24 30.91 -11.86
C LEU E 331 8.16 31.71 -12.59
N ASP E 332 8.55 32.81 -13.24
CA ASP E 332 7.62 33.69 -13.94
C ASP E 332 6.60 34.27 -12.98
N PHE E 333 7.09 34.83 -11.87
CA PHE E 333 6.23 35.64 -11.03
C PHE E 333 5.79 36.87 -11.82
N SER E 334 4.92 37.66 -11.20
CA SER E 334 4.12 38.73 -11.80
C SER E 334 2.97 38.13 -12.58
N ASP E 335 2.85 36.81 -12.63
CA ASP E 335 1.63 36.14 -13.04
C ASP E 335 1.01 35.32 -11.90
N LEU E 336 1.61 35.32 -10.72
CA LEU E 336 1.16 34.48 -9.62
C LEU E 336 0.77 35.33 -8.42
N TYR E 337 -0.46 35.20 -7.99
CA TYR E 337 -0.97 35.77 -6.75
C TYR E 337 -0.84 34.77 -5.61
N TYR E 338 -0.67 35.30 -4.42
CA TYR E 338 -0.60 34.51 -3.20
C TYR E 338 -1.99 34.51 -2.56
N LEU E 339 -2.59 33.34 -2.40
CA LEU E 339 -3.99 33.24 -2.03
C LEU E 339 -4.15 32.56 -0.68
N THR E 340 -4.83 33.22 0.25
CA THR E 340 -5.06 32.66 1.58
C THR E 340 -6.55 32.58 1.87
N MET E 341 -6.99 31.48 2.48
CA MET E 341 -8.39 31.35 2.88
C MET E 341 -8.53 31.32 4.40
N ASN E 342 -8.01 30.29 5.05
CA ASN E 342 -7.95 30.26 6.52
C ASN E 342 -6.74 29.41 6.89
N ASN E 343 -5.61 30.07 7.09
CA ASN E 343 -4.38 29.42 7.51
C ASN E 343 -3.90 28.38 6.49
N LYS E 344 -4.34 28.48 5.25
CA LYS E 344 -3.81 27.69 4.13
C LYS E 344 -3.53 28.65 2.99
N HIS E 345 -2.36 28.54 2.40
CA HIS E 345 -1.92 29.51 1.40
C HIS E 345 -1.41 28.81 0.15
N TRP E 346 -1.79 29.32 -1.01
CA TRP E 346 -1.38 28.74 -2.29
C TRP E 346 -0.82 29.83 -3.20
N LEU E 347 -0.26 29.38 -4.32
CA LEU E 347 0.01 30.22 -5.46
C LEU E 347 -1.10 30.02 -6.47
N VAL E 348 -1.47 31.09 -7.19
CA VAL E 348 -2.66 31.08 -8.03
C VAL E 348 -2.41 31.94 -9.25
N HIS E 349 -2.82 31.47 -10.42
CA HIS E 349 -2.58 32.23 -11.63
C HIS E 349 -3.45 33.48 -11.67
N LYS E 350 -2.90 34.58 -12.19
CA LYS E 350 -3.65 35.83 -12.21
C LYS E 350 -4.96 35.70 -12.97
N GLU E 351 -4.97 34.94 -14.04
CA GLU E 351 -6.20 34.82 -14.83
C GLU E 351 -7.26 34.03 -14.09
N TRP E 352 -6.88 32.88 -13.53
CA TRP E 352 -7.82 32.10 -12.74
C TRP E 352 -8.39 32.93 -11.61
N PHE E 353 -7.59 33.77 -10.99
CA PHE E 353 -8.10 34.57 -9.88
C PHE E 353 -9.02 35.66 -10.38
N HIS E 354 -8.66 36.31 -11.49
CA HIS E 354 -9.51 37.38 -11.99
C HIS E 354 -10.78 36.86 -12.65
N ASP E 355 -10.94 35.56 -12.83
CA ASP E 355 -12.12 35.01 -13.47
C ASP E 355 -12.99 34.18 -12.54
N ILE E 356 -12.96 34.44 -11.25
CA ILE E 356 -13.71 33.64 -10.27
C ILE E 356 -14.97 34.40 -9.90
N PRO E 357 -16.16 33.80 -10.03
CA PRO E 357 -17.40 34.52 -9.72
C PRO E 357 -17.79 34.46 -8.25
N LEU E 358 -17.63 35.55 -7.53
CA LEU E 358 -17.97 35.64 -6.12
C LEU E 358 -17.97 37.11 -5.72
N PRO E 359 -18.58 37.46 -4.59
CA PRO E 359 -18.52 38.86 -4.15
C PRO E 359 -17.08 39.29 -3.89
N TRP E 360 -16.74 40.49 -4.32
CA TRP E 360 -15.36 40.94 -4.29
C TRP E 360 -15.27 42.43 -4.11
N HIS E 361 -14.24 42.89 -3.40
CA HIS E 361 -13.92 44.31 -3.34
C HIS E 361 -12.43 44.49 -3.41
N ALA E 362 -11.99 45.42 -4.27
CA ALA E 362 -10.57 45.62 -4.50
C ALA E 362 -9.93 46.35 -3.33
N GLY E 363 -8.60 46.24 -3.25
CA GLY E 363 -7.83 46.98 -2.29
C GLY E 363 -7.76 46.32 -0.92
N ALA E 364 -6.89 46.86 -0.08
CA ALA E 364 -6.73 46.34 1.27
C ALA E 364 -8.00 46.58 2.07
N ASP E 365 -8.38 45.59 2.87
CA ASP E 365 -9.62 45.68 3.62
C ASP E 365 -9.38 46.33 4.97
N THR E 366 -10.46 46.82 5.58
CA THR E 366 -10.49 47.34 6.94
C THR E 366 -11.95 47.68 7.22
N GLY E 367 -12.31 47.69 8.51
CA GLY E 367 -13.65 48.07 8.89
C GLY E 367 -14.70 47.20 8.23
N THR E 368 -15.85 47.80 7.94
CA THR E 368 -16.90 47.12 7.19
C THR E 368 -16.73 47.43 5.71
N PRO E 369 -16.61 46.43 4.85
CA PRO E 369 -16.31 46.68 3.45
C PRO E 369 -17.56 46.95 2.63
N HIS E 370 -17.33 47.36 1.39
CA HIS E 370 -18.39 47.53 0.40
C HIS E 370 -18.27 46.39 -0.61
N TRP E 371 -19.14 45.39 -0.48
CA TRP E 371 -19.06 44.22 -1.32
C TRP E 371 -19.66 44.49 -2.69
N ASN E 372 -18.92 44.16 -3.73
CA ASN E 372 -19.44 44.29 -5.07
C ASN E 372 -20.00 42.95 -5.55
N ASN E 373 -20.84 43.01 -6.57
CA ASN E 373 -21.39 41.78 -7.12
C ASN E 373 -21.98 41.00 -5.97
N LYS E 374 -22.85 41.63 -5.20
CA LYS E 374 -23.43 40.96 -4.06
C LYS E 374 -24.52 40.04 -4.56
N GLU E 375 -24.07 39.03 -5.30
CA GLU E 375 -24.92 37.99 -5.85
C GLU E 375 -24.04 36.81 -6.18
N ALA E 376 -24.67 35.74 -6.64
CA ALA E 376 -24.09 34.42 -6.80
C ALA E 376 -23.91 33.82 -5.41
N LEU E 377 -24.24 34.57 -4.36
CA LEU E 377 -24.40 34.03 -3.03
C LEU E 377 -25.81 34.23 -2.50
N VAL E 378 -26.64 35.00 -3.19
CA VAL E 378 -28.02 35.28 -2.77
C VAL E 378 -28.94 34.79 -3.87
N GLU E 379 -29.91 33.96 -3.50
CA GLU E 379 -30.86 33.37 -4.43
C GLU E 379 -32.26 33.87 -4.09
N PHE E 380 -32.88 34.57 -5.03
CA PHE E 380 -34.23 35.11 -4.87
C PHE E 380 -35.21 34.15 -5.52
N LYS E 381 -35.57 33.10 -4.80
CA LYS E 381 -36.49 32.17 -5.42
C LYS E 381 -37.93 32.64 -5.25
N ASP E 382 -38.80 32.13 -6.11
CA ASP E 382 -40.18 32.59 -6.21
C ASP E 382 -41.12 31.52 -5.69
N ALA E 383 -42.15 31.96 -4.97
CA ALA E 383 -43.19 31.10 -4.44
C ALA E 383 -44.30 30.99 -5.49
N HIS E 384 -45.49 30.58 -5.09
CA HIS E 384 -46.57 30.37 -6.06
C HIS E 384 -47.07 31.71 -6.60
N ALA E 385 -46.22 32.39 -7.36
CA ALA E 385 -46.54 33.65 -8.02
C ALA E 385 -47.05 34.71 -7.04
N LYS E 386 -46.80 34.56 -5.74
CA LYS E 386 -47.31 35.51 -4.77
C LYS E 386 -46.30 35.92 -3.71
N ARG E 387 -45.07 35.42 -3.76
CA ARG E 387 -44.07 35.73 -2.75
C ARG E 387 -42.68 35.62 -3.34
N GLN E 388 -41.71 36.13 -2.60
CA GLN E 388 -40.30 35.91 -2.89
C GLN E 388 -39.59 35.51 -1.60
N THR E 389 -38.71 34.53 -1.69
CA THR E 389 -37.90 34.12 -0.56
C THR E 389 -36.43 34.25 -0.92
N VAL E 390 -35.63 34.66 0.05
CA VAL E 390 -34.25 34.99 -0.16
C VAL E 390 -33.39 34.04 0.65
N VAL E 391 -32.54 33.27 -0.03
CA VAL E 391 -31.71 32.27 0.61
C VAL E 391 -30.25 32.54 0.26
N VAL E 392 -29.34 32.09 1.10
CA VAL E 392 -27.91 32.21 0.83
C VAL E 392 -27.33 30.85 0.54
N LEU E 393 -26.35 30.81 -0.36
CA LEU E 393 -25.63 29.58 -0.67
C LEU E 393 -24.53 29.38 0.37
N GLY E 394 -24.51 28.20 0.98
CA GLY E 394 -23.74 28.01 2.19
C GLY E 394 -22.25 27.84 1.93
N SER E 395 -21.47 28.85 2.27
CA SER E 395 -20.07 28.69 2.65
C SER E 395 -19.09 28.35 1.53
N GLN E 396 -19.57 27.96 0.35
CA GLN E 396 -18.80 28.06 -0.88
C GLN E 396 -17.32 27.71 -0.77
N GLU E 397 -16.92 26.90 0.21
CA GLU E 397 -15.50 26.73 0.45
C GLU E 397 -14.94 25.47 -0.18
N GLY E 398 -15.67 24.36 -0.11
CA GLY E 398 -15.22 23.17 -0.79
C GLY E 398 -15.17 23.35 -2.29
N ALA E 399 -16.06 24.17 -2.82
CA ALA E 399 -16.04 24.45 -4.25
C ALA E 399 -14.76 25.16 -4.65
N VAL E 400 -14.31 26.13 -3.84
CA VAL E 400 -13.04 26.79 -4.12
C VAL E 400 -11.89 25.82 -3.91
N HIS E 401 -12.01 24.92 -2.94
CA HIS E 401 -10.92 23.98 -2.69
C HIS E 401 -10.72 23.03 -3.86
N THR E 402 -11.81 22.52 -4.45
CA THR E 402 -11.65 21.64 -5.60
C THR E 402 -11.41 22.44 -6.87
N ALA E 403 -11.80 23.71 -6.90
CA ALA E 403 -11.46 24.54 -8.04
C ALA E 403 -9.96 24.82 -8.09
N LEU E 404 -9.29 24.78 -6.94
CA LEU E 404 -7.85 25.03 -6.87
C LEU E 404 -7.07 23.75 -7.14
N ALA E 405 -7.45 23.03 -8.18
CA ALA E 405 -6.79 21.79 -8.53
C ALA E 405 -5.65 22.10 -9.48
N GLY E 406 -4.45 21.69 -9.11
CA GLY E 406 -3.29 21.99 -9.90
C GLY E 406 -2.55 23.25 -9.53
N ALA E 407 -2.80 23.82 -8.36
CA ALA E 407 -2.07 24.98 -7.89
C ALA E 407 -1.11 24.57 -6.78
N LEU E 408 -0.01 25.32 -6.68
CA LEU E 408 1.03 24.98 -5.71
C LEU E 408 0.56 25.27 -4.29
N GLU E 409 0.94 24.41 -3.35
CA GLU E 409 0.74 24.73 -1.96
C GLU E 409 1.84 25.68 -1.48
N ALA E 410 1.64 26.22 -0.28
CA ALA E 410 2.62 27.09 0.34
C ALA E 410 2.33 27.12 1.82
N GLU E 411 3.36 27.43 2.59
CA GLU E 411 3.22 27.55 4.04
C GLU E 411 3.72 28.93 4.44
N MET E 412 3.17 29.46 5.54
CA MET E 412 3.43 30.83 5.93
C MET E 412 3.61 30.91 7.43
N ASP E 413 4.65 31.63 7.87
CA ASP E 413 4.88 31.89 9.28
C ASP E 413 5.17 33.37 9.43
N GLY E 414 4.36 34.05 10.25
CA GLY E 414 4.54 35.49 10.31
C GLY E 414 4.14 36.13 9.01
N ALA E 415 4.73 37.30 8.74
CA ALA E 415 4.46 37.99 7.49
C ALA E 415 5.01 37.21 6.30
N LYS E 416 6.15 36.54 6.48
CA LYS E 416 6.78 35.83 5.38
C LYS E 416 6.04 34.54 5.05
N GLY E 417 6.01 34.22 3.75
CA GLY E 417 5.52 32.93 3.31
C GLY E 417 6.58 32.21 2.50
N ARG E 418 6.86 30.95 2.86
CA ARG E 418 7.92 30.19 2.22
C ARG E 418 7.30 29.28 1.18
N LEU E 419 7.57 29.53 -0.09
CA LEU E 419 7.07 28.67 -1.15
C LEU E 419 7.67 27.28 -1.03
N SER E 420 7.07 26.33 -1.73
CA SER E 420 7.51 24.96 -1.67
C SER E 420 8.07 24.42 -2.98
N SER E 421 8.00 25.19 -4.06
CA SER E 421 8.50 24.71 -5.35
C SER E 421 8.84 25.87 -6.26
N GLY E 422 9.97 25.75 -6.95
CA GLY E 422 10.43 26.79 -7.86
C GLY E 422 11.63 26.27 -8.61
N HIS E 423 12.34 27.18 -9.26
CA HIS E 423 13.62 26.84 -9.85
C HIS E 423 14.40 28.11 -10.13
N LEU E 424 15.72 27.97 -10.18
CA LEU E 424 16.62 29.09 -10.36
C LEU E 424 17.72 28.69 -11.33
N LYS E 425 18.37 29.67 -11.93
CA LYS E 425 19.47 29.44 -12.88
C LYS E 425 20.70 30.20 -12.39
N CYS E 426 21.65 29.48 -11.83
CA CYS E 426 22.86 30.08 -11.28
C CYS E 426 24.05 29.53 -12.04
N ARG E 427 24.87 30.41 -12.61
CA ARG E 427 26.16 30.00 -13.10
C ARG E 427 27.18 30.05 -11.97
N LEU E 428 28.08 29.07 -11.96
CA LEU E 428 28.98 28.84 -10.85
C LEU E 428 30.38 29.22 -11.27
N LYS E 429 30.82 30.43 -10.90
CA LYS E 429 32.20 30.82 -11.15
C LYS E 429 33.07 30.08 -10.15
N MET E 430 33.64 28.96 -10.62
CA MET E 430 34.62 28.20 -9.86
C MET E 430 36.04 28.55 -10.30
N ASP E 431 36.43 29.82 -10.21
CA ASP E 431 37.80 30.19 -10.55
C ASP E 431 38.66 30.43 -9.33
N LYS E 432 38.08 30.38 -8.14
CA LYS E 432 38.84 30.55 -6.90
C LYS E 432 38.66 29.36 -5.96
N LEU E 433 38.34 28.19 -6.50
CA LEU E 433 38.30 26.97 -5.72
C LEU E 433 39.67 26.31 -5.74
N ARG E 434 40.22 26.04 -4.56
CA ARG E 434 41.49 25.35 -4.43
C ARG E 434 41.24 23.94 -3.91
N LEU E 435 42.31 23.23 -3.61
CA LEU E 435 42.22 21.87 -3.08
C LEU E 435 43.00 21.81 -1.78
N LYS E 436 42.29 21.51 -0.69
CA LYS E 436 42.94 21.51 0.62
C LYS E 436 43.96 20.39 0.74
N GLY E 437 43.69 19.25 0.12
CA GLY E 437 44.45 18.05 0.43
C GLY E 437 45.84 18.02 -0.17
N VAL E 438 46.00 18.53 -1.39
CA VAL E 438 47.26 18.38 -2.10
C VAL E 438 48.42 18.88 -1.25
N SER E 439 49.58 18.26 -1.42
CA SER E 439 50.81 18.49 -0.64
C SER E 439 50.72 17.92 0.75
N TYR E 440 49.86 16.92 0.96
CA TYR E 440 49.88 16.10 2.17
C TYR E 440 50.44 14.73 1.80
N SER E 441 51.34 14.22 2.63
CA SER E 441 51.88 12.89 2.40
C SER E 441 50.81 11.84 2.64
N LEU E 442 51.00 10.67 2.03
CA LEU E 442 50.06 9.58 2.22
C LEU E 442 50.09 9.08 3.67
N CYS E 443 48.94 8.61 4.14
CA CYS E 443 48.85 8.02 5.47
C CYS E 443 49.43 6.62 5.44
N THR E 444 50.25 6.29 6.44
CA THR E 444 50.80 4.94 6.60
C THR E 444 50.27 4.36 7.91
N ALA E 445 49.05 3.85 7.86
CA ALA E 445 48.45 3.17 9.01
C ALA E 445 47.41 2.18 8.47
N ALA E 446 46.51 1.74 9.34
CA ALA E 446 45.47 0.80 8.97
C ALA E 446 44.12 1.48 9.07
N PHE E 447 43.17 1.03 8.23
CA PHE E 447 41.85 1.61 8.13
C PHE E 447 40.80 0.55 8.46
N THR E 448 39.66 0.98 8.98
CA THR E 448 38.57 0.06 9.30
C THR E 448 37.24 0.57 8.75
N PHE E 449 36.35 -0.37 8.47
CA PHE E 449 35.02 -0.08 7.93
C PHE E 449 34.00 -0.11 9.07
N THR E 450 33.51 1.07 9.46
CA THR E 450 32.53 1.15 10.53
C THR E 450 31.17 0.54 10.18
N LYS E 451 30.68 0.87 8.99
CA LYS E 451 29.39 0.38 8.50
C LYS E 451 29.49 -0.18 7.09
N ILE E 452 30.72 -0.52 6.68
CA ILE E 452 31.03 -1.04 5.35
C ILE E 452 30.55 -0.05 4.27
N PRO E 453 29.87 -0.56 3.24
CA PRO E 453 29.41 0.40 2.21
C PRO E 453 27.90 0.60 2.13
N ALA E 454 27.46 1.79 1.75
CA ALA E 454 26.10 1.98 1.30
C ALA E 454 26.05 2.20 -0.21
N GLU E 455 24.93 1.83 -0.82
CA GLU E 455 24.72 2.05 -2.24
C GLU E 455 23.59 3.04 -2.45
N THR E 456 23.91 4.19 -3.03
CA THR E 456 22.89 5.17 -3.36
C THR E 456 21.96 4.62 -4.43
N LEU E 457 20.88 5.37 -4.70
CA LEU E 457 19.97 4.95 -5.76
C LEU E 457 20.63 5.03 -7.13
N HIS E 458 21.51 6.01 -7.33
CA HIS E 458 22.12 6.24 -8.64
C HIS E 458 23.35 5.37 -8.87
N GLY E 459 23.70 4.52 -7.92
CA GLY E 459 24.78 3.57 -8.10
C GLY E 459 26.08 3.93 -7.40
N THR E 460 26.27 5.18 -7.01
CA THR E 460 27.51 5.53 -6.34
C THR E 460 27.56 4.87 -4.97
N VAL E 461 28.77 4.63 -4.50
CA VAL E 461 29.02 3.93 -3.25
C VAL E 461 29.53 4.93 -2.22
N THR E 462 28.93 4.93 -1.03
CA THR E 462 29.45 5.74 0.06
C THR E 462 30.14 4.84 1.06
N VAL E 463 31.36 5.19 1.42
CA VAL E 463 32.18 4.43 2.36
C VAL E 463 32.51 5.34 3.52
N GLU E 464 32.56 4.76 4.72
CA GLU E 464 33.02 5.49 5.89
C GLU E 464 34.20 4.75 6.47
N VAL E 465 35.34 5.42 6.53
CA VAL E 465 36.60 4.81 6.95
C VAL E 465 36.99 5.39 8.30
N GLN E 466 37.57 4.56 9.15
CA GLN E 466 38.12 4.99 10.43
C GLN E 466 39.63 4.74 10.42
N TYR E 467 40.38 5.76 10.82
CA TYR E 467 41.83 5.75 10.81
C TYR E 467 42.35 5.56 12.22
N ALA E 468 43.26 4.59 12.37
CA ALA E 468 43.81 4.18 13.66
C ALA E 468 45.11 4.89 14.02
N GLY E 469 45.98 5.10 13.04
CA GLY E 469 47.26 5.74 13.29
C GLY E 469 47.13 7.22 13.61
N THR E 470 48.27 7.85 13.85
CA THR E 470 48.36 9.30 14.10
C THR E 470 49.48 9.87 13.25
N ASP E 471 49.14 10.31 12.03
CA ASP E 471 50.11 10.93 11.13
C ASP E 471 49.77 12.39 10.83
N GLY E 472 48.79 12.95 11.52
CA GLY E 472 48.31 14.27 11.19
C GLY E 472 47.49 14.22 9.92
N PRO E 473 47.18 15.40 9.36
CA PRO E 473 46.43 15.43 8.09
C PRO E 473 47.24 14.77 6.98
N CYS E 474 46.64 13.78 6.33
CA CYS E 474 47.32 13.03 5.29
C CYS E 474 46.29 12.44 4.34
N LYS E 475 46.69 12.26 3.09
CA LYS E 475 45.79 11.72 2.07
C LYS E 475 45.38 10.30 2.42
N VAL E 476 44.17 9.94 2.00
CA VAL E 476 43.69 8.56 2.08
C VAL E 476 43.88 7.93 0.70
N PRO E 477 44.68 6.91 0.56
CA PRO E 477 44.81 6.23 -0.73
C PRO E 477 43.66 5.24 -0.92
N ALA E 478 42.77 5.55 -1.85
CA ALA E 478 41.60 4.72 -2.10
C ALA E 478 41.36 4.62 -3.59
N GLN E 479 40.87 3.46 -4.03
CA GLN E 479 40.59 3.26 -5.45
C GLN E 479 39.66 2.07 -5.61
N MET E 480 39.17 1.91 -6.83
CA MET E 480 38.35 0.77 -7.21
C MET E 480 39.17 -0.11 -8.14
N ALA E 481 39.25 -1.40 -7.85
CA ALA E 481 40.16 -2.26 -8.59
C ALA E 481 39.53 -3.61 -8.89
N VAL E 482 40.03 -4.25 -9.94
CA VAL E 482 39.85 -5.68 -10.17
C VAL E 482 41.24 -6.27 -10.36
N ASP E 483 41.37 -7.57 -10.11
CA ASP E 483 42.66 -8.26 -10.21
C ASP E 483 43.69 -7.65 -9.25
N MET E 484 43.41 -7.86 -7.97
CA MET E 484 44.28 -7.39 -6.90
C MET E 484 45.76 -7.69 -7.12
N GLN E 485 46.09 -8.65 -8.00
CA GLN E 485 47.48 -8.86 -8.36
C GLN E 485 48.11 -7.57 -8.88
N THR E 486 47.52 -6.98 -9.90
CA THR E 486 47.94 -5.69 -10.44
C THR E 486 46.78 -4.72 -10.25
N LEU E 487 46.91 -3.82 -9.29
CA LEU E 487 45.82 -2.89 -8.98
C LEU E 487 45.78 -1.85 -10.09
N THR E 488 44.83 -2.02 -11.01
CA THR E 488 44.68 -1.06 -12.09
C THR E 488 43.46 -0.21 -11.83
N PRO E 489 43.60 1.11 -11.78
CA PRO E 489 42.46 1.96 -11.45
C PRO E 489 41.35 1.82 -12.48
N VAL E 490 40.21 1.33 -12.02
CA VAL E 490 39.01 1.20 -12.83
C VAL E 490 37.87 1.90 -12.11
N GLY E 491 37.07 2.65 -12.85
CA GLY E 491 36.04 3.44 -12.23
C GLY E 491 36.50 4.85 -11.98
N ARG E 492 35.69 5.58 -11.24
CA ARG E 492 35.96 6.98 -10.95
C ARG E 492 35.71 7.24 -9.48
N LEU E 493 36.58 8.02 -8.88
CA LEU E 493 36.48 8.35 -7.46
C LEU E 493 35.88 9.73 -7.36
N ILE E 494 34.56 9.82 -7.22
CA ILE E 494 33.94 11.13 -7.11
C ILE E 494 33.86 11.55 -5.64
N THR E 495 35.00 11.92 -5.07
CA THR E 495 34.95 12.81 -3.92
C THR E 495 35.90 13.98 -4.08
N ALA E 496 37.18 13.67 -4.16
CA ALA E 496 38.24 14.65 -4.30
C ALA E 496 39.51 13.99 -3.79
N ASN E 497 40.49 14.78 -3.37
CA ASN E 497 41.67 14.16 -2.81
C ASN E 497 41.14 13.90 -1.41
N PRO E 498 40.96 12.63 -1.05
CA PRO E 498 40.37 12.38 0.27
C PRO E 498 41.34 12.74 1.37
N VAL E 499 40.87 13.40 2.41
CA VAL E 499 41.79 13.72 3.49
C VAL E 499 41.14 13.36 4.82
N ILE E 500 41.98 13.18 5.84
CA ILE E 500 41.51 13.07 7.21
C ILE E 500 42.06 14.28 7.96
N THR E 501 41.16 15.16 8.40
CA THR E 501 41.59 16.44 8.94
C THR E 501 42.19 16.29 10.33
N GLU E 502 41.53 15.55 11.21
CA GLU E 502 41.95 15.48 12.60
C GLU E 502 43.30 14.79 12.72
N SER E 503 43.97 15.03 13.84
CA SER E 503 45.21 14.34 14.20
C SER E 503 45.03 13.80 15.61
N THR E 504 44.34 12.67 15.72
CA THR E 504 44.07 12.01 16.99
C THR E 504 44.24 10.52 16.79
N GLU E 505 43.94 9.75 17.83
CA GLU E 505 44.07 8.30 17.74
C GLU E 505 43.17 7.73 16.65
N ASN E 506 41.86 7.86 16.82
CA ASN E 506 40.89 7.35 15.86
C ASN E 506 40.16 8.52 15.22
N SER E 507 40.13 8.53 13.89
CA SER E 507 39.40 9.56 13.17
C SER E 507 38.42 8.89 12.23
N LYS E 508 37.39 9.63 11.83
CA LYS E 508 36.38 9.11 10.92
C LYS E 508 36.27 10.03 9.71
N MET E 509 36.12 9.43 8.54
CA MET E 509 35.91 10.18 7.31
C MET E 509 34.94 9.42 6.42
N MET E 510 34.40 10.13 5.43
CA MET E 510 33.46 9.53 4.48
C MET E 510 33.84 9.96 3.08
N LEU E 511 33.83 9.01 2.15
CA LEU E 511 34.08 9.32 0.75
C LEU E 511 33.18 8.44 -0.12
N GLU E 512 32.75 8.98 -1.25
CA GLU E 512 31.92 8.21 -2.16
C GLU E 512 32.61 8.08 -3.51
N LEU E 513 32.52 6.89 -4.10
CA LEU E 513 33.19 6.58 -5.35
C LEU E 513 32.21 5.94 -6.32
N ASP E 514 32.51 6.09 -7.60
CA ASP E 514 31.63 5.67 -8.69
C ASP E 514 32.15 4.38 -9.28
N PRO E 515 31.53 3.23 -9.00
CA PRO E 515 32.13 1.95 -9.36
C PRO E 515 31.95 1.63 -10.83
N PRO E 516 32.73 0.69 -11.36
CA PRO E 516 32.46 0.18 -12.70
C PRO E 516 31.39 -0.90 -12.66
N PHE E 517 30.78 -1.14 -13.82
CA PHE E 517 29.56 -1.94 -13.84
C PHE E 517 29.78 -3.38 -13.45
N GLY E 518 30.96 -3.92 -13.71
CA GLY E 518 31.25 -5.27 -13.27
C GLY E 518 31.34 -5.38 -11.76
N ASP E 519 31.73 -6.56 -11.30
CA ASP E 519 32.13 -6.72 -9.91
C ASP E 519 33.48 -6.06 -9.68
N SER E 520 33.66 -5.46 -8.51
CA SER E 520 34.87 -4.70 -8.22
C SER E 520 35.21 -4.80 -6.75
N TYR E 521 36.40 -4.32 -6.40
CA TYR E 521 36.86 -4.26 -5.02
C TYR E 521 37.16 -2.81 -4.66
N ILE E 522 36.67 -2.39 -3.50
CA ILE E 522 37.02 -1.10 -2.92
C ILE E 522 38.30 -1.30 -2.13
N VAL E 523 39.38 -0.64 -2.54
CA VAL E 523 40.68 -0.80 -1.90
C VAL E 523 41.02 0.49 -1.18
N ILE E 524 41.43 0.38 0.09
CA ILE E 524 41.89 1.50 0.88
C ILE E 524 43.19 1.10 1.55
N GLY E 525 44.21 1.94 1.44
CA GLY E 525 45.48 1.67 2.06
C GLY E 525 46.55 1.32 1.05
N VAL E 526 47.78 1.20 1.56
CA VAL E 526 48.94 1.08 0.68
C VAL E 526 49.44 -0.34 0.54
N GLY E 527 49.93 -0.92 1.64
CA GLY E 527 50.55 -2.23 1.53
C GLY E 527 50.35 -3.17 2.71
N GLU E 528 49.80 -4.34 2.45
CA GLU E 528 49.72 -5.46 3.40
C GLU E 528 48.82 -5.12 4.58
N LYS E 529 48.34 -3.89 4.63
CA LYS E 529 47.32 -3.47 5.59
C LYS E 529 46.10 -2.90 4.87
N LYS E 530 46.04 -3.01 3.55
CA LYS E 530 45.00 -2.35 2.80
C LYS E 530 43.69 -3.08 2.99
N ILE E 531 42.74 -2.43 3.60
CA ILE E 531 41.41 -3.00 3.78
C ILE E 531 40.68 -2.98 2.45
N THR E 532 40.03 -4.09 2.13
CA THR E 532 39.37 -4.24 0.85
C THR E 532 37.97 -4.78 1.05
N HIS E 533 37.08 -4.40 0.15
CA HIS E 533 35.68 -4.78 0.21
C HIS E 533 35.23 -5.19 -1.18
N HIS E 534 34.20 -6.02 -1.24
CA HIS E 534 33.66 -6.49 -2.51
C HIS E 534 32.37 -5.73 -2.81
N TRP E 535 32.27 -5.16 -4.01
CA TRP E 535 31.10 -4.36 -4.36
C TRP E 535 30.68 -4.62 -5.80
N HIS E 536 29.37 -4.78 -6.00
CA HIS E 536 28.80 -5.23 -7.26
C HIS E 536 27.68 -4.29 -7.69
N ARG E 537 27.80 -3.75 -8.90
CA ARG E 537 26.85 -2.78 -9.45
C ARG E 537 26.09 -3.41 -10.60
N SER E 538 24.78 -3.15 -10.66
CA SER E 538 23.91 -3.94 -11.53
C SER E 538 23.92 -3.49 -12.99
N GLY E 539 23.80 -2.19 -13.24
CA GLY E 539 23.45 -1.72 -14.56
C GLY E 539 24.52 -2.00 -15.61
N SER E 540 24.16 -1.72 -16.85
CA SER E 540 25.07 -1.73 -17.99
C SER E 540 25.00 -0.39 -18.70
N THR E 541 26.08 -0.05 -19.42
CA THR E 541 26.23 1.31 -19.93
C THR E 541 25.04 1.73 -20.79
N ILE E 542 24.45 0.78 -21.52
CA ILE E 542 23.27 1.13 -22.32
C ILE E 542 22.12 1.53 -21.42
N GLY E 543 21.91 0.80 -20.32
CA GLY E 543 20.88 1.19 -19.37
C GLY E 543 21.15 2.57 -18.79
N LYS E 544 22.41 2.88 -18.53
CA LYS E 544 22.75 4.19 -18.00
C LYS E 544 22.45 5.28 -19.02
N ALA E 545 22.75 5.04 -20.29
CA ALA E 545 22.45 6.04 -21.31
C ALA E 545 20.94 6.23 -21.47
N PHE E 546 20.19 5.13 -21.42
CA PHE E 546 18.73 5.23 -21.51
C PHE E 546 18.18 6.05 -20.35
N GLU E 547 18.62 5.75 -19.13
CA GLU E 547 18.13 6.52 -17.98
C GLU E 547 18.57 7.97 -18.05
N ALA E 548 19.74 8.24 -18.61
CA ALA E 548 20.15 9.64 -18.77
C ALA E 548 19.24 10.37 -19.74
N THR E 549 18.87 9.73 -20.85
CA THR E 549 17.95 10.38 -21.78
C THR E 549 16.59 10.58 -21.16
N VAL E 550 16.13 9.63 -20.34
CA VAL E 550 14.83 9.81 -19.69
C VAL E 550 14.88 10.97 -18.71
N ARG E 551 15.97 11.08 -17.93
CA ARG E 551 16.09 12.22 -17.03
C ARG E 551 16.09 13.52 -17.80
N GLY E 552 16.81 13.57 -18.93
CA GLY E 552 16.80 14.78 -19.73
C GLY E 552 15.43 15.13 -20.26
N ALA E 553 14.67 14.12 -20.68
CA ALA E 553 13.33 14.36 -21.17
C ALA E 553 12.44 14.94 -20.07
N LYS E 554 12.49 14.35 -18.87
CA LYS E 554 11.69 14.87 -17.77
C LYS E 554 12.10 16.30 -17.45
N ARG E 555 13.40 16.58 -17.43
CA ARG E 555 13.83 17.94 -17.11
C ARG E 555 13.33 18.93 -18.14
N MET E 556 13.37 18.56 -19.42
CA MET E 556 12.87 19.46 -20.46
C MET E 556 11.37 19.67 -20.28
N ALA E 557 10.62 18.58 -20.09
CA ALA E 557 9.17 18.70 -19.93
C ALA E 557 8.82 19.60 -18.76
N VAL E 558 9.66 19.63 -17.73
CA VAL E 558 9.35 20.48 -16.59
C VAL E 558 9.77 21.93 -16.84
N LEU E 559 10.92 22.16 -17.45
CA LEU E 559 11.52 23.50 -17.41
C LEU E 559 11.50 24.27 -18.72
N GLY E 560 11.12 23.66 -19.84
CA GLY E 560 11.24 24.39 -21.09
C GLY E 560 12.69 24.55 -21.50
N ASP E 561 13.04 25.74 -22.01
CA ASP E 561 14.39 25.98 -22.51
C ASP E 561 15.42 26.07 -21.39
N THR E 562 15.01 26.56 -20.22
CA THR E 562 15.95 26.58 -19.12
C THR E 562 16.53 25.21 -18.85
N ALA E 563 15.89 24.15 -19.36
CA ALA E 563 16.53 22.84 -19.37
C ALA E 563 17.68 22.80 -20.36
N TRP E 564 17.54 23.49 -21.50
CA TRP E 564 18.69 23.66 -22.38
C TRP E 564 19.80 24.45 -21.69
N ASP E 565 19.47 25.16 -20.61
CA ASP E 565 20.48 25.87 -19.86
C ASP E 565 21.00 25.08 -18.66
N PHE E 566 20.93 23.74 -18.68
CA PHE E 566 21.28 23.01 -17.47
C PHE E 566 22.79 22.93 -17.25
N GLY E 567 23.54 22.53 -18.25
CA GLY E 567 24.97 22.31 -18.08
C GLY E 567 25.72 23.12 -19.10
N SER E 568 25.17 24.29 -19.36
CA SER E 568 25.43 25.09 -20.53
C SER E 568 26.79 25.77 -20.54
N VAL E 569 27.89 25.00 -20.48
CA VAL E 569 29.23 25.55 -20.60
C VAL E 569 29.21 26.66 -21.63
N GLY E 570 28.54 26.42 -22.75
CA GLY E 570 28.12 27.49 -23.62
C GLY E 570 28.82 27.46 -24.94
N GLY E 571 28.12 27.09 -25.99
CA GLY E 571 28.79 26.92 -27.28
C GLY E 571 28.08 27.63 -28.40
N ALA E 572 27.80 26.89 -29.46
CA ALA E 572 27.01 27.44 -30.56
C ALA E 572 25.87 26.47 -30.85
N LEU E 573 26.13 25.18 -30.65
CA LEU E 573 25.06 24.20 -30.79
C LEU E 573 24.03 24.38 -29.68
N ASN E 574 24.49 24.61 -28.45
CA ASN E 574 23.57 24.76 -27.33
C ASN E 574 22.69 25.99 -27.51
N SER E 575 23.28 27.09 -27.99
CA SER E 575 22.50 28.31 -28.14
C SER E 575 21.44 28.16 -29.24
N LEU E 576 21.78 27.50 -30.34
CA LEU E 576 20.78 27.28 -31.38
C LEU E 576 19.69 26.33 -30.91
N GLY E 577 20.06 25.29 -30.16
CA GLY E 577 19.05 24.45 -29.56
C GLY E 577 18.10 25.24 -28.68
N LYS E 578 18.65 26.11 -27.84
CA LYS E 578 17.81 26.92 -26.97
C LYS E 578 16.90 27.85 -27.78
N GLY E 579 17.43 28.42 -28.87
CA GLY E 579 16.61 29.32 -29.67
C GLY E 579 15.44 28.62 -30.32
N ILE E 580 15.70 27.50 -30.99
CA ILE E 580 14.59 26.82 -31.65
C ILE E 580 13.62 26.27 -30.61
N HIS E 581 14.12 25.90 -29.42
CA HIS E 581 13.20 25.43 -28.40
C HIS E 581 12.35 26.55 -27.87
N GLN E 582 12.91 27.76 -27.76
CA GLN E 582 12.10 28.91 -27.38
C GLN E 582 10.97 29.14 -28.37
N ILE E 583 11.28 29.11 -29.66
CA ILE E 583 10.25 29.40 -30.66
C ILE E 583 9.17 28.32 -30.64
N PHE E 584 9.58 27.04 -30.68
CA PHE E 584 8.58 25.98 -30.69
C PHE E 584 7.79 25.95 -29.39
N GLY E 585 8.42 26.32 -28.28
CA GLY E 585 7.69 26.35 -27.02
C GLY E 585 6.67 27.48 -26.98
N ALA E 586 7.02 28.64 -27.51
CA ALA E 586 6.06 29.73 -27.59
C ALA E 586 4.86 29.31 -28.42
N ALA E 587 5.10 28.70 -29.57
CA ALA E 587 3.98 28.28 -30.42
C ALA E 587 3.15 27.22 -29.72
N PHE E 588 3.78 26.21 -29.13
CA PHE E 588 3.06 25.11 -28.50
C PHE E 588 2.26 25.60 -27.30
N LYS E 589 2.80 26.55 -26.55
CA LYS E 589 2.05 27.09 -25.42
C LYS E 589 0.92 27.99 -25.87
N SER E 590 1.06 28.67 -27.01
CA SER E 590 -0.04 29.52 -27.45
C SER E 590 -1.18 28.70 -28.02
N LEU E 591 -0.88 27.67 -28.82
CA LEU E 591 -1.94 26.85 -29.40
C LEU E 591 -2.58 25.96 -28.35
N PHE E 592 -1.80 25.06 -27.80
CA PHE E 592 -2.21 24.16 -26.75
C PHE E 592 -1.92 24.82 -25.41
N GLY E 593 -1.88 24.04 -24.34
CA GLY E 593 -1.57 24.63 -23.05
C GLY E 593 -2.78 25.28 -22.42
N GLY E 594 -3.95 24.70 -22.65
CA GLY E 594 -5.16 25.05 -21.96
C GLY E 594 -5.88 23.76 -21.64
N MET E 595 -5.09 22.73 -21.31
CA MET E 595 -5.60 21.38 -21.15
C MET E 595 -4.88 20.73 -19.98
N SER E 596 -5.48 19.70 -19.41
CA SER E 596 -4.95 19.15 -18.17
C SER E 596 -5.22 17.66 -18.07
N TRP E 597 -4.25 16.87 -18.51
CA TRP E 597 -4.15 15.44 -18.32
C TRP E 597 -5.29 14.63 -18.92
N PHE E 598 -6.36 15.26 -19.35
CA PHE E 598 -7.37 14.49 -20.04
C PHE E 598 -7.75 15.10 -21.37
N SER E 599 -7.99 16.40 -21.41
CA SER E 599 -8.09 17.01 -22.73
C SER E 599 -6.80 16.80 -23.50
N GLN E 600 -5.67 16.83 -22.80
CA GLN E 600 -4.40 16.62 -23.48
C GLN E 600 -4.25 15.19 -23.96
N ILE E 601 -4.61 14.20 -23.15
CA ILE E 601 -4.47 12.83 -23.60
C ILE E 601 -5.42 12.53 -24.76
N LEU E 602 -6.64 13.08 -24.70
CA LEU E 602 -7.60 12.86 -25.77
C LEU E 602 -7.10 13.46 -27.08
N ILE E 603 -6.69 14.73 -27.04
CA ILE E 603 -6.18 15.30 -28.26
C ILE E 603 -4.91 14.63 -28.71
N GLY E 604 -4.15 14.05 -27.78
CA GLY E 604 -2.97 13.30 -28.18
C GLY E 604 -3.33 12.07 -28.98
N THR E 605 -4.29 11.30 -28.50
CA THR E 605 -4.73 10.13 -29.25
C THR E 605 -5.36 10.52 -30.58
N LEU E 606 -6.15 11.60 -30.60
CA LEU E 606 -6.78 12.02 -31.85
C LEU E 606 -5.75 12.46 -32.87
N LEU E 607 -4.74 13.22 -32.45
CA LEU E 607 -3.71 13.61 -33.39
C LEU E 607 -2.85 12.44 -33.80
N MET E 608 -2.64 11.47 -32.91
CA MET E 608 -1.93 10.27 -33.30
C MET E 608 -2.64 9.59 -34.46
N TRP E 609 -3.96 9.38 -34.33
CA TRP E 609 -4.70 8.75 -35.42
C TRP E 609 -4.67 9.60 -36.68
N LEU E 610 -5.11 10.85 -36.59
CA LEU E 610 -5.19 11.70 -37.77
C LEU E 610 -3.85 11.82 -38.47
N GLY E 611 -2.75 11.78 -37.72
CA GLY E 611 -1.44 11.78 -38.35
C GLY E 611 -1.08 10.45 -38.96
N LEU E 612 -1.57 9.36 -38.37
CA LEU E 612 -1.31 8.05 -38.97
C LEU E 612 -1.99 7.92 -40.33
N ASN E 613 -3.17 8.51 -40.50
CA ASN E 613 -3.96 8.24 -41.70
C ASN E 613 -4.27 9.46 -42.57
N THR E 614 -3.46 10.52 -42.54
CA THR E 614 -3.78 11.67 -43.40
C THR E 614 -3.02 11.66 -44.73
N LYS E 615 -1.98 10.84 -44.88
CA LYS E 615 -1.30 10.66 -46.17
C LYS E 615 -0.66 11.94 -46.73
N ASN E 616 0.33 12.49 -46.02
CA ASN E 616 1.06 13.67 -46.47
C ASN E 616 2.33 13.84 -45.63
N GLY E 617 2.95 15.03 -45.67
CA GLY E 617 3.93 15.38 -44.65
C GLY E 617 3.29 15.85 -43.37
N SER E 618 2.04 16.30 -43.45
CA SER E 618 1.29 16.54 -42.23
C SER E 618 1.21 15.31 -41.35
N ILE E 619 1.49 14.12 -41.89
CA ILE E 619 1.64 12.94 -41.02
C ILE E 619 2.80 13.15 -40.05
N SER E 620 3.92 13.67 -40.54
CA SER E 620 5.05 13.92 -39.67
C SER E 620 4.71 15.03 -38.69
N LEU E 621 4.08 16.10 -39.17
CA LEU E 621 3.68 17.18 -38.27
C LEU E 621 2.82 16.65 -37.12
N MET E 622 1.77 15.89 -37.46
CA MET E 622 0.83 15.45 -36.43
C MET E 622 1.44 14.39 -35.53
N CYS E 623 2.29 13.50 -36.04
CA CYS E 623 2.93 12.54 -35.16
C CYS E 623 3.86 13.22 -34.17
N LEU E 624 4.56 14.28 -34.61
CA LEU E 624 5.39 15.03 -33.66
C LEU E 624 4.54 15.75 -32.61
N ALA E 625 3.45 16.39 -33.05
CA ALA E 625 2.57 17.01 -32.07
C ALA E 625 2.06 15.98 -31.06
N LEU E 626 1.73 14.77 -31.52
CA LEU E 626 1.28 13.73 -30.61
C LEU E 626 2.39 13.33 -29.65
N GLY E 627 3.63 13.23 -30.13
CA GLY E 627 4.70 12.86 -29.24
C GLY E 627 4.90 13.89 -28.14
N GLY E 628 4.95 15.17 -28.53
CA GLY E 628 5.06 16.22 -27.53
C GLY E 628 3.97 16.11 -26.48
N VAL E 629 2.71 16.10 -26.94
CA VAL E 629 1.58 16.16 -26.01
C VAL E 629 1.57 14.93 -25.11
N LEU E 630 1.73 13.74 -25.67
CA LEU E 630 1.61 12.54 -24.86
C LEU E 630 2.78 12.40 -23.88
N ILE E 631 3.99 12.84 -24.25
CA ILE E 631 5.07 12.81 -23.26
C ILE E 631 4.78 13.79 -22.14
N PHE E 632 4.35 15.01 -22.47
CA PHE E 632 3.96 15.96 -21.45
C PHE E 632 2.95 15.35 -20.49
N LEU E 633 2.09 14.48 -21.00
CA LEU E 633 1.08 13.84 -20.16
C LEU E 633 1.68 12.77 -19.27
N SER E 634 2.38 11.81 -19.86
CA SER E 634 2.81 10.63 -19.13
C SER E 634 4.09 10.84 -18.34
N THR E 635 4.64 12.06 -18.34
CA THR E 635 5.68 12.37 -17.37
C THR E 635 5.14 12.24 -15.95
N ALA E 636 3.94 12.77 -15.70
CA ALA E 636 3.28 12.72 -14.40
C ALA E 636 4.15 13.35 -13.32
N ALA F 216 -20.51 30.67 -6.43
CA ALA F 216 -21.37 30.72 -7.61
C ALA F 216 -21.51 29.34 -8.20
N VAL F 217 -21.87 29.29 -9.47
CA VAL F 217 -22.07 28.02 -10.16
C VAL F 217 -20.90 27.69 -11.07
N THR F 218 -20.27 28.70 -11.68
CA THR F 218 -19.29 28.42 -12.74
C THR F 218 -17.95 27.96 -12.16
N LEU F 219 -17.25 28.84 -11.45
CA LEU F 219 -16.00 28.50 -10.78
C LEU F 219 -14.97 27.86 -11.70
N PRO F 220 -14.28 28.65 -12.52
CA PRO F 220 -13.34 28.08 -13.48
C PRO F 220 -12.28 27.23 -12.79
N SER F 221 -12.05 26.04 -13.33
CA SER F 221 -11.03 25.16 -12.79
C SER F 221 -9.64 25.69 -13.08
N HIS F 222 -8.73 25.45 -12.14
CA HIS F 222 -7.37 25.92 -12.25
C HIS F 222 -6.45 24.95 -12.99
N SER F 223 -6.90 23.71 -13.21
CA SER F 223 -6.05 22.78 -13.95
C SER F 223 -5.77 23.26 -15.36
N THR F 224 -6.55 24.21 -15.87
CA THR F 224 -6.23 24.86 -17.13
C THR F 224 -4.83 25.44 -17.10
N ARG F 225 -4.46 26.11 -16.02
CA ARG F 225 -3.17 26.77 -15.88
C ARG F 225 -2.22 25.99 -14.99
N LYS F 226 -2.24 24.67 -15.10
CA LYS F 226 -1.49 23.78 -14.21
C LYS F 226 -0.07 24.29 -14.02
N LEU F 227 0.23 24.75 -12.80
CA LEU F 227 1.56 25.25 -12.48
C LEU F 227 2.52 24.07 -12.40
N GLN F 228 3.58 24.11 -13.19
CA GLN F 228 4.44 22.95 -13.41
C GLN F 228 5.75 23.11 -12.66
N THR F 229 6.09 22.10 -11.88
CA THR F 229 7.38 22.00 -11.19
C THR F 229 7.50 20.59 -10.62
N ARG F 230 8.64 20.31 -9.99
CA ARG F 230 8.92 18.96 -9.53
C ARG F 230 7.94 18.53 -8.44
N SER F 231 7.63 19.43 -7.51
CA SER F 231 6.77 19.09 -6.40
C SER F 231 5.34 18.87 -6.87
N GLN F 232 4.61 18.04 -6.13
CA GLN F 232 3.21 17.78 -6.46
C GLN F 232 2.38 19.05 -6.32
N THR F 233 1.28 19.10 -7.05
CA THR F 233 0.37 20.23 -7.00
C THR F 233 -0.69 19.98 -5.92
N TRP F 234 -1.70 20.84 -5.84
CA TRP F 234 -2.63 20.76 -4.72
C TRP F 234 -3.36 19.43 -4.70
N LEU F 235 -4.08 19.10 -5.77
CA LEU F 235 -4.82 17.85 -5.87
C LEU F 235 -4.35 17.17 -7.12
N GLU F 236 -3.23 16.45 -7.03
CA GLU F 236 -2.74 15.75 -8.19
C GLU F 236 -3.31 14.35 -8.28
N SER F 237 -3.38 13.65 -7.16
CA SER F 237 -3.77 12.24 -7.19
C SER F 237 -5.21 12.03 -7.65
N ARG F 238 -5.98 13.10 -7.88
CA ARG F 238 -7.40 12.94 -8.13
C ARG F 238 -7.84 13.19 -9.57
N GLU F 239 -7.00 13.78 -10.42
CA GLU F 239 -7.49 14.24 -11.73
C GLU F 239 -7.97 13.07 -12.60
N TYR F 240 -7.14 12.03 -12.70
CA TYR F 240 -7.44 10.93 -13.60
C TYR F 240 -8.80 10.31 -13.29
N THR F 241 -8.93 9.79 -12.08
CA THR F 241 -10.18 9.15 -11.69
C THR F 241 -11.30 10.15 -11.60
N LYS F 242 -10.99 11.43 -11.39
CA LYS F 242 -12.04 12.44 -11.39
C LYS F 242 -12.82 12.41 -12.69
N HIS F 243 -12.13 12.69 -13.80
CA HIS F 243 -12.86 12.76 -15.07
C HIS F 243 -13.42 11.39 -15.47
N LEU F 244 -12.61 10.33 -15.34
CA LEU F 244 -13.12 9.03 -15.75
C LEU F 244 -14.34 8.62 -14.95
N ILE F 245 -14.34 8.89 -13.64
CA ILE F 245 -15.45 8.46 -12.80
C ILE F 245 -16.70 9.23 -13.15
N ARG F 246 -16.58 10.54 -13.41
CA ARG F 246 -17.77 11.29 -13.79
C ARG F 246 -18.41 10.70 -15.04
N VAL F 247 -17.61 10.48 -16.08
CA VAL F 247 -18.17 9.96 -17.33
C VAL F 247 -18.76 8.57 -17.13
N GLU F 248 -18.01 7.68 -16.48
CA GLU F 248 -18.47 6.32 -16.33
C GLU F 248 -19.76 6.24 -15.54
N ASN F 249 -19.86 7.01 -14.44
CA ASN F 249 -21.09 6.97 -13.67
C ASN F 249 -22.27 7.52 -14.48
N TRP F 250 -22.06 8.61 -15.22
CA TRP F 250 -23.20 9.14 -15.97
C TRP F 250 -23.68 8.15 -17.02
N ILE F 251 -22.76 7.49 -17.72
CA ILE F 251 -23.19 6.51 -18.72
C ILE F 251 -23.87 5.33 -18.05
N PHE F 252 -23.37 4.90 -16.90
CA PHE F 252 -23.97 3.75 -16.23
C PHE F 252 -25.37 4.07 -15.73
N ARG F 253 -25.65 5.34 -15.43
CA ARG F 253 -26.99 5.69 -14.99
C ARG F 253 -27.99 5.67 -16.13
N ASN F 254 -27.62 6.18 -17.31
CA ASN F 254 -28.51 6.26 -18.45
C ASN F 254 -27.96 5.46 -19.62
N PRO F 255 -28.37 4.21 -19.79
CA PRO F 255 -27.81 3.43 -20.90
C PRO F 255 -28.40 3.82 -22.25
N GLY F 256 -29.67 4.19 -22.30
CA GLY F 256 -30.32 4.42 -23.58
C GLY F 256 -29.63 5.46 -24.43
N PHE F 257 -28.99 6.44 -23.81
CA PHE F 257 -28.30 7.43 -24.61
C PHE F 257 -27.14 6.84 -25.38
N ALA F 258 -26.62 5.68 -24.95
CA ALA F 258 -25.64 5.00 -25.78
C ALA F 258 -26.22 4.63 -27.14
N LEU F 259 -27.44 4.08 -27.15
CA LEU F 259 -28.09 3.75 -28.41
C LEU F 259 -28.40 5.01 -29.21
N ALA F 260 -28.90 6.04 -28.55
CA ALA F 260 -29.19 7.28 -29.29
C ALA F 260 -27.93 7.85 -29.92
N ALA F 261 -26.81 7.81 -29.20
CA ALA F 261 -25.57 8.32 -29.73
C ALA F 261 -25.06 7.46 -30.87
N ALA F 262 -25.21 6.14 -30.76
CA ALA F 262 -24.82 5.28 -31.86
C ALA F 262 -25.57 5.63 -33.13
N ALA F 263 -26.88 5.86 -33.01
CA ALA F 263 -27.66 6.21 -34.19
C ALA F 263 -27.26 7.58 -34.75
N ILE F 264 -27.13 8.59 -33.88
CA ILE F 264 -26.79 9.91 -34.37
C ILE F 264 -25.37 9.94 -34.93
N ALA F 265 -24.53 8.99 -34.52
CA ALA F 265 -23.23 8.86 -35.17
C ALA F 265 -23.37 8.20 -36.54
N TRP F 266 -24.05 7.06 -36.59
CA TRP F 266 -24.15 6.29 -37.82
C TRP F 266 -24.78 7.10 -38.94
N LEU F 267 -25.69 8.01 -38.60
CA LEU F 267 -26.26 8.86 -39.65
C LEU F 267 -25.28 9.90 -40.16
N LEU F 268 -24.19 10.18 -39.44
CA LEU F 268 -23.25 11.22 -39.81
C LEU F 268 -21.89 10.62 -40.15
N GLY F 269 -21.23 11.19 -41.15
CA GLY F 269 -19.87 10.76 -41.43
C GLY F 269 -19.80 9.58 -42.36
N SER F 270 -18.99 9.72 -43.42
CA SER F 270 -18.91 8.67 -44.44
C SER F 270 -18.22 7.43 -43.92
N SER F 271 -16.93 7.54 -43.59
CA SER F 271 -16.13 6.37 -43.30
C SER F 271 -16.55 5.75 -41.96
N THR F 272 -15.91 4.64 -41.62
CA THR F 272 -16.15 4.03 -40.31
C THR F 272 -15.40 4.77 -39.21
N SER F 273 -14.15 5.17 -39.48
CA SER F 273 -13.37 5.85 -38.45
C SER F 273 -14.01 7.17 -38.06
N GLN F 274 -14.54 7.92 -39.03
CA GLN F 274 -15.20 9.16 -38.70
C GLN F 274 -16.44 8.91 -37.85
N LYS F 275 -17.17 7.84 -38.12
CA LYS F 275 -18.36 7.57 -37.32
C LYS F 275 -17.99 7.17 -35.90
N VAL F 276 -16.92 6.41 -35.71
CA VAL F 276 -16.55 6.06 -34.34
C VAL F 276 -16.03 7.28 -33.59
N ILE F 277 -15.29 8.14 -34.27
CA ILE F 277 -14.88 9.38 -33.63
C ILE F 277 -16.08 10.20 -33.22
N TYR F 278 -17.12 10.24 -34.06
CA TYR F 278 -18.34 10.95 -33.70
C TYR F 278 -19.01 10.33 -32.48
N LEU F 279 -19.10 9.02 -32.44
CA LEU F 279 -19.73 8.36 -31.29
C LEU F 279 -19.00 8.72 -30.01
N VAL F 280 -17.67 8.65 -30.01
CA VAL F 280 -16.91 8.96 -28.80
C VAL F 280 -17.09 10.41 -28.41
N MET F 281 -17.06 11.32 -29.38
CA MET F 281 -17.17 12.73 -29.03
C MET F 281 -18.55 13.08 -28.48
N ILE F 282 -19.60 12.43 -29.00
CA ILE F 282 -20.93 12.65 -28.43
C ILE F 282 -21.01 12.07 -27.03
N LEU F 283 -20.52 10.84 -26.85
CA LEU F 283 -20.58 10.21 -25.54
C LEU F 283 -19.73 10.93 -24.51
N LEU F 284 -18.82 11.81 -24.93
CA LEU F 284 -18.13 12.66 -23.96
C LEU F 284 -18.86 13.98 -23.75
N ILE F 285 -19.38 14.58 -24.80
CA ILE F 285 -19.95 15.91 -24.66
C ILE F 285 -21.29 15.85 -23.93
N ALA F 286 -21.96 14.70 -23.93
CA ALA F 286 -23.24 14.64 -23.22
C ALA F 286 -23.09 14.58 -21.71
N PRO F 287 -22.26 13.72 -21.12
CA PRO F 287 -22.20 13.64 -19.65
C PRO F 287 -21.80 14.93 -18.97
N ALA F 288 -21.12 15.82 -19.65
CA ALA F 288 -20.83 17.12 -19.08
C ALA F 288 -21.90 18.15 -19.40
N TYR F 289 -22.83 17.84 -20.29
CA TYR F 289 -23.76 18.83 -20.84
C TYR F 289 -23.00 20.08 -21.24
N SER F 290 -21.79 19.90 -21.74
CA SER F 290 -20.83 20.98 -21.85
C SER F 290 -21.27 22.09 -22.78
N GLU G 1 26.04 24.61 29.82
CA GLU G 1 25.20 23.42 29.98
C GLU G 1 23.73 23.76 29.76
N VAL G 2 22.95 22.74 29.37
CA VAL G 2 21.52 22.93 29.17
C VAL G 2 20.80 22.91 30.51
N GLN G 3 19.81 23.79 30.67
CA GLN G 3 18.96 23.81 31.84
C GLN G 3 17.50 23.78 31.43
N LEU G 4 16.75 22.83 31.97
CA LEU G 4 15.31 22.73 31.75
C LEU G 4 14.58 23.24 32.99
N VAL G 5 13.53 24.03 32.78
CA VAL G 5 12.78 24.61 33.88
C VAL G 5 11.29 24.34 33.69
N GLU G 6 10.68 23.66 34.66
CA GLU G 6 9.25 23.39 34.63
C GLU G 6 8.48 24.58 35.21
N SER G 7 7.21 24.67 34.83
CA SER G 7 6.33 25.70 35.35
C SER G 7 4.88 25.24 35.21
N GLY G 8 4.00 25.88 35.97
CA GLY G 8 2.57 25.66 35.86
C GLY G 8 1.98 24.67 36.85
N GLY G 9 2.80 24.02 37.67
CA GLY G 9 2.29 23.06 38.61
C GLY G 9 1.68 23.74 39.84
N GLY G 10 0.52 23.23 40.25
CA GLY G 10 -0.17 23.81 41.40
C GLY G 10 -1.32 22.94 41.83
N LEU G 11 -1.90 23.32 42.97
CA LEU G 11 -3.05 22.60 43.49
C LEU G 11 -4.28 22.85 42.60
N VAL G 12 -5.03 21.78 42.34
CA VAL G 12 -6.27 21.88 41.58
C VAL G 12 -7.21 20.79 42.06
N ARG G 13 -8.52 21.04 41.89
CA ARG G 13 -9.53 20.10 42.32
C ARG G 13 -9.59 18.89 41.40
N PRO G 14 -10.12 17.77 41.89
CA PRO G 14 -10.35 16.62 41.00
C PRO G 14 -11.28 16.98 39.85
N GLY G 15 -10.89 16.59 38.65
CA GLY G 15 -11.61 16.95 37.46
C GLY G 15 -11.19 18.25 36.81
N GLY G 16 -10.28 19.00 37.43
CA GLY G 16 -9.82 20.24 36.87
C GLY G 16 -8.86 20.06 35.73
N SER G 17 -8.52 21.17 35.09
CA SER G 17 -7.57 21.21 33.98
C SER G 17 -6.31 21.94 34.42
N LEU G 18 -5.18 21.57 33.81
CA LEU G 18 -3.90 22.13 34.20
C LEU G 18 -2.94 22.07 33.02
N ARG G 19 -2.20 23.15 32.81
CA ARG G 19 -1.27 23.25 31.69
C ARG G 19 0.14 23.41 32.22
N LEU G 20 0.95 22.35 32.05
CA LEU G 20 2.34 22.39 32.46
C LEU G 20 3.20 22.90 31.30
N SER G 21 4.28 23.60 31.65
CA SER G 21 5.17 24.18 30.65
C SER G 21 6.61 23.86 31.00
N CYS G 22 7.46 23.89 29.98
CA CYS G 22 8.88 23.58 30.13
C CYS G 22 9.67 24.53 29.26
N ALA G 23 10.61 25.24 29.87
CA ALA G 23 11.48 26.17 29.17
C ALA G 23 12.87 25.55 29.02
N ALA G 24 13.36 25.55 27.79
CA ALA G 24 14.66 24.99 27.44
C ALA G 24 15.57 26.07 26.85
N SER G 25 16.87 25.91 27.08
CA SER G 25 17.85 26.82 26.52
C SER G 25 19.21 26.15 26.51
N GLY G 26 20.04 26.52 25.53
CA GLY G 26 21.40 26.03 25.45
C GLY G 26 21.65 24.89 24.49
N PHE G 27 20.69 24.56 23.62
CA PHE G 27 20.89 23.51 22.65
C PHE G 27 19.88 23.68 21.53
N SER G 28 20.03 22.88 20.47
CA SER G 28 19.15 22.92 19.32
C SER G 28 17.82 22.28 19.69
N TYR G 29 16.97 23.06 20.35
CA TYR G 29 15.66 22.59 20.77
C TYR G 29 14.83 22.12 19.57
N SER G 30 14.97 22.80 18.44
CA SER G 30 14.18 22.48 17.25
C SER G 30 14.55 21.14 16.64
N ASN G 31 15.46 20.38 17.23
CA ASN G 31 15.91 19.13 16.64
C ASN G 31 15.88 17.93 17.59
N HIS G 32 15.46 18.11 18.84
CA HIS G 32 15.49 17.04 19.81
C HIS G 32 14.07 16.60 20.18
N TRP G 33 13.91 15.30 20.39
CA TRP G 33 12.68 14.79 20.98
C TRP G 33 12.55 15.29 22.41
N MET G 34 11.31 15.44 22.86
CA MET G 34 11.05 15.86 24.22
C MET G 34 10.12 14.85 24.89
N HIS G 35 10.32 14.66 26.20
CA HIS G 35 9.53 13.71 26.96
C HIS G 35 8.96 14.38 28.21
N TRP G 36 7.79 13.92 28.61
CA TRP G 36 7.22 14.21 29.91
C TRP G 36 7.17 12.92 30.71
N VAL G 37 7.78 12.92 31.89
CA VAL G 37 7.78 11.77 32.78
C VAL G 37 7.21 12.25 34.11
N ARG G 38 6.70 11.32 34.91
CA ARG G 38 6.17 11.67 36.21
C ARG G 38 6.64 10.70 37.28
N GLN G 39 6.57 11.16 38.52
CA GLN G 39 6.95 10.35 39.68
C GLN G 39 6.03 10.76 40.82
N ALA G 40 5.22 9.83 41.29
CA ALA G 40 4.32 10.12 42.39
C ALA G 40 5.11 10.25 43.70
N PRO G 41 4.61 11.02 44.67
CA PRO G 41 5.31 11.15 45.95
C PRO G 41 5.60 9.80 46.61
N GLY G 42 6.87 9.54 46.87
CA GLY G 42 7.28 8.26 47.45
C GLY G 42 7.21 7.09 46.51
N LYS G 43 6.99 7.31 45.21
CA LYS G 43 6.86 6.26 44.22
C LYS G 43 8.02 6.35 43.23
N GLY G 44 7.98 5.47 42.22
CA GLY G 44 9.01 5.42 41.21
C GLY G 44 8.69 6.29 40.00
N LEU G 45 9.61 6.26 39.03
CA LEU G 45 9.45 7.03 37.80
C LEU G 45 8.46 6.32 36.88
N VAL G 46 7.60 7.11 36.23
CA VAL G 46 6.60 6.60 35.30
C VAL G 46 6.60 7.47 34.06
N TRP G 47 6.94 6.87 32.91
CA TRP G 47 6.96 7.60 31.64
C TRP G 47 5.54 7.97 31.24
N VAL G 48 5.36 9.20 30.76
CA VAL G 48 4.05 9.73 30.40
C VAL G 48 3.89 9.88 28.89
N SER G 49 4.76 10.69 28.26
CA SER G 49 4.53 11.01 26.86
C SER G 49 5.81 11.50 26.20
N ARG G 50 5.79 11.53 24.86
CA ARG G 50 6.92 12.00 24.08
C ARG G 50 6.45 12.66 22.79
N ILE G 51 7.27 13.59 22.28
CA ILE G 51 6.96 14.33 21.07
C ILE G 51 8.25 14.60 20.30
N ASN G 52 8.11 14.85 19.00
CA ASN G 52 9.22 15.07 18.09
C ASN G 52 9.64 16.53 18.08
N SER G 53 10.49 16.87 17.11
CA SER G 53 10.96 18.24 16.96
C SER G 53 9.84 19.13 16.44
N ASP G 54 9.22 18.74 15.34
CA ASP G 54 8.20 19.57 14.70
C ASP G 54 6.84 19.46 15.37
N GLY G 55 6.63 18.44 16.20
CA GLY G 55 5.34 18.21 16.80
C GLY G 55 4.45 17.29 16.00
N SER G 56 4.98 16.65 14.95
CA SER G 56 4.17 15.75 14.14
C SER G 56 3.78 14.51 14.92
N THR G 57 4.75 13.84 15.53
CA THR G 57 4.51 12.59 16.24
C THR G 57 4.30 12.86 17.72
N ARG G 58 3.27 12.24 18.28
CA ARG G 58 3.00 12.32 19.71
C ARG G 58 2.65 10.94 20.20
N ASN G 59 3.36 10.47 21.22
CA ASN G 59 3.09 9.17 21.82
C ASN G 59 2.73 9.35 23.29
N TYR G 60 1.70 8.62 23.72
CA TYR G 60 1.22 8.68 25.08
C TYR G 60 1.20 7.28 25.66
N ALA G 61 1.40 7.18 26.97
CA ALA G 61 1.32 5.89 27.63
C ALA G 61 -0.12 5.41 27.68
N ASP G 62 -0.30 4.20 28.22
CA ASP G 62 -1.64 3.61 28.26
C ASP G 62 -2.53 4.29 29.30
N PHE G 63 -1.97 4.71 30.44
CA PHE G 63 -2.78 5.28 31.50
C PHE G 63 -3.44 6.59 31.07
N VAL G 64 -2.82 7.30 30.12
CA VAL G 64 -3.42 8.52 29.57
C VAL G 64 -4.25 8.08 28.37
N LYS G 65 -5.56 7.97 28.58
CA LYS G 65 -6.50 7.70 27.49
C LYS G 65 -7.01 9.02 26.92
N GLY G 66 -6.09 9.74 26.29
CA GLY G 66 -6.44 11.01 25.68
C GLY G 66 -6.65 12.16 26.63
N ARG G 67 -6.34 11.99 27.92
CA ARG G 67 -6.49 13.10 28.86
C ARG G 67 -5.40 14.15 28.65
N PHE G 68 -4.19 13.72 28.29
CA PHE G 68 -3.05 14.60 28.13
C PHE G 68 -2.90 15.01 26.67
N THR G 69 -2.30 16.19 26.46
CA THR G 69 -2.02 16.69 25.11
C THR G 69 -0.66 17.39 25.14
N ILE G 70 0.33 16.81 24.49
CA ILE G 70 1.67 17.37 24.49
C ILE G 70 1.85 18.21 23.23
N SER G 71 2.59 19.32 23.36
CA SER G 71 2.82 20.21 22.23
C SER G 71 4.10 20.99 22.49
N ARG G 72 4.52 21.79 21.51
CA ARG G 72 5.74 22.55 21.67
C ARG G 72 5.77 23.72 20.70
N ASP G 73 6.64 24.68 20.99
CA ASP G 73 6.93 25.81 20.12
C ASP G 73 8.45 25.92 20.05
N ASN G 74 9.01 25.51 18.90
CA ASN G 74 10.46 25.51 18.75
C ASN G 74 11.01 26.93 18.70
N ALA G 75 10.28 27.84 18.05
CA ALA G 75 10.75 29.23 17.98
C ALA G 75 10.89 29.86 19.36
N GLU G 76 10.07 29.43 20.31
CA GLU G 76 10.15 29.92 21.67
C GLU G 76 10.88 28.97 22.61
N ASN G 77 11.35 27.83 22.11
CA ASN G 77 12.02 26.82 22.94
C ASN G 77 11.14 26.41 24.11
N THR G 78 9.86 26.13 23.82
CA THR G 78 8.89 25.87 24.87
C THR G 78 8.20 24.53 24.63
N LEU G 79 7.90 23.84 25.73
CA LEU G 79 7.14 22.59 25.71
C LEU G 79 5.89 22.78 26.56
N TYR G 80 4.79 22.15 26.15
CA TYR G 80 3.53 22.26 26.86
C TYR G 80 2.91 20.88 27.03
N LEU G 81 2.20 20.71 28.14
CA LEU G 81 1.42 19.51 28.42
C LEU G 81 0.08 19.95 28.98
N GLU G 82 -0.96 19.94 28.14
CA GLU G 82 -2.32 20.18 28.57
C GLU G 82 -2.88 18.95 29.26
N MET G 83 -3.64 19.16 30.33
CA MET G 83 -4.21 18.09 31.13
C MET G 83 -5.66 18.42 31.41
N ASN G 84 -6.54 17.45 31.14
CA ASN G 84 -7.97 17.61 31.35
C ASN G 84 -8.50 16.47 32.20
N SER G 85 -9.49 16.78 33.03
CA SER G 85 -10.17 15.78 33.86
C SER G 85 -9.20 15.09 34.81
N LEU G 86 -8.48 15.90 35.59
CA LEU G 86 -7.50 15.37 36.52
C LEU G 86 -8.16 14.50 37.58
N THR G 87 -7.45 13.46 38.01
CA THR G 87 -7.88 12.66 39.15
C THR G 87 -6.78 12.63 40.20
N ALA G 88 -7.01 11.92 41.30
CA ALA G 88 -6.04 11.90 42.38
C ALA G 88 -4.81 11.08 42.04
N ASP G 89 -4.95 10.10 41.14
CA ASP G 89 -3.83 9.22 40.81
C ASP G 89 -2.70 9.96 40.11
N ASP G 90 -2.92 11.18 39.63
CA ASP G 90 -1.91 11.90 38.86
C ASP G 90 -1.17 12.96 39.68
N THR G 91 -1.48 13.12 40.96
CA THR G 91 -0.72 14.03 41.80
C THR G 91 0.71 13.54 41.93
N ALA G 92 1.66 14.34 41.44
CA ALA G 92 3.03 13.85 41.29
C ALA G 92 3.92 14.97 40.84
N VAL G 93 5.23 14.68 40.77
CA VAL G 93 6.20 15.59 40.20
C VAL G 93 6.40 15.21 38.73
N TYR G 94 6.29 16.20 37.85
CA TYR G 94 6.45 15.99 36.41
C TYR G 94 7.81 16.53 35.99
N TYR G 95 8.61 15.68 35.36
CA TYR G 95 9.93 16.04 34.87
C TYR G 95 9.89 16.19 33.35
N CYS G 96 10.47 17.29 32.88
CA CYS G 96 10.65 17.57 31.46
C CYS G 96 12.01 17.05 31.03
N VAL G 97 12.04 16.27 29.96
CA VAL G 97 13.24 15.51 29.58
C VAL G 97 13.61 15.82 28.14
N ARG G 98 14.91 16.00 27.91
CA ARG G 98 15.44 16.17 26.57
C ARG G 98 15.94 14.83 26.04
N ASP G 99 15.72 14.61 24.75
CA ASP G 99 16.17 13.37 24.08
C ASP G 99 17.23 13.74 23.05
N GLY G 100 18.49 13.56 23.42
CA GLY G 100 19.63 13.85 22.58
C GLY G 100 20.26 12.67 21.87
N VAL G 101 20.00 11.44 22.34
CA VAL G 101 20.59 10.27 21.70
C VAL G 101 20.12 10.19 20.25
N ARG G 102 18.81 10.38 20.03
CA ARG G 102 18.29 10.46 18.68
C ARG G 102 19.03 11.52 17.88
N PHE G 103 19.34 12.64 18.52
CA PHE G 103 20.16 13.68 17.89
C PHE G 103 21.62 13.26 17.91
N TYR G 105 22.55 10.12 15.86
CA TYR G 105 22.07 9.30 14.76
C TYR G 105 21.22 10.11 13.78
N ASP G 106 20.12 10.67 14.27
CA ASP G 106 19.16 11.41 13.45
C ASP G 106 19.13 12.85 13.93
N SER G 107 19.94 13.71 13.29
CA SER G 107 19.98 15.11 13.68
C SER G 107 18.71 15.87 13.35
N THR G 108 17.76 15.24 12.67
CA THR G 108 16.50 15.91 12.35
C THR G 108 15.48 15.78 13.47
N GLY G 109 15.51 14.68 14.20
CA GLY G 109 14.56 14.47 15.27
C GLY G 109 13.13 14.28 14.82
N TYR G 110 12.92 14.00 13.53
CA TYR G 110 11.57 13.88 12.99
C TYR G 110 11.13 12.42 12.82
N TYR G 111 11.93 11.62 12.11
CA TYR G 111 11.51 10.28 11.72
C TYR G 111 11.36 9.38 12.94
N PRO G 112 10.16 8.91 13.27
CA PRO G 112 9.93 8.12 14.50
C PRO G 112 10.08 6.61 14.27
N ASP G 113 11.31 6.17 13.99
CA ASP G 113 11.58 4.76 13.74
C ASP G 113 11.11 3.90 14.92
N SER G 114 10.83 2.64 14.63
CA SER G 114 10.46 1.69 15.67
C SER G 114 11.70 1.17 16.40
N PHE G 115 11.66 1.22 17.73
CA PHE G 115 12.75 0.73 18.57
C PHE G 115 14.08 1.43 18.26
N PHE G 116 14.06 2.76 18.28
CA PHE G 116 15.30 3.49 18.08
C PHE G 116 16.01 3.72 19.41
N LYS G 117 17.33 3.82 19.34
CA LYS G 117 18.14 3.93 20.55
C LYS G 117 17.87 5.23 21.29
N TYR G 118 17.96 5.17 22.62
CA TYR G 118 17.66 6.32 23.46
C TYR G 118 18.28 6.13 24.83
N GLY G 119 18.42 7.24 25.56
CA GLY G 119 18.67 7.20 26.99
C GLY G 119 18.59 8.57 27.61
N MET G 120 17.78 8.75 28.65
CA MET G 120 17.37 10.08 29.12
C MET G 120 18.28 10.58 30.23
N ASP G 121 19.19 11.49 29.90
CA ASP G 121 20.12 12.04 30.88
C ASP G 121 19.82 13.49 31.27
N VAL G 122 19.15 14.26 30.42
CA VAL G 122 18.90 15.68 30.70
C VAL G 122 17.45 15.80 31.15
N TRP G 123 17.28 16.12 32.43
CA TRP G 123 15.98 16.23 33.07
C TRP G 123 15.84 17.60 33.71
N GLY G 124 14.61 18.09 33.75
CA GLY G 124 14.32 19.26 34.54
C GLY G 124 14.17 18.89 36.00
N GLN G 125 13.99 19.92 36.84
CA GLN G 125 13.82 19.67 38.27
C GLN G 125 12.43 19.12 38.58
N GLY G 126 11.47 19.27 37.66
CA GLY G 126 10.13 18.76 37.89
C GLY G 126 9.26 19.75 38.65
N THR G 127 7.98 19.76 38.29
CA THR G 127 7.00 20.61 38.95
C THR G 127 5.94 19.73 39.61
N THR G 128 5.49 20.14 40.78
CA THR G 128 4.54 19.35 41.56
C THR G 128 3.11 19.73 41.17
N VAL G 129 2.29 18.71 40.89
CA VAL G 129 0.85 18.89 40.73
C VAL G 129 0.16 18.12 41.85
N THR G 130 -0.82 18.77 42.47
CA THR G 130 -1.53 18.25 43.63
C THR G 130 -3.02 18.29 43.34
N VAL G 131 -3.63 17.11 43.19
CA VAL G 131 -5.08 17.01 42.96
C VAL G 131 -5.71 16.71 44.32
N SER G 132 -6.07 17.76 45.04
CA SER G 132 -6.70 17.60 46.35
C SER G 132 -7.90 18.52 46.49
N VAL H 8 13.78 -5.31 44.64
CA VAL H 8 13.25 -4.13 45.32
C VAL H 8 14.38 -3.36 46.01
N SER H 9 15.32 -4.10 46.59
CA SER H 9 16.42 -3.48 47.32
C SER H 9 17.63 -4.39 47.28
N VAL H 10 18.81 -3.78 47.44
CA VAL H 10 20.08 -4.51 47.52
C VAL H 10 20.95 -3.83 48.57
N SER H 11 21.69 -4.63 49.33
CA SER H 11 22.59 -4.14 50.36
C SER H 11 24.03 -4.41 49.97
N GLY H 12 24.92 -3.49 50.30
CA GLY H 12 26.31 -3.62 49.94
C GLY H 12 27.23 -2.92 50.93
N SER H 13 28.47 -3.39 50.96
CA SER H 13 29.52 -2.85 51.80
C SER H 13 30.49 -2.00 50.98
N PRO H 14 31.15 -1.02 51.59
CA PRO H 14 32.12 -0.20 50.84
C PRO H 14 33.21 -1.08 50.22
N GLY H 15 33.48 -0.84 48.93
CA GLY H 15 34.50 -1.57 48.21
C GLY H 15 34.02 -2.79 47.46
N GLN H 16 32.81 -3.26 47.74
CA GLN H 16 32.30 -4.47 47.10
C GLN H 16 31.53 -4.12 45.82
N SER H 17 31.08 -5.16 45.12
CA SER H 17 30.37 -5.03 43.85
C SER H 17 28.96 -5.57 43.99
N ILE H 18 27.99 -4.85 43.43
CA ILE H 18 26.59 -5.22 43.49
C ILE H 18 26.00 -5.17 42.09
N THR H 19 25.07 -6.10 41.83
CA THR H 19 24.43 -6.22 40.52
C THR H 19 22.92 -6.12 40.69
N ILE H 20 22.31 -5.18 39.97
CA ILE H 20 20.86 -4.99 39.95
C ILE H 20 20.34 -5.53 38.62
N SER H 21 19.33 -6.39 38.69
CA SER H 21 18.80 -7.04 37.50
C SER H 21 17.48 -6.39 37.08
N CYS H 22 17.20 -6.50 35.78
CA CYS H 22 15.99 -5.96 35.17
C CYS H 22 15.47 -6.99 34.18
N THR H 23 14.23 -7.44 34.39
CA THR H 23 13.64 -8.48 33.58
C THR H 23 12.24 -8.08 33.15
N GLY H 24 11.97 -8.18 31.85
CA GLY H 24 10.63 -8.08 31.32
C GLY H 24 10.19 -9.45 30.85
N THR H 25 8.90 -9.72 30.93
CA THR H 25 8.36 -11.05 30.64
C THR H 25 7.89 -11.12 29.20
N SER H 26 8.53 -11.98 28.41
CA SER H 26 8.08 -12.35 27.07
C SER H 26 7.91 -11.13 26.18
N SER H 27 9.01 -10.41 25.96
CA SER H 27 9.02 -9.25 25.07
C SER H 27 10.08 -9.48 23.99
N ASN H 28 9.68 -10.20 22.94
CA ASN H 28 10.40 -10.30 21.66
C ASN H 28 11.83 -10.78 21.78
N ALA H 29 12.36 -10.96 22.99
CA ALA H 29 13.75 -11.34 23.21
C ALA H 29 14.73 -10.37 22.54
N ASP H 30 14.30 -9.11 22.36
CA ASP H 30 15.13 -8.08 21.74
C ASP H 30 15.42 -6.98 22.76
N THR H 31 14.37 -6.60 23.49
CA THR H 31 14.22 -5.41 24.33
C THR H 31 15.49 -5.00 25.08
N TYR H 32 16.15 -5.95 25.72
CA TYR H 32 17.26 -5.60 26.61
C TYR H 32 18.42 -4.96 25.87
N ASN H 33 18.45 -5.02 24.54
CA ASN H 33 19.49 -4.32 23.81
C ASN H 33 19.37 -2.80 23.96
N LEU H 34 18.18 -2.32 24.29
CA LEU H 34 17.90 -0.89 24.38
C LEU H 34 17.58 -0.43 25.80
N VAL H 35 17.79 -1.28 26.81
CA VAL H 35 17.50 -0.90 28.19
C VAL H 35 18.47 0.19 28.64
N SER H 36 17.94 1.19 29.33
CA SER H 36 18.72 2.27 29.90
C SER H 36 18.59 2.26 31.42
N TRP H 37 19.69 2.61 32.09
CA TRP H 37 19.77 2.61 33.55
C TRP H 37 19.96 4.03 34.04
N TYR H 38 19.13 4.42 35.02
CA TYR H 38 19.09 5.77 35.58
C TYR H 38 19.27 5.70 37.08
N GLN H 39 19.99 6.69 37.62
CA GLN H 39 20.25 6.82 39.04
C GLN H 39 19.51 8.04 39.58
N GLN H 40 18.87 7.88 40.74
CA GLN H 40 18.21 8.97 41.43
C GLN H 40 18.65 8.94 42.89
N ARG H 41 19.48 9.89 43.28
CA ARG H 41 19.88 10.00 44.67
C ARG H 41 18.75 10.64 45.47
N PRO H 42 18.73 10.44 46.80
CA PRO H 42 17.65 11.02 47.62
C PRO H 42 17.49 12.51 47.44
N GLY H 43 16.34 12.93 46.92
CA GLY H 43 16.05 14.34 46.74
C GLY H 43 16.75 15.00 45.57
N LYS H 44 17.33 14.21 44.66
CA LYS H 44 18.04 14.75 43.50
C LYS H 44 17.29 14.39 42.22
N ALA H 45 17.57 15.17 41.16
CA ALA H 45 17.01 14.87 39.87
C ALA H 45 17.66 13.60 39.30
N PRO H 46 16.90 12.79 38.56
CA PRO H 46 17.45 11.51 38.09
C PRO H 46 18.59 11.73 37.10
N LYS H 47 19.60 10.88 37.19
CA LYS H 47 20.73 10.90 36.27
C LYS H 47 20.86 9.54 35.62
N LEU H 48 21.15 9.54 34.32
CA LEU H 48 21.29 8.29 33.58
C LEU H 48 22.73 7.80 33.68
N MET H 49 22.90 6.53 34.01
CA MET H 49 24.22 5.92 34.04
C MET H 49 24.51 5.05 32.83
N ILE H 50 23.49 4.55 32.14
CA ILE H 50 23.72 3.59 31.06
C ILE H 50 22.63 3.78 30.01
N TYR H 51 23.03 3.72 28.75
CA TYR H 51 22.07 3.72 27.65
C TYR H 51 22.47 2.68 26.62
N GLU H 52 21.51 2.33 25.77
CA GLU H 52 21.68 1.29 24.76
C GLU H 52 22.11 -0.04 25.37
N GLY H 53 21.70 -0.29 26.61
CA GLY H 53 22.05 -1.53 27.28
C GLY H 53 23.39 -1.59 27.98
N THR H 54 24.47 -1.22 27.29
CA THR H 54 25.80 -1.36 27.85
C THR H 54 26.71 -0.14 27.68
N LYS H 55 26.31 0.85 26.90
CA LYS H 55 27.17 2.00 26.66
C LYS H 55 27.05 2.98 27.81
N ARG H 56 28.19 3.49 28.27
CA ARG H 56 28.23 4.43 29.37
C ARG H 56 28.56 5.82 28.86
N PRO H 57 27.83 6.86 29.28
CA PRO H 57 28.11 8.21 28.80
C PRO H 57 29.44 8.73 29.33
N SER H 58 29.94 9.76 28.66
CA SER H 58 31.09 10.49 29.16
C SER H 58 30.70 11.28 30.41
N GLY H 59 31.61 11.32 31.39
CA GLY H 59 31.35 11.95 32.65
C GLY H 59 30.89 11.00 33.74
N VAL H 60 30.11 9.98 33.38
CA VAL H 60 29.73 8.95 34.33
C VAL H 60 30.96 8.12 34.67
N SER H 61 31.17 7.88 35.96
CA SER H 61 32.35 7.17 36.41
C SER H 61 32.45 5.78 35.79
N ASN H 62 33.68 5.36 35.49
CA ASN H 62 33.93 4.01 35.00
C ASN H 62 33.58 2.94 36.03
N ARG H 63 33.25 3.35 37.26
CA ARG H 63 32.85 2.40 38.29
C ARG H 63 31.61 1.62 37.88
N PHE H 64 30.68 2.27 37.19
CA PHE H 64 29.45 1.62 36.76
C PHE H 64 29.67 0.86 35.45
N SER H 65 29.11 -0.35 35.37
CA SER H 65 29.19 -1.15 34.15
C SER H 65 27.85 -1.82 33.94
N ALA H 66 27.65 -2.36 32.74
CA ALA H 66 26.37 -2.94 32.38
C ALA H 66 26.58 -4.16 31.50
N SER H 67 25.64 -5.10 31.59
CA SER H 67 25.65 -6.31 30.79
C SER H 67 24.22 -6.65 30.43
N LYS H 68 24.05 -7.46 29.38
CA LYS H 68 22.72 -7.78 28.89
C LYS H 68 22.73 -9.19 28.29
N SER H 69 21.57 -9.84 28.36
CA SER H 69 21.38 -11.14 27.75
C SER H 69 20.05 -11.18 26.99
N ALA H 70 19.65 -12.36 26.54
CA ALA H 70 18.35 -12.51 25.89
C ALA H 70 17.21 -12.61 26.88
N THR H 71 17.48 -12.57 28.18
CA THR H 71 16.44 -12.74 29.20
C THR H 71 16.43 -11.66 30.27
N ALA H 72 17.53 -10.94 30.49
CA ALA H 72 17.56 -9.91 31.53
C ALA H 72 18.77 -9.03 31.30
N ALA H 73 18.79 -7.90 32.02
CA ALA H 73 19.91 -6.97 31.98
C ALA H 73 20.42 -6.79 33.39
N SER H 74 21.71 -6.46 33.51
CA SER H 74 22.36 -6.36 34.81
C SER H 74 23.23 -5.10 34.86
N LEU H 75 23.16 -4.41 35.98
CA LEU H 75 23.98 -3.24 36.25
C LEU H 75 24.92 -3.56 37.41
N THR H 76 26.23 -3.38 37.18
CA THR H 76 27.25 -3.79 38.12
C THR H 76 28.04 -2.58 38.60
N ILE H 77 28.10 -2.41 39.93
CA ILE H 77 28.83 -1.33 40.55
C ILE H 77 29.89 -1.96 41.45
N SER H 78 31.15 -1.81 41.08
CA SER H 78 32.26 -2.37 41.84
C SER H 78 32.94 -1.27 42.65
N GLY H 79 33.45 -1.64 43.83
CA GLY H 79 34.03 -0.66 44.71
C GLY H 79 33.00 0.31 45.23
N LEU H 80 31.97 -0.22 45.90
CA LEU H 80 30.85 0.58 46.35
C LEU H 80 31.30 1.74 47.22
N GLN H 81 30.67 2.89 47.03
CA GLN H 81 30.92 4.07 47.83
C GLN H 81 29.63 4.52 48.51
N PRO H 82 29.73 5.24 49.63
CA PRO H 82 28.51 5.75 50.29
C PRO H 82 27.65 6.62 49.40
N GLU H 83 28.22 7.24 48.36
CA GLU H 83 27.42 7.98 47.39
C GLU H 83 26.45 7.07 46.66
N ASP H 84 26.85 5.81 46.44
CA ASP H 84 26.10 4.93 45.54
C ASP H 84 24.69 4.64 46.05
N GLU H 85 24.46 4.79 47.35
CA GLU H 85 23.13 4.55 47.90
C GLU H 85 22.11 5.48 47.25
N ALA H 86 21.19 4.90 46.48
CA ALA H 86 20.22 5.67 45.71
C ALA H 86 19.19 4.70 45.13
N ASP H 87 18.22 5.24 44.41
CA ASP H 87 17.24 4.44 43.69
C ASP H 87 17.69 4.29 42.25
N TYR H 88 17.63 3.06 41.74
CA TYR H 88 18.06 2.76 40.39
C TYR H 88 16.88 2.24 39.58
N TYR H 89 16.72 2.77 38.38
CA TYR H 89 15.58 2.45 37.53
C TYR H 89 16.04 2.04 36.15
N CYS H 90 15.50 0.93 35.64
CA CYS H 90 15.71 0.54 34.25
C CYS H 90 14.49 0.92 33.43
N CYS H 91 14.74 1.19 32.15
CA CYS H 91 13.67 1.63 31.25
C CYS H 91 13.92 1.06 29.87
N SER H 92 12.83 0.78 29.15
CA SER H 92 12.93 0.29 27.79
C SER H 92 11.60 0.52 27.08
N TYR H 93 11.50 -0.04 25.87
CA TYR H 93 10.29 0.05 25.09
C TYR H 93 9.27 -0.99 25.53
N ALA H 94 8.04 -0.57 25.76
CA ALA H 94 6.95 -1.52 25.93
C ALA H 94 6.47 -2.03 24.58
N THR H 95 6.21 -1.11 23.65
CA THR H 95 5.98 -1.43 22.25
C THR H 95 6.85 -0.48 21.43
N SER H 96 6.60 -0.43 20.12
CA SER H 96 7.41 0.43 19.27
C SER H 96 7.26 1.90 19.64
N ARG H 97 6.06 2.32 20.04
CA ARG H 97 5.82 3.68 20.53
C ARG H 97 5.37 3.61 21.98
N THR H 98 6.33 3.57 22.90
CA THR H 98 6.08 3.61 24.34
C THR H 98 7.42 3.63 25.05
N LEU H 99 7.38 3.95 26.34
CA LEU H 99 8.51 3.77 27.23
C LEU H 99 7.97 3.42 28.60
N VAL H 100 8.74 2.62 29.34
CA VAL H 100 8.27 2.08 30.61
C VAL H 100 9.47 1.95 31.55
N PHE H 101 9.28 2.40 32.79
CA PHE H 101 10.31 2.31 33.80
C PHE H 101 10.06 1.11 34.70
N GLY H 102 11.14 0.51 35.18
CA GLY H 102 11.03 -0.65 36.04
C GLY H 102 10.54 -0.30 37.43
N GLY H 103 10.39 -1.34 38.25
CA GLY H 103 9.94 -1.15 39.61
C GLY H 103 10.93 -0.40 40.49
N GLY H 104 12.18 -0.32 40.07
CA GLY H 104 13.16 0.41 40.85
C GLY H 104 13.73 -0.41 41.99
N THR H 105 15.01 -0.20 42.26
CA THR H 105 15.70 -0.89 43.33
C THR H 105 16.42 0.13 44.21
N LYS H 106 16.19 0.05 45.52
CA LYS H 106 16.81 0.95 46.48
C LYS H 106 18.10 0.33 46.98
N LEU H 107 19.24 0.90 46.58
CA LEU H 107 20.55 0.41 46.97
C LEU H 107 21.05 1.21 48.15
N THR H 108 21.30 0.54 49.26
CA THR H 108 21.79 1.19 50.48
C THR H 108 23.32 1.18 50.53
N ILE I 136 -64.40 32.90 -6.93
CA ILE I 136 -64.13 32.69 -5.51
C ILE I 136 -62.98 31.72 -5.37
N ARG I 137 -61.86 32.24 -4.90
CA ARG I 137 -60.64 31.46 -4.64
C ARG I 137 -59.87 31.17 -5.92
N CYS I 138 -60.47 31.46 -7.06
CA CYS I 138 -59.84 31.21 -8.36
C CYS I 138 -59.86 32.41 -9.30
N ILE I 139 -60.43 33.52 -8.82
CA ILE I 139 -60.56 34.73 -9.63
C ILE I 139 -59.25 35.36 -10.07
N GLY I 140 -58.26 35.37 -9.18
CA GLY I 140 -56.99 35.99 -9.48
C GLY I 140 -55.79 35.08 -9.63
N VAL I 141 -56.00 33.78 -9.83
CA VAL I 141 -54.87 32.86 -9.79
C VAL I 141 -53.99 33.00 -11.03
N SER I 142 -54.56 33.36 -12.17
CA SER I 142 -53.86 33.56 -13.44
C SER I 142 -53.29 32.27 -14.01
N ASN I 143 -53.61 31.12 -13.43
CA ASN I 143 -53.17 29.84 -13.96
C ASN I 143 -54.32 28.84 -13.92
N ARG I 144 -55.53 29.34 -14.07
CA ARG I 144 -56.72 28.51 -13.92
C ARG I 144 -57.33 28.20 -15.28
N ASP I 145 -57.98 27.04 -15.36
CA ASP I 145 -58.63 26.61 -16.59
C ASP I 145 -60.02 26.09 -16.27
N PHE I 146 -60.95 26.32 -17.19
CA PHE I 146 -62.35 25.99 -16.99
C PHE I 146 -62.64 24.61 -17.56
N VAL I 147 -63.28 23.77 -16.75
CA VAL I 147 -63.67 22.43 -17.17
C VAL I 147 -65.18 22.39 -17.26
N GLU I 148 -65.69 22.28 -18.48
CA GLU I 148 -67.13 22.21 -18.73
C GLU I 148 -67.43 20.83 -19.30
N GLY I 149 -67.99 19.95 -18.47
CA GLY I 149 -68.13 18.57 -18.86
C GLY I 149 -69.55 18.02 -18.87
N MET I 150 -69.93 17.47 -20.01
CA MET I 150 -71.23 16.83 -20.23
C MET I 150 -71.03 15.33 -20.47
N SER I 151 -70.20 14.69 -19.64
CA SER I 151 -69.81 13.31 -19.89
C SER I 151 -71.02 12.40 -19.95
N GLY I 152 -71.69 12.22 -18.83
CA GLY I 152 -72.93 11.48 -18.75
C GLY I 152 -73.87 12.27 -17.89
N GLY I 153 -73.40 13.43 -17.47
CA GLY I 153 -74.05 14.22 -16.45
C GLY I 153 -73.69 13.81 -15.05
N THR I 154 -72.79 12.84 -14.88
CA THR I 154 -72.50 12.30 -13.56
C THR I 154 -71.09 12.62 -13.10
N TRP I 155 -70.07 12.32 -13.91
CA TRP I 155 -68.69 12.49 -13.47
C TRP I 155 -67.87 13.16 -14.57
N VAL I 156 -66.92 13.98 -14.14
CA VAL I 156 -65.93 14.58 -15.02
C VAL I 156 -64.59 14.51 -14.30
N ASP I 157 -63.59 14.02 -15.01
CA ASP I 157 -62.28 13.79 -14.40
C ASP I 157 -61.43 15.04 -14.55
N VAL I 158 -60.52 15.25 -13.61
CA VAL I 158 -59.75 16.48 -13.53
C VAL I 158 -58.44 16.20 -12.82
N VAL I 159 -57.36 16.79 -13.33
CA VAL I 159 -56.04 16.69 -12.71
C VAL I 159 -55.75 18.01 -12.02
N LEU I 160 -55.29 17.93 -10.77
CA LEU I 160 -55.04 19.11 -9.95
C LEU I 160 -53.55 19.33 -9.81
N GLU I 161 -53.15 20.59 -9.94
CA GLU I 161 -51.75 20.98 -9.83
C GLU I 161 -51.63 22.09 -8.80
N HIS I 162 -50.43 22.23 -8.24
CA HIS I 162 -50.24 23.21 -7.19
C HIS I 162 -50.37 24.63 -7.71
N GLY I 163 -49.83 24.91 -8.89
CA GLY I 163 -49.77 26.28 -9.35
C GLY I 163 -51.13 26.93 -9.47
N GLY I 164 -52.08 26.23 -10.08
CA GLY I 164 -53.38 26.82 -10.32
C GLY I 164 -54.53 26.01 -9.76
N CYS I 165 -55.76 26.40 -10.13
CA CYS I 165 -56.93 25.72 -9.62
C CYS I 165 -57.96 25.61 -10.72
N VAL I 166 -58.89 24.68 -10.54
CA VAL I 166 -59.82 24.28 -11.58
C VAL I 166 -61.21 24.73 -11.19
N THR I 167 -61.85 25.51 -12.04
CA THR I 167 -63.23 25.90 -11.83
C THR I 167 -64.12 25.02 -12.70
N VAL I 168 -64.86 24.12 -12.07
CA VAL I 168 -65.70 23.15 -12.76
C VAL I 168 -67.10 23.72 -12.84
N MET I 169 -67.63 23.80 -14.04
CA MET I 169 -68.96 24.32 -14.30
C MET I 169 -69.76 23.27 -15.06
N ALA I 170 -70.92 22.91 -14.54
CA ALA I 170 -71.77 21.91 -15.15
C ALA I 170 -72.91 22.60 -15.92
N GLN I 171 -73.83 21.79 -16.44
CA GLN I 171 -74.94 22.35 -17.22
C GLN I 171 -75.88 23.15 -16.33
N ASP I 172 -76.36 22.55 -15.24
CA ASP I 172 -77.31 23.19 -14.34
C ASP I 172 -76.92 22.92 -12.89
N LYS I 173 -75.65 23.10 -12.57
CA LYS I 173 -75.14 22.88 -11.23
C LYS I 173 -74.24 24.05 -10.83
N PRO I 174 -74.06 24.28 -9.53
CA PRO I 174 -73.26 25.43 -9.09
C PRO I 174 -71.79 25.26 -9.44
N THR I 175 -71.17 26.36 -9.86
CA THR I 175 -69.77 26.35 -10.24
C THR I 175 -68.89 26.11 -9.02
N VAL I 176 -68.07 25.07 -9.06
CA VAL I 176 -67.23 24.69 -7.92
C VAL I 176 -65.77 24.93 -8.28
N ASP I 177 -65.07 25.69 -7.45
CA ASP I 177 -63.65 25.94 -7.66
C ASP I 177 -62.84 25.08 -6.69
N ILE I 178 -61.90 24.32 -7.23
CA ILE I 178 -61.15 23.34 -6.45
C ILE I 178 -59.67 23.66 -6.59
N GLU I 179 -58.92 23.60 -5.49
CA GLU I 179 -57.50 23.84 -5.52
C GLU I 179 -56.77 22.90 -4.57
N LEU I 180 -55.66 22.35 -5.04
CA LEU I 180 -54.77 21.62 -4.15
C LEU I 180 -53.90 22.62 -3.41
N VAL I 181 -53.68 22.38 -2.12
CA VAL I 181 -53.00 23.34 -1.25
C VAL I 181 -51.63 22.84 -0.80
N THR I 182 -51.59 21.73 -0.07
CA THR I 182 -50.32 21.22 0.46
C THR I 182 -50.34 19.70 0.44
N THR I 183 -49.18 19.09 0.23
CA THR I 183 -49.05 17.65 0.32
C THR I 183 -48.07 17.31 1.42
N THR I 184 -48.55 16.70 2.50
CA THR I 184 -47.68 16.44 3.65
C THR I 184 -47.28 14.97 3.69
N VAL I 185 -46.00 14.74 3.95
CA VAL I 185 -45.46 13.40 4.14
C VAL I 185 -45.08 13.26 5.61
N SER I 186 -45.23 12.06 6.14
CA SER I 186 -45.06 11.86 7.58
C SER I 186 -44.42 10.51 7.86
N ASN I 187 -43.81 10.40 9.04
CA ASN I 187 -43.10 9.21 9.53
C ASN I 187 -42.17 8.64 8.46
N MET I 188 -41.14 9.42 8.14
CA MET I 188 -40.09 8.96 7.26
C MET I 188 -38.97 8.27 8.05
N ALA I 189 -38.16 7.49 7.35
CA ALA I 189 -37.13 6.65 7.97
C ALA I 189 -35.76 7.05 7.44
N GLU I 190 -34.86 7.43 8.34
CA GLU I 190 -33.54 7.93 7.94
C GLU I 190 -32.74 6.85 7.20
N VAL I 191 -31.98 7.28 6.19
CA VAL I 191 -31.21 6.38 5.34
C VAL I 191 -29.91 7.07 4.94
N ARG I 192 -28.77 6.51 5.35
CA ARG I 192 -27.48 6.86 4.77
C ARG I 192 -27.16 8.34 4.84
N SER I 193 -26.82 8.85 6.01
CA SER I 193 -26.48 10.26 6.16
C SER I 193 -25.01 10.50 5.83
N TYR I 194 -24.74 11.65 5.21
CA TYR I 194 -23.42 12.05 4.73
C TYR I 194 -22.82 13.11 5.64
N CYS I 195 -21.54 13.40 5.44
CA CYS I 195 -20.80 14.42 6.18
C CYS I 195 -20.21 15.41 5.20
N TYR I 196 -20.57 16.68 5.33
CA TYR I 196 -20.07 17.67 4.39
C TYR I 196 -19.12 18.66 5.01
N GLU I 197 -18.68 18.48 6.26
CA GLU I 197 -17.68 19.34 6.87
C GLU I 197 -16.87 18.51 7.86
N ALA I 198 -15.61 18.30 7.57
CA ALA I 198 -14.75 17.47 8.38
C ALA I 198 -13.82 18.32 9.24
N SER I 199 -13.36 17.71 10.34
CA SER I 199 -12.36 18.31 11.20
C SER I 199 -11.37 17.24 11.61
N ILE I 200 -10.11 17.62 11.72
CA ILE I 200 -9.02 16.67 11.91
C ILE I 200 -8.38 16.92 13.27
N SER I 201 -7.47 16.04 13.65
CA SER I 201 -6.99 15.94 15.03
C SER I 201 -5.54 15.47 15.00
N ASP I 202 -5.13 14.81 16.09
CA ASP I 202 -3.73 14.60 16.39
C ASP I 202 -3.03 13.69 15.38
N MET I 203 -2.36 14.32 14.42
CA MET I 203 -1.60 13.59 13.43
C MET I 203 -0.50 12.76 14.10
N ALA I 204 -0.13 11.66 13.44
CA ALA I 204 1.00 10.86 13.87
C ALA I 204 1.57 10.17 12.64
N SER I 205 2.77 9.62 12.79
CA SER I 205 3.45 9.01 11.65
C SER I 205 4.43 7.97 12.14
N ASP I 206 4.96 7.21 11.18
CA ASP I 206 5.95 6.18 11.48
C ASP I 206 6.76 5.90 10.21
N SER I 207 7.92 5.37 10.40
CA SER I 207 8.65 5.08 9.22
C SER I 207 9.59 4.08 9.56
N ARG I 208 9.70 3.02 8.82
CA ARG I 208 10.64 2.04 9.20
C ARG I 208 11.50 1.59 8.14
N CYS I 209 12.59 2.34 7.93
CA CYS I 209 13.72 2.02 7.05
C CYS I 209 13.62 1.88 5.53
N PRO I 210 14.75 1.49 4.93
CA PRO I 210 15.03 1.14 3.57
C PRO I 210 14.90 -0.29 3.36
N THR I 211 15.31 -1.12 4.29
CA THR I 211 15.08 -2.56 4.14
C THR I 211 14.61 -3.10 5.49
N GLN I 212 13.32 -2.91 5.73
CA GLN I 212 12.56 -3.57 6.78
C GLN I 212 11.18 -3.77 6.17
N GLY I 213 10.17 -3.93 7.00
CA GLY I 213 8.88 -4.22 6.44
C GLY I 213 8.17 -2.96 6.01
N GLU I 214 6.98 -2.73 6.53
CA GLU I 214 6.24 -1.51 6.23
C GLU I 214 5.81 -0.89 7.55
N ALA I 215 5.63 0.42 7.53
CA ALA I 215 5.29 1.10 8.77
C ALA I 215 3.95 0.62 9.29
N TYR I 216 3.81 0.61 10.61
CA TYR I 216 2.55 0.22 11.24
C TYR I 216 2.38 1.03 12.51
N LEU I 217 1.42 1.95 12.51
CA LEU I 217 1.01 2.61 13.74
C LEU I 217 0.02 1.75 14.49
N ASP I 218 0.03 1.86 15.82
CA ASP I 218 -0.99 1.15 16.58
C ASP I 218 -2.35 1.82 16.48
N LYS I 219 -2.42 3.01 15.89
CA LYS I 219 -3.68 3.68 15.65
C LYS I 219 -4.24 3.39 14.26
N GLN I 220 -3.75 2.34 13.61
CA GLN I 220 -4.38 1.84 12.39
C GLN I 220 -5.44 0.80 12.69
N SER I 221 -5.45 0.26 13.90
CA SER I 221 -6.47 -0.71 14.32
C SER I 221 -7.65 -0.01 14.97
N ASP I 222 -7.93 1.22 14.55
CA ASP I 222 -9.02 2.02 15.07
C ASP I 222 -9.82 2.55 13.90
N THR I 223 -11.14 2.47 13.99
CA THR I 223 -12.01 2.88 12.89
C THR I 223 -12.38 4.34 12.98
N GLN I 224 -11.53 5.15 13.58
CA GLN I 224 -11.73 6.58 13.66
C GLN I 224 -10.58 7.35 13.04
N TYR I 225 -9.56 6.66 12.55
CA TYR I 225 -8.36 7.29 12.03
C TYR I 225 -8.23 7.01 10.54
N VAL I 226 -7.91 8.05 9.78
CA VAL I 226 -7.55 7.91 8.37
C VAL I 226 -6.05 7.72 8.30
N CYS I 227 -5.60 6.70 7.56
CA CYS I 227 -4.19 6.38 7.50
C CYS I 227 -3.76 6.13 6.07
N LYS I 228 -2.60 6.67 5.71
CA LYS I 228 -2.06 6.53 4.36
C LYS I 228 -0.62 6.05 4.45
N ARG I 229 -0.25 5.19 3.51
CA ARG I 229 1.07 4.55 3.48
C ARG I 229 1.79 4.94 2.19
N THR I 230 3.04 5.36 2.31
CA THR I 230 3.78 5.85 1.15
C THR I 230 5.27 5.57 1.32
N LEU I 231 6.06 6.09 0.40
CA LEU I 231 7.49 5.86 0.32
C LEU I 231 8.26 7.16 0.50
N VAL I 232 9.35 7.12 1.25
CA VAL I 232 10.14 8.30 1.58
C VAL I 232 11.61 7.97 1.43
N ASP I 233 12.40 8.94 0.96
CA ASP I 233 13.83 8.76 0.80
C ASP I 233 14.54 8.82 2.15
N ARG I 234 15.36 7.81 2.43
CA ARG I 234 16.05 7.71 3.71
C ARG I 234 17.46 7.22 3.52
N GLY I 235 18.27 7.32 4.57
CA GLY I 235 19.63 6.80 4.53
C GLY I 235 20.81 7.75 4.53
N TRP I 236 21.57 7.63 5.63
CA TRP I 236 22.82 8.33 6.00
C TRP I 236 22.61 9.73 6.58
N GLY I 237 21.38 10.21 6.55
CA GLY I 237 21.02 11.51 7.09
C GLY I 237 19.78 11.42 7.96
N ASN I 238 19.23 10.22 8.13
CA ASN I 238 18.00 10.12 8.90
C ASN I 238 18.11 9.07 9.99
N GLY I 239 19.03 8.12 9.87
CA GLY I 239 19.27 7.22 10.98
C GLY I 239 19.47 5.76 10.64
N CYS I 240 19.19 5.36 9.41
CA CYS I 240 19.24 3.95 9.04
C CYS I 240 20.19 3.77 7.88
N GLY I 241 21.21 2.93 8.06
CA GLY I 241 22.19 2.76 7.01
C GLY I 241 21.76 1.80 5.92
N LEU I 242 21.27 2.38 4.83
CA LEU I 242 20.89 1.80 3.55
C LEU I 242 20.22 2.95 2.82
N PHE I 243 20.10 2.84 1.50
CA PHE I 243 19.71 4.01 0.74
C PHE I 243 18.45 3.88 -0.10
N GLY I 244 17.73 2.78 -0.01
CA GLY I 244 16.52 2.66 -0.80
C GLY I 244 15.41 3.61 -0.37
N LYS I 245 14.19 3.33 -0.79
CA LYS I 245 13.03 4.09 -0.37
C LYS I 245 12.47 3.49 0.91
N GLY I 246 12.19 4.35 1.89
CA GLY I 246 11.62 3.92 3.14
C GLY I 246 10.13 3.68 3.01
N SER I 247 9.47 3.53 4.16
CA SER I 247 8.02 3.43 4.18
C SER I 247 7.49 4.26 5.33
N LEU I 248 6.58 5.18 5.01
CA LEU I 248 6.07 6.13 5.99
C LEU I 248 4.55 6.03 6.03
N VAL I 249 4.00 5.92 7.23
CA VAL I 249 2.56 5.85 7.43
C VAL I 249 2.14 7.03 8.27
N THR I 250 1.07 7.71 7.86
CA THR I 250 0.54 8.83 8.62
C THR I 250 -0.93 8.59 8.92
N CYS I 251 -1.32 8.91 10.15
CA CYS I 251 -2.68 8.70 10.62
C CYS I 251 -3.20 9.96 11.28
N ALA I 252 -4.47 10.24 11.07
CA ALA I 252 -5.09 11.42 11.65
C ALA I 252 -6.53 11.12 12.03
N LYS I 253 -6.97 11.68 13.15
CA LYS I 253 -8.31 11.42 13.66
C LYS I 253 -9.34 12.29 12.95
N PHE I 254 -10.51 11.71 12.68
CA PHE I 254 -11.54 12.31 11.85
C PHE I 254 -12.80 12.57 12.68
N ALA I 255 -13.42 13.73 12.51
CA ALA I 255 -14.65 14.07 13.22
C ALA I 255 -15.54 14.94 12.33
N CYS I 256 -16.86 14.73 12.39
CA CYS I 256 -17.75 15.41 11.45
C CYS I 256 -18.29 16.72 12.02
N SER I 257 -18.91 17.47 11.12
CA SER I 257 -19.57 18.74 11.42
C SER I 257 -20.80 18.94 10.53
N LYS I 258 -21.97 19.08 11.16
CA LYS I 258 -23.28 19.36 10.55
C LYS I 258 -23.97 18.24 9.77
N LYS I 259 -23.37 17.06 9.75
CA LYS I 259 -23.96 15.88 9.09
C LYS I 259 -24.40 16.04 7.62
N MET I 260 -25.63 15.57 7.38
CA MET I 260 -26.31 15.57 6.09
C MET I 260 -27.22 14.37 6.25
N THR I 261 -28.52 14.51 6.01
CA THR I 261 -29.36 13.32 6.20
C THR I 261 -30.41 13.18 5.11
N GLY I 262 -30.49 12.00 4.52
CA GLY I 262 -31.56 11.63 3.63
C GLY I 262 -32.52 10.65 4.29
N LYS I 263 -33.80 10.84 4.02
CA LYS I 263 -34.86 10.01 4.57
C LYS I 263 -35.70 9.49 3.42
N SER I 264 -36.32 8.32 3.62
CA SER I 264 -37.07 7.68 2.56
C SER I 264 -38.52 8.13 2.61
N ILE I 265 -39.16 8.16 1.44
CA ILE I 265 -40.56 8.49 1.32
C ILE I 265 -41.25 7.32 0.65
N GLN I 266 -42.05 6.57 1.41
CA GLN I 266 -42.90 5.57 0.82
C GLN I 266 -44.16 6.24 0.31
N PRO I 267 -44.81 5.69 -0.73
CA PRO I 267 -45.96 6.37 -1.32
C PRO I 267 -47.19 6.34 -0.45
N GLU I 268 -47.19 5.56 0.61
CA GLU I 268 -48.28 5.57 1.57
C GLU I 268 -47.96 6.63 2.62
N ASN I 269 -48.91 6.79 3.56
CA ASN I 269 -48.78 7.72 4.69
C ASN I 269 -48.37 9.14 4.24
N LEU I 270 -48.79 9.55 3.05
CA LEU I 270 -48.68 10.94 2.62
C LEU I 270 -50.07 11.42 2.24
N GLU I 271 -50.48 12.53 2.82
CA GLU I 271 -51.83 13.04 2.62
C GLU I 271 -51.81 14.32 1.78
N TYR I 272 -52.86 14.48 0.98
CA TYR I 272 -53.10 15.70 0.23
C TYR I 272 -54.27 16.43 0.89
N ARG I 273 -54.27 17.76 0.75
CA ARG I 273 -55.32 18.59 1.31
C ARG I 273 -55.88 19.46 0.21
N ILE I 274 -57.16 19.30 -0.08
CA ILE I 274 -57.82 20.00 -1.16
C ILE I 274 -58.82 20.99 -0.56
N MET I 275 -58.75 22.23 -1.01
CA MET I 275 -59.67 23.27 -0.56
C MET I 275 -60.59 23.61 -1.71
N LEU I 276 -61.89 23.54 -1.48
CA LEU I 276 -62.83 23.84 -2.53
C LEU I 276 -63.87 24.82 -2.03
N SER I 277 -64.49 25.52 -2.98
CA SER I 277 -65.43 26.59 -2.67
C SER I 277 -66.43 26.68 -3.81
N VAL I 278 -67.46 27.50 -3.63
CA VAL I 278 -68.53 27.65 -4.60
C VAL I 278 -68.70 29.13 -4.90
N HIS I 279 -69.23 29.41 -6.07
CA HIS I 279 -69.60 30.78 -6.43
C HIS I 279 -70.97 31.07 -5.83
N GLY I 280 -71.60 32.17 -6.26
CA GLY I 280 -72.91 32.49 -5.75
C GLY I 280 -72.99 33.68 -4.83
N SER I 281 -73.11 33.44 -3.52
CA SER I 281 -73.53 34.46 -2.57
C SER I 281 -72.39 35.11 -1.83
N GLN I 282 -71.13 34.83 -2.18
CA GLN I 282 -70.01 35.31 -1.41
C GLN I 282 -69.56 36.69 -1.90
N HIS I 283 -69.31 37.59 -0.95
CA HIS I 283 -68.77 38.91 -1.26
C HIS I 283 -67.27 38.81 -1.50
N SER I 284 -66.73 39.81 -2.21
CA SER I 284 -65.34 39.84 -2.63
C SER I 284 -64.36 39.60 -1.49
N GLY I 285 -64.73 39.95 -0.26
CA GLY I 285 -63.84 39.74 0.85
C GLY I 285 -63.45 38.28 1.02
N MET I 286 -64.39 37.38 0.81
CA MET I 286 -64.16 35.95 0.98
C MET I 286 -63.60 35.31 -0.29
N ILE I 287 -62.42 35.77 -0.69
CA ILE I 287 -61.68 35.16 -1.79
C ILE I 287 -60.50 34.35 -1.28
N VAL I 288 -59.69 34.92 -0.40
CA VAL I 288 -58.59 34.21 0.25
C VAL I 288 -58.68 34.54 1.73
N ASN I 289 -59.30 33.64 2.49
CA ASN I 289 -59.43 33.82 3.93
C ASN I 289 -59.73 32.47 4.56
N ASP I 290 -58.91 32.07 5.53
CA ASP I 290 -59.06 30.79 6.21
C ASP I 290 -59.27 31.07 7.69
N THR I 291 -60.52 31.36 8.07
CA THR I 291 -60.87 31.55 9.47
C THR I 291 -61.81 30.45 9.95
N GLY I 292 -62.98 30.31 9.33
CA GLY I 292 -63.87 29.21 9.65
C GLY I 292 -64.51 28.62 8.41
N HIS I 293 -64.23 27.34 8.13
CA HIS I 293 -64.93 26.61 7.10
C HIS I 293 -65.84 25.53 7.68
N GLU I 294 -65.89 25.40 9.00
CA GLU I 294 -66.75 24.39 9.61
C GLU I 294 -68.22 24.73 9.44
N THR I 295 -68.59 26.00 9.65
CA THR I 295 -69.99 26.41 9.66
C THR I 295 -70.25 27.60 8.75
N ASP I 296 -69.57 27.68 7.60
CA ASP I 296 -69.79 28.79 6.67
C ASP I 296 -70.39 28.36 5.34
N GLU I 297 -70.67 27.07 5.15
CA GLU I 297 -71.61 26.55 4.18
C GLU I 297 -71.14 26.63 2.72
N ASN I 298 -70.02 27.30 2.45
CA ASN I 298 -69.60 27.49 1.07
C ASN I 298 -68.19 27.04 0.77
N ARG I 299 -67.37 26.73 1.77
CA ARG I 299 -66.02 26.27 1.56
C ARG I 299 -65.80 24.99 2.34
N ALA I 300 -65.05 24.06 1.77
CA ALA I 300 -64.79 22.79 2.43
C ALA I 300 -63.34 22.39 2.23
N LYS I 301 -62.89 21.49 3.09
CA LYS I 301 -61.52 21.00 3.09
C LYS I 301 -61.54 19.49 3.15
N VAL I 302 -60.76 18.84 2.29
CA VAL I 302 -60.77 17.39 2.16
C VAL I 302 -59.34 16.89 2.33
N GLU I 303 -59.15 15.94 3.24
CA GLU I 303 -57.89 15.23 3.39
C GLU I 303 -58.01 13.91 2.64
N ILE I 304 -57.02 13.61 1.80
CA ILE I 304 -57.05 12.44 0.95
C ILE I 304 -55.75 11.67 1.12
N THR I 305 -55.86 10.41 1.49
CA THR I 305 -54.72 9.55 1.77
C THR I 305 -54.85 8.28 0.94
N PRO I 306 -53.76 7.52 0.81
CA PRO I 306 -53.90 6.18 0.22
C PRO I 306 -54.89 5.31 0.98
N ASN I 307 -55.03 5.51 2.28
CA ASN I 307 -55.91 4.68 3.09
C ASN I 307 -57.36 5.11 3.00
N SER I 308 -57.65 6.31 2.50
CA SER I 308 -59.04 6.77 2.32
C SER I 308 -59.10 7.66 1.09
N PRO I 309 -58.98 7.06 -0.09
CA PRO I 309 -58.79 7.87 -1.30
C PRO I 309 -60.02 8.61 -1.75
N ARG I 310 -61.20 8.28 -1.26
CA ARG I 310 -62.41 8.94 -1.69
C ARG I 310 -63.01 9.71 -0.53
N ALA I 311 -63.63 10.85 -0.84
CA ALA I 311 -64.27 11.62 0.21
C ALA I 311 -65.37 12.48 -0.39
N GLU I 312 -66.32 12.87 0.45
CA GLU I 312 -67.42 13.73 0.05
C GLU I 312 -67.28 15.08 0.71
N ALA I 313 -67.23 16.14 -0.10
CA ALA I 313 -67.22 17.49 0.42
C ALA I 313 -68.67 17.93 0.57
N THR I 314 -69.13 18.01 1.81
CA THR I 314 -70.52 18.36 2.09
C THR I 314 -70.66 19.88 2.13
N LEU I 315 -71.46 20.42 1.22
CA LEU I 315 -71.78 21.84 1.20
C LEU I 315 -73.26 21.96 1.50
N GLY I 316 -73.57 22.39 2.73
CA GLY I 316 -74.94 22.48 3.19
C GLY I 316 -75.82 23.29 2.26
N GLY I 317 -76.97 22.75 1.89
CA GLY I 317 -77.86 23.40 0.96
C GLY I 317 -77.46 23.25 -0.49
N PHE I 318 -76.21 22.89 -0.76
CA PHE I 318 -75.74 22.57 -2.10
C PHE I 318 -75.65 21.08 -2.34
N GLY I 319 -75.75 20.26 -1.29
CA GLY I 319 -75.54 18.83 -1.44
C GLY I 319 -74.13 18.41 -1.06
N SER I 320 -73.54 17.51 -1.83
CA SER I 320 -72.20 17.05 -1.52
C SER I 320 -71.50 16.64 -2.81
N LEU I 321 -70.29 17.15 -3.01
CA LEU I 321 -69.50 16.82 -4.19
C LEU I 321 -68.60 15.64 -3.87
N GLY I 322 -68.76 14.54 -4.60
CA GLY I 322 -67.91 13.37 -4.36
C GLY I 322 -66.59 13.53 -5.08
N LEU I 323 -65.51 13.13 -4.43
CA LEU I 323 -64.17 13.19 -4.98
C LEU I 323 -63.55 11.81 -4.88
N ASP I 324 -63.13 11.25 -6.02
CA ASP I 324 -62.32 10.03 -6.04
C ASP I 324 -60.95 10.41 -6.54
N CYS I 325 -59.91 10.02 -5.80
CA CYS I 325 -58.58 10.49 -6.14
C CYS I 325 -57.61 9.32 -6.20
N GLU I 326 -56.56 9.49 -6.98
CA GLU I 326 -55.52 8.46 -7.06
C GLU I 326 -54.23 9.00 -6.48
N PRO I 327 -54.00 8.86 -5.19
CA PRO I 327 -52.82 9.48 -4.58
C PRO I 327 -51.53 8.71 -4.78
N ARG I 328 -51.60 7.38 -4.96
CA ARG I 328 -50.36 6.61 -5.07
C ARG I 328 -49.61 6.99 -6.34
N THR I 329 -50.30 7.03 -7.46
CA THR I 329 -49.69 7.49 -8.70
C THR I 329 -49.54 8.98 -8.77
N GLY I 330 -49.51 9.71 -7.66
CA GLY I 330 -49.39 11.15 -7.71
C GLY I 330 -48.14 11.65 -8.40
N LEU I 331 -47.00 11.69 -7.68
CA LEU I 331 -45.75 12.18 -8.27
C LEU I 331 -44.62 11.24 -7.87
N ASP I 332 -44.45 10.17 -8.65
CA ASP I 332 -43.16 9.52 -8.81
C ASP I 332 -42.55 8.95 -7.53
N PHE I 333 -43.25 9.11 -6.40
CA PHE I 333 -42.67 8.76 -5.09
C PHE I 333 -42.19 7.31 -5.06
N SER I 334 -41.37 7.00 -4.06
CA SER I 334 -40.54 5.81 -3.97
C SER I 334 -39.29 6.04 -4.80
N ASP I 335 -39.21 7.21 -5.42
CA ASP I 335 -38.01 7.62 -6.11
C ASP I 335 -37.42 8.91 -5.57
N LEU I 336 -38.04 9.51 -4.56
CA LEU I 336 -37.58 10.78 -4.01
C LEU I 336 -37.29 10.60 -2.53
N TYR I 337 -36.05 10.87 -2.14
CA TYR I 337 -35.69 11.02 -0.75
C TYR I 337 -35.91 12.46 -0.29
N TYR I 338 -36.13 12.61 1.01
CA TYR I 338 -36.14 13.91 1.66
C TYR I 338 -34.72 14.21 2.13
N LEU I 339 -34.25 15.42 1.90
CA LEU I 339 -32.86 15.76 2.21
C LEU I 339 -32.81 16.95 3.13
N THR I 340 -32.04 16.86 4.21
CA THR I 340 -31.83 17.95 5.14
C THR I 340 -30.34 18.22 5.31
N MET I 341 -29.95 19.49 5.25
CA MET I 341 -28.58 19.89 5.55
C MET I 341 -28.50 20.71 6.82
N ASN I 342 -29.15 21.88 6.87
CA ASN I 342 -29.31 22.62 8.12
C ASN I 342 -30.54 23.51 7.94
N ASN I 343 -31.69 23.03 8.41
CA ASN I 343 -32.93 23.77 8.38
C ASN I 343 -33.37 24.12 6.97
N LYS I 344 -32.83 23.44 5.97
CA LYS I 344 -33.30 23.56 4.60
C LYS I 344 -33.54 22.16 4.06
N HIS I 345 -34.76 21.88 3.61
CA HIS I 345 -35.12 20.55 3.18
C HIS I 345 -35.48 20.55 1.70
N TRP I 346 -34.98 19.55 0.99
CA TRP I 346 -35.20 19.40 -0.44
C TRP I 346 -35.83 18.04 -0.72
N LEU I 347 -36.41 17.92 -1.91
CA LEU I 347 -36.74 16.63 -2.49
C LEU I 347 -35.64 16.28 -3.46
N VAL I 348 -35.11 15.07 -3.35
CA VAL I 348 -33.90 14.68 -4.06
C VAL I 348 -34.13 13.32 -4.69
N HIS I 349 -33.78 13.18 -5.96
CA HIS I 349 -34.06 11.93 -6.64
C HIS I 349 -33.21 10.81 -6.03
N LYS I 350 -33.66 9.58 -6.20
CA LYS I 350 -32.73 8.49 -5.98
C LYS I 350 -31.71 8.50 -7.10
N GLU I 351 -30.65 7.71 -6.93
CA GLU I 351 -29.55 7.62 -7.88
C GLU I 351 -28.80 8.93 -7.97
N TRP I 352 -29.25 9.97 -7.29
CA TRP I 352 -28.43 11.12 -6.95
C TRP I 352 -28.03 11.07 -5.50
N PHE I 353 -28.68 10.23 -4.70
CA PHE I 353 -28.38 10.11 -3.30
C PHE I 353 -27.79 8.74 -3.02
N HIS I 354 -27.11 8.18 -4.00
CA HIS I 354 -26.21 7.07 -3.75
C HIS I 354 -24.85 7.24 -4.39
N ASP I 355 -24.76 7.94 -5.51
CA ASP I 355 -23.49 8.20 -6.16
C ASP I 355 -23.01 9.62 -5.89
N ILE I 356 -22.93 10.00 -4.62
CA ILE I 356 -22.41 11.31 -4.25
C ILE I 356 -21.21 11.06 -3.34
N PRO I 357 -20.05 11.61 -3.67
CA PRO I 357 -18.80 11.15 -3.03
C PRO I 357 -18.43 11.91 -1.76
N LEU I 358 -19.10 11.59 -0.67
CA LEU I 358 -18.78 12.16 0.63
C LEU I 358 -18.83 11.03 1.65
N PRO I 359 -18.15 11.16 2.78
CA PRO I 359 -18.16 10.10 3.78
C PRO I 359 -19.57 9.84 4.28
N TRP I 360 -19.99 8.58 4.25
CA TRP I 360 -21.37 8.22 4.50
C TRP I 360 -21.49 7.26 5.67
N HIS I 361 -22.40 7.56 6.58
CA HIS I 361 -22.81 6.59 7.58
C HIS I 361 -23.86 5.69 6.97
N ALA I 362 -24.50 4.83 7.76
CA ALA I 362 -25.44 3.87 7.20
C ALA I 362 -26.68 3.71 8.09
N GLY I 363 -27.23 4.82 8.58
CA GLY I 363 -28.50 4.73 9.26
C GLY I 363 -28.58 5.36 10.63
N ALA I 364 -28.82 4.53 11.65
CA ALA I 364 -29.10 5.03 12.99
C ALA I 364 -27.80 5.33 13.72
N ASP I 365 -27.53 6.61 13.96
CA ASP I 365 -26.43 7.00 14.82
C ASP I 365 -26.76 6.63 16.26
N THR I 366 -26.06 5.64 16.81
CA THR I 366 -26.41 5.12 18.12
C THR I 366 -25.35 5.42 19.17
N GLY I 367 -24.12 4.98 18.97
CA GLY I 367 -23.08 5.23 19.93
C GLY I 367 -21.98 6.09 19.36
N THR I 368 -20.90 5.46 18.96
CA THR I 368 -19.74 6.13 18.39
C THR I 368 -19.85 6.07 16.87
N PRO I 369 -19.67 7.19 16.18
CA PRO I 369 -19.90 7.21 14.73
C PRO I 369 -18.73 6.64 13.96
N HIS I 370 -19.05 5.94 12.88
CA HIS I 370 -18.04 5.44 11.94
C HIS I 370 -18.51 5.78 10.53
N TRP I 371 -17.61 6.32 9.72
CA TRP I 371 -17.90 6.72 8.35
C TRP I 371 -17.15 5.80 7.40
N ASN I 372 -17.89 5.15 6.51
CA ASN I 372 -17.29 4.20 5.59
C ASN I 372 -16.31 4.78 4.58
N ASN I 373 -16.64 5.92 3.97
CA ASN I 373 -15.72 6.45 2.97
C ASN I 373 -14.36 6.89 3.48
N LYS I 374 -14.32 7.72 4.53
CA LYS I 374 -13.08 8.23 5.14
C LYS I 374 -12.16 8.72 4.02
N GLU I 375 -12.82 9.13 2.96
CA GLU I 375 -12.14 9.53 1.76
C GLU I 375 -12.89 10.67 1.15
N ALA I 376 -12.19 11.44 0.34
CA ALA I 376 -12.76 12.58 -0.35
C ALA I 376 -12.89 13.77 0.61
N LEU I 377 -12.56 13.54 1.88
CA LEU I 377 -12.62 14.57 2.89
C LEU I 377 -11.25 14.77 3.51
N VAL I 378 -10.28 13.92 3.15
CA VAL I 378 -8.96 14.10 3.73
C VAL I 378 -7.94 13.98 2.60
N GLU I 379 -7.03 14.93 2.52
CA GLU I 379 -6.06 15.01 1.44
C GLU I 379 -4.67 14.78 2.00
N PHE I 380 -4.00 13.74 1.48
CA PHE I 380 -2.69 13.31 1.97
C PHE I 380 -1.58 13.81 1.06
N LYS I 381 -1.18 15.06 1.25
CA LYS I 381 -0.08 15.53 0.42
C LYS I 381 1.22 15.08 1.05
N ASP I 382 2.30 15.15 0.29
CA ASP I 382 3.63 14.93 0.84
C ASP I 382 4.58 15.98 0.32
N ALA I 383 5.59 16.29 1.13
CA ALA I 383 6.58 17.27 0.76
C ALA I 383 7.51 16.63 -0.25
N HIS I 384 8.65 17.27 -0.53
CA HIS I 384 9.56 16.74 -1.55
C HIS I 384 10.19 15.47 -1.01
N ALA I 385 9.40 14.39 -1.07
CA ALA I 385 9.83 13.01 -0.85
C ALA I 385 10.24 12.70 0.58
N LYS I 386 10.21 13.66 1.51
CA LYS I 386 10.79 13.42 2.82
C LYS I 386 9.82 13.67 3.97
N ARG I 387 8.53 13.73 3.71
CA ARG I 387 7.56 14.03 4.75
C ARG I 387 6.17 13.66 4.28
N GLN I 388 5.20 13.86 5.15
CA GLN I 388 3.79 13.71 4.78
C GLN I 388 2.96 14.68 5.59
N THR I 389 1.87 15.14 4.97
CA THR I 389 0.99 16.12 5.57
C THR I 389 -0.45 15.77 5.25
N VAL I 390 -1.33 16.00 6.21
CA VAL I 390 -2.74 15.65 6.10
C VAL I 390 -3.55 16.92 6.27
N VAL I 391 -4.42 17.22 5.31
CA VAL I 391 -5.29 18.38 5.41
C VAL I 391 -6.71 17.95 5.14
N VAL I 392 -7.67 18.78 5.52
CA VAL I 392 -9.08 18.51 5.22
C VAL I 392 -9.58 19.53 4.21
N LEU I 393 -10.59 19.13 3.45
CA LEU I 393 -11.25 20.03 2.51
C LEU I 393 -12.01 21.03 3.39
N GLY I 394 -12.26 22.24 2.89
CA GLY I 394 -12.91 23.23 3.74
C GLY I 394 -14.29 22.89 4.29
N SER I 395 -15.20 22.42 3.42
CA SER I 395 -16.57 22.03 3.83
C SER I 395 -17.33 21.31 2.72
N GLN I 396 -17.21 21.87 1.51
CA GLN I 396 -17.82 21.39 0.25
C GLN I 396 -19.35 21.56 0.15
N GLU I 397 -19.94 22.31 1.08
CA GLU I 397 -21.39 22.55 1.08
C GLU I 397 -21.85 23.35 -0.14
N GLY I 398 -21.05 24.36 -0.46
CA GLY I 398 -21.30 25.26 -1.57
C GLY I 398 -21.41 24.42 -2.82
N ALA I 399 -20.78 23.26 -2.80
CA ALA I 399 -20.92 22.35 -3.93
C ALA I 399 -22.28 21.68 -3.92
N VAL I 400 -22.73 21.20 -2.75
CA VAL I 400 -24.01 20.53 -2.69
C VAL I 400 -25.16 21.49 -2.97
N HIS I 401 -24.97 22.78 -2.73
CA HIS I 401 -25.99 23.74 -3.11
C HIS I 401 -26.05 23.92 -4.62
N THR I 402 -24.91 23.85 -5.31
CA THR I 402 -24.94 23.89 -6.77
C THR I 402 -25.08 22.50 -7.38
N ALA I 403 -24.67 21.45 -6.68
CA ALA I 403 -24.95 20.11 -7.17
C ALA I 403 -26.45 19.89 -7.31
N LEU I 404 -27.22 20.43 -6.37
CA LEU I 404 -28.68 20.42 -6.48
C LEU I 404 -29.11 21.53 -7.42
N ALA I 405 -29.59 21.17 -8.59
CA ALA I 405 -30.24 22.15 -9.45
C ALA I 405 -31.30 21.40 -10.21
N GLY I 406 -32.56 21.81 -10.04
CA GLY I 406 -33.64 20.96 -10.46
C GLY I 406 -34.13 20.00 -9.40
N ALA I 407 -33.95 20.34 -8.13
CA ALA I 407 -34.53 19.58 -7.04
C ALA I 407 -35.54 20.46 -6.33
N LEU I 408 -36.72 19.91 -6.05
CA LEU I 408 -37.80 20.71 -5.49
C LEU I 408 -37.50 21.15 -4.07
N GLU I 409 -38.01 22.31 -3.72
CA GLU I 409 -37.88 22.85 -2.37
C GLU I 409 -39.07 22.42 -1.53
N ALA I 410 -38.80 21.95 -0.32
CA ALA I 410 -39.85 21.51 0.60
C ALA I 410 -39.66 22.18 1.95
N GLU I 411 -40.74 22.24 2.72
CA GLU I 411 -40.67 22.80 4.06
C GLU I 411 -40.98 21.71 5.07
N MET I 412 -40.68 21.97 6.35
CA MET I 412 -40.83 20.94 7.36
C MET I 412 -41.39 21.53 8.64
N ASP I 413 -42.48 20.92 9.13
CA ASP I 413 -43.07 21.28 10.41
C ASP I 413 -43.12 20.03 11.29
N GLY I 414 -42.47 20.10 12.44
CA GLY I 414 -42.38 18.94 13.30
C GLY I 414 -41.78 17.76 12.58
N ALA I 415 -42.34 16.58 12.84
CA ALA I 415 -41.90 15.37 12.15
C ALA I 415 -42.47 15.24 10.74
N LYS I 416 -43.20 16.24 10.25
CA LYS I 416 -43.87 16.16 8.96
C LYS I 416 -43.21 17.11 7.97
N GLY I 417 -43.26 16.74 6.70
CA GLY I 417 -42.71 17.58 5.66
C GLY I 417 -43.75 17.97 4.63
N ARG I 418 -43.96 19.27 4.45
CA ARG I 418 -44.92 19.77 3.47
C ARG I 418 -44.19 20.02 2.15
N LEU I 419 -44.58 19.30 1.11
CA LEU I 419 -44.22 19.67 -0.24
C LEU I 419 -45.31 20.58 -0.79
N SER I 420 -44.88 21.62 -1.49
CA SER I 420 -45.80 22.59 -2.07
C SER I 420 -45.81 22.53 -3.58
N SER I 421 -45.22 21.51 -4.19
CA SER I 421 -45.24 21.34 -5.64
C SER I 421 -45.56 19.90 -5.96
N GLY I 422 -46.74 19.65 -6.53
CA GLY I 422 -47.19 18.30 -6.74
C GLY I 422 -48.16 18.13 -7.89
N HIS I 423 -48.88 17.01 -7.90
CA HIS I 423 -49.69 16.65 -9.06
C HIS I 423 -50.66 15.55 -8.64
N LEU I 424 -51.96 15.83 -8.65
CA LEU I 424 -52.97 14.88 -8.22
C LEU I 424 -54.08 14.72 -9.25
N LYS I 425 -54.62 13.51 -9.35
CA LYS I 425 -55.63 13.14 -10.35
C LYS I 425 -56.90 12.66 -9.65
N CYS I 426 -57.98 13.45 -9.76
CA CYS I 426 -59.23 13.17 -9.07
C CYS I 426 -60.39 13.29 -10.05
N ARG I 427 -61.26 12.30 -10.08
CA ARG I 427 -62.53 12.40 -10.79
C ARG I 427 -63.61 12.91 -9.85
N LEU I 428 -64.47 13.78 -10.37
CA LEU I 428 -65.42 14.55 -9.57
C LEU I 428 -66.83 14.02 -9.83
N LYS I 429 -67.35 13.25 -8.89
CA LYS I 429 -68.73 12.81 -8.93
C LYS I 429 -69.61 13.97 -8.52
N MET I 430 -70.04 14.75 -9.50
CA MET I 430 -70.95 15.86 -9.26
C MET I 430 -72.35 15.49 -9.73
N ASP I 431 -72.98 14.60 -8.98
CA ASP I 431 -74.37 14.25 -9.21
C ASP I 431 -75.23 14.43 -7.97
N LYS I 432 -74.63 14.87 -6.86
CA LYS I 432 -75.36 15.16 -5.64
C LYS I 432 -75.30 16.65 -5.32
N LEU I 433 -75.05 17.47 -6.32
CA LEU I 433 -75.12 18.91 -6.20
C LEU I 433 -76.48 19.39 -6.69
N ARG I 434 -77.08 20.29 -5.93
CA ARG I 434 -78.35 20.89 -6.30
C ARG I 434 -78.14 22.37 -6.52
N LEU I 435 -79.21 23.08 -6.82
CA LEU I 435 -79.18 24.53 -6.99
C LEU I 435 -79.98 25.16 -5.85
N LYS I 436 -79.29 25.90 -4.99
CA LYS I 436 -79.94 26.54 -3.87
C LYS I 436 -80.90 27.64 -4.33
N GLY I 437 -80.61 28.26 -5.47
CA GLY I 437 -81.38 29.39 -5.93
C GLY I 437 -82.75 29.06 -6.48
N VAL I 438 -83.00 27.79 -6.81
CA VAL I 438 -84.30 27.42 -7.37
C VAL I 438 -85.40 27.76 -6.37
N SER I 439 -86.53 28.23 -6.90
CA SER I 439 -87.69 28.61 -6.09
C SER I 439 -87.39 29.83 -5.23
N TYR I 440 -86.76 30.84 -5.81
CA TYR I 440 -86.51 32.11 -5.16
C TYR I 440 -87.11 33.22 -6.01
N SER I 441 -87.81 34.15 -5.36
CA SER I 441 -88.45 35.23 -6.08
C SER I 441 -87.41 36.25 -6.52
N LEU I 442 -87.57 36.81 -7.72
CA LEU I 442 -86.57 37.74 -8.23
C LEU I 442 -86.59 39.02 -7.39
N CYS I 443 -85.46 39.34 -6.78
CA CYS I 443 -85.38 40.53 -5.96
C CYS I 443 -85.34 41.76 -6.85
N THR I 444 -86.27 42.70 -6.61
CA THR I 444 -86.35 43.94 -7.38
C THR I 444 -86.44 45.12 -6.41
N ALA I 445 -85.31 45.54 -5.86
CA ALA I 445 -85.26 46.80 -5.12
C ALA I 445 -84.33 47.82 -5.75
N ALA I 446 -83.03 47.50 -5.87
CA ALA I 446 -82.00 48.34 -6.46
C ALA I 446 -80.69 47.56 -6.39
N PHE I 447 -79.73 47.94 -7.22
CA PHE I 447 -78.40 47.35 -7.20
C PHE I 447 -77.36 48.44 -7.40
N THR I 448 -76.42 48.54 -6.45
CA THR I 448 -75.38 49.58 -6.46
C THR I 448 -74.03 48.95 -6.72
N PHE I 449 -73.33 49.43 -7.75
CA PHE I 449 -71.93 49.11 -7.94
C PHE I 449 -71.16 49.37 -6.67
N THR I 450 -70.24 48.47 -6.31
CA THR I 450 -69.44 48.64 -5.11
C THR I 450 -67.97 48.96 -5.37
N LYS I 451 -67.33 48.34 -6.36
CA LYS I 451 -65.92 48.65 -6.53
C LYS I 451 -65.48 48.96 -7.96
N ILE I 452 -65.91 48.20 -8.97
CA ILE I 452 -65.96 48.55 -10.40
C ILE I 452 -66.24 47.22 -11.09
N PRO I 453 -66.59 47.19 -12.38
CA PRO I 453 -66.51 45.91 -13.10
C PRO I 453 -65.09 45.70 -13.60
N ALA I 454 -64.44 44.61 -13.20
CA ALA I 454 -63.04 44.42 -13.51
C ALA I 454 -62.84 43.19 -14.38
N GLU I 455 -61.70 43.14 -15.06
CA GLU I 455 -61.39 42.08 -16.01
C GLU I 455 -60.22 41.25 -15.51
N THR I 456 -60.38 39.93 -15.55
CA THR I 456 -59.30 39.02 -15.19
C THR I 456 -58.35 38.85 -16.38
N LEU I 457 -57.36 37.97 -16.24
CA LEU I 457 -56.41 37.74 -17.31
C LEU I 457 -56.97 36.86 -18.41
N HIS I 458 -57.99 36.06 -18.11
CA HIS I 458 -58.50 35.09 -19.07
C HIS I 458 -59.68 35.62 -19.86
N GLY I 459 -60.21 36.77 -19.52
CA GLY I 459 -61.30 37.34 -20.28
C GLY I 459 -62.54 37.59 -19.46
N THR I 460 -62.70 36.84 -18.38
CA THR I 460 -63.90 36.91 -17.58
C THR I 460 -64.02 38.31 -16.95
N VAL I 461 -65.19 38.61 -16.41
CA VAL I 461 -65.51 39.93 -15.89
C VAL I 461 -66.17 39.76 -14.54
N THR I 462 -65.53 40.27 -13.49
CA THR I 462 -66.06 40.18 -12.15
C THR I 462 -66.75 41.48 -11.78
N VAL I 463 -67.87 41.37 -11.08
CA VAL I 463 -68.66 42.51 -10.66
C VAL I 463 -69.16 42.26 -9.24
N GLU I 464 -69.02 43.27 -8.39
CA GLU I 464 -69.47 43.20 -7.01
C GLU I 464 -70.62 44.18 -6.82
N VAL I 465 -71.76 43.67 -6.37
CA VAL I 465 -73.00 44.44 -6.31
C VAL I 465 -73.51 44.47 -4.87
N GLN I 466 -74.05 45.63 -4.47
CA GLN I 466 -74.64 45.82 -3.16
C GLN I 466 -76.14 46.01 -3.29
N TYR I 467 -76.89 45.32 -2.44
CA TYR I 467 -78.34 45.30 -2.48
C TYR I 467 -78.92 46.23 -1.44
N ALA I 468 -79.86 47.08 -1.87
CA ALA I 468 -80.38 48.20 -1.10
C ALA I 468 -81.60 47.86 -0.26
N GLY I 469 -82.69 47.39 -0.89
CA GLY I 469 -83.93 47.17 -0.21
C GLY I 469 -84.17 45.70 0.10
N THR I 470 -84.16 45.36 1.38
CA THR I 470 -84.20 43.96 1.79
C THR I 470 -85.56 43.36 1.53
N ASP I 471 -85.59 42.30 0.73
CA ASP I 471 -86.75 41.43 0.59
C ASP I 471 -86.53 40.13 1.36
N GLY I 472 -85.41 39.46 1.09
CA GLY I 472 -85.06 38.26 1.79
C GLY I 472 -84.10 37.45 0.94
N PRO I 473 -84.02 36.14 1.19
CA PRO I 473 -83.24 35.28 0.30
C PRO I 473 -83.91 35.22 -1.07
N CYS I 474 -83.21 35.70 -2.09
CA CYS I 474 -83.84 35.94 -3.37
C CYS I 474 -82.81 35.93 -4.48
N LYS I 475 -83.25 35.55 -5.67
CA LYS I 475 -82.37 35.40 -6.82
C LYS I 475 -82.10 36.76 -7.47
N VAL I 476 -80.89 36.95 -7.96
CA VAL I 476 -80.46 38.21 -8.55
C VAL I 476 -80.48 38.08 -10.07
N PRO I 477 -81.18 38.95 -10.80
CA PRO I 477 -81.10 38.92 -12.26
C PRO I 477 -79.84 39.63 -12.74
N ALA I 478 -79.17 39.02 -13.70
CA ALA I 478 -77.97 39.61 -14.29
C ALA I 478 -77.73 38.98 -15.65
N GLN I 479 -77.26 39.77 -16.60
CA GLN I 479 -77.00 39.22 -17.92
C GLN I 479 -76.11 40.14 -18.74
N MET I 480 -75.65 39.60 -19.87
CA MET I 480 -74.98 40.34 -20.92
C MET I 480 -75.95 40.51 -22.08
N ALA I 481 -76.02 41.73 -22.61
CA ALA I 481 -76.95 42.04 -23.69
C ALA I 481 -76.23 42.78 -24.81
N VAL I 482 -76.73 42.62 -26.02
CA VAL I 482 -76.19 43.31 -27.19
C VAL I 482 -77.21 44.36 -27.62
N ASP I 483 -76.82 45.63 -27.50
CA ASP I 483 -77.56 46.77 -28.03
C ASP I 483 -78.88 47.01 -27.30
N MET I 484 -79.26 46.09 -26.41
CA MET I 484 -80.32 46.31 -25.44
C MET I 484 -81.67 46.57 -26.08
N GLN I 485 -81.74 46.55 -27.42
CA GLN I 485 -83.01 46.78 -28.09
C GLN I 485 -83.95 45.60 -27.88
N THR I 486 -83.46 44.38 -28.09
CA THR I 486 -84.15 43.16 -27.69
C THR I 486 -83.27 42.46 -26.67
N LEU I 487 -83.70 42.43 -25.43
CA LEU I 487 -82.90 41.84 -24.36
C LEU I 487 -82.75 40.36 -24.62
N THR I 488 -81.59 39.97 -25.14
CA THR I 488 -81.34 38.59 -25.49
C THR I 488 -80.05 38.15 -24.79
N PRO I 489 -80.08 37.09 -23.99
CA PRO I 489 -78.86 36.66 -23.29
C PRO I 489 -77.79 36.24 -24.28
N VAL I 490 -76.59 36.77 -24.10
CA VAL I 490 -75.47 36.51 -24.99
C VAL I 490 -74.29 36.04 -24.17
N GLY I 491 -73.31 35.48 -24.86
CA GLY I 491 -72.14 34.96 -24.18
C GLY I 491 -72.52 33.81 -23.26
N ARG I 492 -72.04 33.89 -22.01
CA ARG I 492 -72.28 32.85 -21.03
C ARG I 492 -71.93 33.40 -19.66
N LEU I 493 -72.81 33.17 -18.70
CA LEU I 493 -72.63 33.70 -17.35
C LEU I 493 -72.08 32.60 -16.47
N ILE I 494 -70.76 32.62 -16.26
CA ILE I 494 -70.15 31.62 -15.41
C ILE I 494 -70.09 32.13 -13.97
N THR I 495 -71.23 31.96 -13.34
CA THR I 495 -71.60 32.00 -11.91
C THR I 495 -72.97 31.35 -12.02
N ALA I 496 -73.34 30.40 -11.18
CA ALA I 496 -74.56 29.67 -11.52
C ALA I 496 -75.87 30.38 -11.61
N ASN I 497 -76.36 30.99 -10.55
CA ASN I 497 -77.55 31.82 -10.60
C ASN I 497 -77.32 32.55 -9.35
N PRO I 498 -77.11 33.82 -9.44
CA PRO I 498 -76.75 34.55 -8.27
C PRO I 498 -77.88 34.67 -7.29
N VAL I 499 -77.61 34.46 -6.03
CA VAL I 499 -78.61 34.52 -4.98
C VAL I 499 -78.05 35.27 -3.77
N ILE I 500 -78.77 36.28 -3.30
CA ILE I 500 -78.44 36.96 -2.05
C ILE I 500 -79.13 36.24 -0.90
N THR I 501 -78.34 35.74 0.05
CA THR I 501 -78.88 34.99 1.16
C THR I 501 -78.87 35.75 2.49
N GLU I 502 -78.39 36.99 2.50
CA GLU I 502 -78.37 37.81 3.69
C GLU I 502 -79.22 39.04 3.45
N SER I 503 -80.17 39.29 4.34
CA SER I 503 -81.08 40.43 4.22
C SER I 503 -81.14 41.17 5.56
N THR I 504 -80.36 42.24 5.71
CA THR I 504 -80.53 43.14 6.85
C THR I 504 -80.94 44.53 6.40
N GLU I 505 -80.06 45.29 5.75
CA GLU I 505 -80.51 46.41 4.93
C GLU I 505 -79.86 46.34 3.55
N ASN I 506 -78.53 46.32 3.53
CA ASN I 506 -77.75 46.24 2.30
C ASN I 506 -76.88 45.00 2.37
N SER I 507 -76.80 44.28 1.27
CA SER I 507 -76.00 43.05 1.23
C SER I 507 -74.97 43.15 0.11
N LYS I 508 -74.01 42.24 0.11
CA LYS I 508 -72.96 42.24 -0.90
C LYS I 508 -72.92 40.90 -1.61
N MET I 509 -72.62 40.95 -2.90
CA MET I 509 -72.45 39.74 -3.68
C MET I 509 -71.40 39.99 -4.76
N MET I 510 -70.80 38.92 -5.25
CA MET I 510 -69.83 39.01 -6.34
C MET I 510 -70.13 37.93 -7.35
N LEU I 511 -70.17 38.29 -8.63
CA LEU I 511 -70.42 37.33 -9.69
C LEU I 511 -69.56 37.68 -10.89
N GLU I 512 -69.09 36.66 -11.60
CA GLU I 512 -68.30 36.86 -12.80
C GLU I 512 -69.00 36.24 -13.99
N LEU I 513 -68.94 36.94 -15.12
CA LEU I 513 -69.56 36.49 -16.35
C LEU I 513 -68.56 36.56 -17.50
N ASP I 514 -68.81 35.74 -18.52
CA ASP I 514 -67.99 35.70 -19.72
C ASP I 514 -68.67 36.48 -20.83
N PRO I 515 -68.19 37.67 -21.18
CA PRO I 515 -68.88 38.49 -22.16
C PRO I 515 -68.50 38.11 -23.58
N PRO I 516 -69.28 38.53 -24.57
CA PRO I 516 -68.91 38.27 -25.97
C PRO I 516 -67.77 39.18 -26.40
N PHE I 517 -67.12 38.79 -27.51
CA PHE I 517 -65.91 39.47 -27.92
C PHE I 517 -66.18 40.90 -28.39
N GLY I 518 -67.34 41.16 -28.97
CA GLY I 518 -67.69 42.51 -29.35
C GLY I 518 -68.09 43.35 -28.16
N ASP I 519 -68.42 44.61 -28.43
CA ASP I 519 -68.98 45.47 -27.39
C ASP I 519 -70.29 44.89 -26.88
N SER I 520 -70.50 45.00 -25.57
CA SER I 520 -71.71 44.46 -24.97
C SER I 520 -72.07 45.28 -23.74
N TYR I 521 -73.20 44.93 -23.13
CA TYR I 521 -73.71 45.64 -21.97
C TYR I 521 -73.92 44.66 -20.82
N ILE I 522 -73.38 45.02 -19.65
CA ILE I 522 -73.66 44.31 -18.42
C ILE I 522 -74.92 44.91 -17.81
N VAL I 523 -75.99 44.14 -17.75
CA VAL I 523 -77.28 44.63 -17.26
C VAL I 523 -77.66 43.85 -16.02
N ILE I 524 -77.87 44.55 -14.91
CA ILE I 524 -78.26 43.94 -13.65
C ILE I 524 -79.50 44.65 -13.13
N GLY I 525 -80.54 43.87 -12.85
CA GLY I 525 -81.82 44.38 -12.41
C GLY I 525 -82.93 44.00 -13.37
N VAL I 526 -84.14 44.44 -13.04
CA VAL I 526 -85.31 44.06 -13.83
C VAL I 526 -85.84 45.22 -14.65
N GLY I 527 -86.33 46.28 -13.99
CA GLY I 527 -86.93 47.37 -14.74
C GLY I 527 -86.76 48.75 -14.13
N GLU I 528 -86.16 49.66 -14.90
CA GLU I 528 -86.07 51.08 -14.57
C GLU I 528 -85.20 51.36 -13.35
N LYS I 529 -84.74 50.29 -12.68
CA LYS I 529 -83.78 50.41 -11.59
C LYS I 529 -82.57 49.54 -11.86
N LYS I 530 -82.41 49.06 -13.09
CA LYS I 530 -81.33 48.16 -13.46
C LYS I 530 -80.16 48.97 -13.97
N ILE I 531 -78.98 48.70 -13.42
CA ILE I 531 -77.74 49.34 -13.87
C ILE I 531 -77.27 48.66 -15.14
N THR I 532 -76.73 49.46 -16.06
CA THR I 532 -76.21 48.99 -17.33
C THR I 532 -74.85 49.60 -17.55
N HIS I 533 -73.88 48.75 -17.87
CA HIS I 533 -72.49 49.13 -18.05
C HIS I 533 -72.03 48.71 -19.44
N HIS I 534 -71.06 49.44 -19.99
CA HIS I 534 -70.54 49.15 -21.32
C HIS I 534 -69.22 48.41 -21.19
N TRP I 535 -69.13 47.24 -21.80
CA TRP I 535 -67.93 46.42 -21.73
C TRP I 535 -67.42 46.10 -23.12
N HIS I 536 -66.09 45.91 -23.20
CA HIS I 536 -65.41 45.65 -24.45
C HIS I 536 -64.36 44.58 -24.23
N ARG I 537 -64.16 43.71 -25.23
CA ARG I 537 -63.20 42.62 -25.14
C ARG I 537 -62.31 42.65 -26.36
N SER I 538 -61.00 42.61 -26.14
CA SER I 538 -60.05 42.78 -27.24
C SER I 538 -59.87 41.49 -28.05
N GLY I 539 -59.84 40.35 -27.37
CA GLY I 539 -59.41 39.13 -28.02
C GLY I 539 -60.30 38.72 -29.17
N SER I 540 -59.74 37.87 -30.05
CA SER I 540 -60.46 37.30 -31.18
C SER I 540 -60.42 35.77 -31.08
N THR I 541 -61.49 35.13 -31.55
CA THR I 541 -61.69 33.69 -31.41
C THR I 541 -60.45 32.90 -31.79
N ILE I 542 -59.78 33.30 -32.86
CA ILE I 542 -58.55 32.61 -33.25
C ILE I 542 -57.47 32.80 -32.20
N GLY I 543 -57.37 34.01 -31.64
CA GLY I 543 -56.45 34.23 -30.54
C GLY I 543 -56.77 33.37 -29.35
N LYS I 544 -58.06 33.19 -29.05
CA LYS I 544 -58.46 32.34 -27.95
C LYS I 544 -58.08 30.89 -28.20
N ALA I 545 -58.30 30.40 -29.42
CA ALA I 545 -57.90 29.03 -29.74
C ALA I 545 -56.39 28.86 -29.65
N PHE I 546 -55.63 29.88 -30.08
CA PHE I 546 -54.18 29.79 -29.99
C PHE I 546 -53.73 29.75 -28.54
N GLU I 547 -54.31 30.60 -27.69
CA GLU I 547 -53.96 30.56 -26.27
C GLU I 547 -54.33 29.23 -25.65
N ALA I 548 -55.45 28.65 -26.07
CA ALA I 548 -55.84 27.33 -25.57
C ALA I 548 -54.82 26.28 -25.98
N THR I 549 -54.35 26.32 -27.23
CA THR I 549 -53.36 25.36 -27.67
C THR I 549 -52.05 25.54 -26.92
N VAL I 550 -51.67 26.79 -26.64
CA VAL I 550 -50.46 27.03 -25.86
C VAL I 550 -50.59 26.42 -24.47
N ARG I 551 -51.73 26.66 -23.82
CA ARG I 551 -51.95 26.09 -22.49
C ARG I 551 -51.92 24.58 -22.53
N GLY I 552 -52.57 23.98 -23.52
CA GLY I 552 -52.54 22.53 -23.63
C GLY I 552 -51.14 22.00 -23.83
N ALA I 553 -50.34 22.68 -24.65
CA ALA I 553 -48.97 22.25 -24.87
C ALA I 553 -48.18 22.30 -23.57
N LYS I 554 -48.31 23.39 -22.82
CA LYS I 554 -47.61 23.49 -21.55
C LYS I 554 -48.02 22.36 -20.61
N ARG I 555 -49.33 22.08 -20.54
CA ARG I 555 -49.79 21.05 -19.63
C ARG I 555 -49.26 19.68 -20.03
N MET I 556 -49.25 19.39 -21.34
CA MET I 556 -48.72 18.10 -21.79
C MET I 556 -47.25 18.00 -21.45
N ALA I 557 -46.47 19.05 -21.73
CA ALA I 557 -45.04 19.01 -21.46
C ALA I 557 -44.75 18.82 -19.99
N VAL I 558 -45.57 19.42 -19.12
CA VAL I 558 -45.30 19.33 -17.68
C VAL I 558 -45.76 18.00 -17.10
N LEU I 559 -46.87 17.46 -17.58
CA LEU I 559 -47.50 16.32 -16.91
C LEU I 559 -47.24 14.98 -17.57
N GLY I 560 -46.77 14.95 -18.82
CA GLY I 560 -46.54 13.67 -19.45
C GLY I 560 -47.82 13.07 -20.01
N ASP I 561 -47.99 11.76 -19.85
CA ASP I 561 -49.18 11.10 -20.38
C ASP I 561 -50.44 11.54 -19.65
N THR I 562 -50.32 11.79 -18.35
CA THR I 562 -51.50 12.09 -17.53
C THR I 562 -52.26 13.31 -18.03
N ALA I 563 -51.60 14.21 -18.76
CA ALA I 563 -52.28 15.40 -19.25
C ALA I 563 -53.47 15.05 -20.14
N TRP I 564 -53.48 13.85 -20.71
CA TRP I 564 -54.61 13.44 -21.52
C TRP I 564 -55.89 13.33 -20.72
N ASP I 565 -55.81 13.28 -19.40
CA ASP I 565 -56.97 13.06 -18.56
C ASP I 565 -57.59 14.34 -18.02
N PHE I 566 -57.19 15.50 -18.52
CA PHE I 566 -57.72 16.72 -17.92
C PHE I 566 -59.22 16.82 -18.11
N GLY I 567 -59.70 16.91 -19.34
CA GLY I 567 -61.12 16.68 -19.58
C GLY I 567 -61.34 15.25 -20.03
N SER I 568 -61.70 14.38 -19.10
CA SER I 568 -61.71 12.95 -19.37
C SER I 568 -63.11 12.35 -19.37
N VAL I 569 -64.06 12.96 -20.09
CA VAL I 569 -65.38 12.38 -20.29
C VAL I 569 -65.22 10.88 -20.54
N GLY I 570 -64.27 10.52 -21.39
CA GLY I 570 -63.86 9.13 -21.52
C GLY I 570 -64.48 8.47 -22.71
N GLY I 571 -63.74 8.37 -23.81
CA GLY I 571 -64.28 7.78 -25.00
C GLY I 571 -63.37 6.72 -25.59
N ALA I 572 -63.09 6.83 -26.89
CA ALA I 572 -62.20 5.88 -27.52
C ALA I 572 -61.06 6.63 -28.20
N LEU I 573 -61.34 7.86 -28.65
CA LEU I 573 -60.25 8.70 -29.15
C LEU I 573 -59.31 9.06 -28.02
N ASN I 574 -59.86 9.44 -26.87
CA ASN I 574 -59.04 9.88 -25.75
C ASN I 574 -58.21 8.74 -25.17
N SER I 575 -58.81 7.56 -25.01
CA SER I 575 -58.06 6.45 -24.45
C SER I 575 -56.96 5.99 -25.39
N LEU I 576 -57.24 5.98 -26.69
CA LEU I 576 -56.19 5.65 -27.66
C LEU I 576 -55.06 6.67 -27.63
N GLY I 577 -55.41 7.96 -27.56
CA GLY I 577 -54.38 8.97 -27.46
C GLY I 577 -53.53 8.78 -26.23
N LYS I 578 -54.16 8.49 -25.09
CA LYS I 578 -53.40 8.26 -23.86
C LYS I 578 -52.49 7.05 -24.00
N GLY I 579 -52.96 6.00 -24.67
CA GLY I 579 -52.12 4.82 -24.83
C GLY I 579 -50.89 5.09 -25.69
N ILE I 580 -51.09 5.71 -26.86
CA ILE I 580 -49.94 5.96 -27.71
C ILE I 580 -49.01 6.97 -27.06
N HIS I 581 -49.55 7.91 -26.29
CA HIS I 581 -48.70 8.85 -25.58
C HIS I 581 -47.89 8.14 -24.51
N GLN I 582 -48.49 7.16 -23.84
CA GLN I 582 -47.73 6.38 -22.87
C GLN I 582 -46.56 5.67 -23.54
N ILE I 583 -46.80 5.06 -24.70
CA ILE I 583 -45.75 4.31 -25.37
C ILE I 583 -44.62 5.26 -25.80
N PHE I 584 -44.97 6.35 -26.48
CA PHE I 584 -43.93 7.27 -26.94
C PHE I 584 -43.21 7.91 -25.78
N GLY I 585 -43.93 8.22 -24.69
CA GLY I 585 -43.27 8.83 -23.54
C GLY I 585 -42.31 7.88 -22.87
N ALA I 586 -42.68 6.60 -22.75
CA ALA I 586 -41.76 5.64 -22.16
C ALA I 586 -40.50 5.52 -23.01
N ALA I 587 -40.67 5.39 -24.33
CA ALA I 587 -39.49 5.28 -25.19
C ALA I 587 -38.61 6.52 -25.10
N PHE I 588 -39.24 7.70 -25.13
CA PHE I 588 -38.48 8.95 -25.11
C PHE I 588 -37.73 9.11 -23.80
N LYS I 589 -38.42 8.90 -22.67
CA LYS I 589 -37.76 9.00 -21.38
C LYS I 589 -36.66 7.96 -21.22
N SER I 590 -36.77 6.82 -21.92
CA SER I 590 -35.71 5.83 -21.83
C SER I 590 -34.48 6.27 -22.62
N LEU I 591 -34.68 6.75 -23.85
CA LEU I 591 -33.54 7.14 -24.67
C LEU I 591 -32.94 8.46 -24.19
N PHE I 592 -33.73 9.52 -24.29
CA PHE I 592 -33.34 10.84 -23.85
C PHE I 592 -33.77 10.99 -22.39
N GLY I 593 -33.84 12.21 -21.89
CA GLY I 593 -34.19 12.40 -20.50
C GLY I 593 -33.02 12.08 -19.60
N GLY I 594 -31.82 12.41 -20.04
CA GLY I 594 -30.63 12.39 -19.24
C GLY I 594 -29.89 13.68 -19.51
N MET I 595 -30.65 14.76 -19.68
CA MET I 595 -30.07 16.04 -20.06
C MET I 595 -31.02 17.14 -19.63
N SER I 596 -30.51 18.37 -19.60
CA SER I 596 -31.31 19.48 -19.10
C SER I 596 -30.93 20.77 -19.79
N TRP I 597 -31.76 21.17 -20.74
CA TRP I 597 -31.83 22.50 -21.33
C TRP I 597 -30.59 22.94 -22.09
N PHE I 598 -29.47 22.26 -21.96
CA PHE I 598 -28.36 22.57 -22.85
C PHE I 598 -27.95 21.38 -23.69
N SER I 599 -27.65 20.24 -23.06
CA SER I 599 -27.47 19.04 -23.87
C SER I 599 -28.72 18.76 -24.68
N GLN I 600 -29.89 19.10 -24.13
CA GLN I 600 -31.13 18.88 -24.85
C GLN I 600 -31.23 19.79 -26.06
N ILE I 601 -30.93 21.08 -25.91
CA ILE I 601 -31.00 21.98 -27.07
C ILE I 601 -29.95 21.60 -28.11
N LEU I 602 -28.77 21.20 -27.66
CA LEU I 602 -27.73 20.82 -28.59
C LEU I 602 -28.14 19.61 -29.42
N ILE I 603 -28.55 18.53 -28.75
CA ILE I 603 -28.97 17.36 -29.51
C ILE I 603 -30.21 17.66 -30.32
N GLY I 604 -31.02 18.63 -29.90
CA GLY I 604 -32.18 19.00 -30.69
C GLY I 604 -31.78 19.65 -31.99
N THR I 605 -30.85 20.59 -31.95
CA THR I 605 -30.39 21.22 -33.18
C THR I 605 -29.66 20.22 -34.05
N LEU I 606 -28.87 19.33 -33.44
CA LEU I 606 -28.17 18.32 -34.23
C LEU I 606 -29.15 17.40 -34.94
N LEU I 607 -30.18 16.92 -34.25
CA LEU I 607 -31.15 16.04 -34.89
C LEU I 607 -31.97 16.80 -35.93
N MET I 608 -32.28 18.07 -35.67
CA MET I 608 -33.02 18.84 -36.67
C MET I 608 -32.21 18.97 -37.95
N TRP I 609 -30.94 19.33 -37.84
CA TRP I 609 -30.10 19.42 -39.04
C TRP I 609 -29.99 18.07 -39.72
N LEU I 610 -29.58 17.05 -38.97
CA LEU I 610 -29.39 15.72 -39.53
C LEU I 610 -30.64 15.25 -40.27
N GLY I 611 -31.81 15.46 -39.69
CA GLY I 611 -33.04 15.11 -40.37
C GLY I 611 -33.34 16.00 -41.56
N LEU I 612 -32.88 17.25 -41.52
CA LEU I 612 -33.10 18.13 -42.66
C LEU I 612 -32.27 17.70 -43.86
N ASN I 613 -31.12 17.09 -43.62
CA ASN I 613 -30.12 16.89 -44.66
C ASN I 613 -29.80 15.44 -44.97
N THR I 614 -30.59 14.47 -44.47
CA THR I 614 -30.25 13.07 -44.74
C THR I 614 -30.90 12.54 -46.01
N LYS I 615 -32.06 13.09 -46.40
CA LYS I 615 -32.67 12.85 -47.70
C LYS I 615 -33.29 11.46 -47.83
N ASN I 616 -33.17 10.63 -46.81
CA ASN I 616 -33.77 9.31 -46.82
C ASN I 616 -35.24 9.43 -46.42
N GLY I 617 -35.89 8.30 -46.11
CA GLY I 617 -37.25 8.34 -45.60
C GLY I 617 -37.38 8.59 -44.11
N SER I 618 -36.25 8.67 -43.39
CA SER I 618 -36.27 8.91 -41.95
C SER I 618 -36.29 10.38 -41.59
N ILE I 619 -36.24 11.27 -42.58
CA ILE I 619 -36.21 12.71 -42.31
C ILE I 619 -37.26 13.08 -41.27
N SER I 620 -38.53 12.76 -41.56
CA SER I 620 -39.61 13.08 -40.66
C SER I 620 -39.28 12.66 -39.24
N LEU I 621 -38.89 11.39 -39.06
CA LEU I 621 -38.59 10.89 -37.73
C LEU I 621 -37.67 11.85 -36.99
N MET I 622 -36.52 12.15 -37.59
CA MET I 622 -35.56 13.02 -36.91
C MET I 622 -36.18 14.37 -36.63
N CYS I 623 -36.79 14.99 -37.64
CA CYS I 623 -37.46 16.27 -37.39
C CYS I 623 -38.47 16.13 -36.27
N LEU I 624 -39.30 15.08 -36.32
CA LEU I 624 -40.28 14.91 -35.26
C LEU I 624 -39.60 14.79 -33.91
N ALA I 625 -38.53 13.98 -33.82
CA ALA I 625 -37.80 13.91 -32.56
C ALA I 625 -37.40 15.29 -32.10
N LEU I 626 -36.78 16.07 -32.99
CA LEU I 626 -36.41 17.44 -32.66
C LEU I 626 -37.57 18.17 -32.00
N GLY I 627 -38.73 18.13 -32.64
CA GLY I 627 -39.89 18.86 -32.14
C GLY I 627 -40.05 18.58 -30.67
N GLY I 628 -40.23 17.30 -30.34
CA GLY I 628 -40.42 16.92 -28.96
C GLY I 628 -39.35 17.60 -28.13
N VAL I 629 -38.09 17.22 -28.39
CA VAL I 629 -36.99 17.70 -27.57
C VAL I 629 -37.05 19.22 -27.45
N LEU I 630 -37.18 19.91 -28.57
CA LEU I 630 -37.03 21.35 -28.54
C LEU I 630 -38.12 21.99 -27.70
N ILE I 631 -39.36 21.51 -27.84
CA ILE I 631 -40.42 22.16 -27.09
C ILE I 631 -40.16 22.01 -25.60
N PHE I 632 -39.63 20.85 -25.19
CA PHE I 632 -39.41 20.62 -23.77
C PHE I 632 -38.45 21.64 -23.17
N LEU I 633 -37.75 22.39 -24.02
CA LEU I 633 -36.84 23.40 -23.53
C LEU I 633 -37.41 24.81 -23.63
N SER I 634 -38.34 25.05 -24.55
CA SER I 634 -38.88 26.38 -24.75
C SER I 634 -40.23 26.57 -24.08
N THR I 635 -40.69 25.60 -23.28
CA THR I 635 -41.94 25.72 -22.56
C THR I 635 -41.74 25.79 -21.05
N ALA I 636 -40.51 25.84 -20.59
CA ALA I 636 -40.22 25.92 -19.18
C ALA I 636 -38.97 26.76 -18.94
N ALA J 216 -16.17 15.77 -2.13
CA ALA J 216 -15.04 15.38 -2.95
C ALA J 216 -15.00 16.22 -4.21
N VAL J 217 -14.55 15.61 -5.30
CA VAL J 217 -14.33 16.37 -6.52
C VAL J 217 -15.45 16.17 -7.53
N THR J 218 -16.05 14.98 -7.60
CA THR J 218 -16.98 14.70 -8.69
C THR J 218 -18.33 15.36 -8.48
N LEU J 219 -19.08 14.93 -7.45
CA LEU J 219 -20.36 15.53 -7.07
C LEU J 219 -21.31 15.64 -8.25
N PRO J 220 -21.98 14.56 -8.63
CA PRO J 220 -22.78 14.57 -9.86
C PRO J 220 -23.87 15.62 -9.82
N SER J 221 -23.98 16.37 -10.90
CA SER J 221 -25.02 17.39 -11.00
C SER J 221 -26.39 16.74 -11.03
N HIS J 222 -27.35 17.43 -10.45
CA HIS J 222 -28.70 16.92 -10.33
C HIS J 222 -29.61 17.35 -11.47
N SER J 223 -29.20 18.35 -12.26
CA SER J 223 -30.00 18.72 -13.41
C SER J 223 -30.22 17.57 -14.36
N THR J 224 -29.48 16.47 -14.21
CA THR J 224 -29.76 15.27 -14.97
C THR J 224 -31.19 14.81 -14.76
N ARG J 225 -31.62 14.72 -13.51
CA ARG J 225 -32.91 14.14 -13.16
C ARG J 225 -33.93 15.21 -12.79
N LYS J 226 -33.93 16.32 -13.52
CA LYS J 226 -34.74 17.48 -13.22
C LYS J 226 -36.17 17.09 -12.91
N LEU J 227 -36.59 17.35 -11.67
CA LEU J 227 -37.98 17.12 -11.28
C LEU J 227 -38.85 18.18 -11.94
N GLN J 228 -39.82 17.76 -12.71
CA GLN J 228 -40.60 18.66 -13.56
C GLN J 228 -41.94 18.93 -12.89
N THR J 229 -42.24 20.20 -12.65
CA THR J 229 -43.54 20.60 -12.12
C THR J 229 -43.72 22.09 -12.36
N ARG J 230 -44.93 22.56 -12.08
CA ARG J 230 -45.25 23.96 -12.37
C ARG J 230 -44.41 24.91 -11.54
N SER J 231 -44.09 24.53 -10.31
CA SER J 231 -43.25 25.37 -9.47
C SER J 231 -41.81 25.33 -9.96
N GLN J 232 -41.12 26.45 -9.84
CA GLN J 232 -39.73 26.51 -10.25
C GLN J 232 -38.86 25.68 -9.32
N THR J 233 -37.83 25.07 -9.87
CA THR J 233 -36.96 24.19 -9.09
C THR J 233 -35.98 25.02 -8.27
N TRP J 234 -34.97 24.37 -7.69
CA TRP J 234 -34.13 25.05 -6.70
C TRP J 234 -33.35 26.20 -7.33
N LEU J 235 -32.49 25.90 -8.29
CA LEU J 235 -31.70 26.92 -8.97
C LEU J 235 -32.02 26.83 -10.44
N GLU J 236 -33.14 27.43 -10.85
CA GLU J 236 -33.48 27.37 -12.27
C GLU J 236 -32.95 28.58 -13.02
N SER J 237 -33.09 29.76 -12.45
CA SER J 237 -32.74 30.98 -13.17
C SER J 237 -31.28 31.05 -13.61
N ARG J 238 -30.46 30.05 -13.28
CA ARG J 238 -29.03 30.17 -13.53
C ARG J 238 -28.47 29.18 -14.55
N GLU J 239 -29.21 28.14 -14.94
CA GLU J 239 -28.62 27.09 -15.77
C GLU J 239 -28.06 27.63 -17.10
N TYR J 240 -28.88 28.41 -17.81
CA TYR J 240 -28.53 28.84 -19.15
C TYR J 240 -27.19 29.55 -19.15
N THR J 241 -27.12 30.67 -18.44
CA THR J 241 -25.88 31.40 -18.36
C THR J 241 -24.80 30.59 -17.69
N LYS J 242 -25.15 29.60 -16.87
CA LYS J 242 -24.12 28.74 -16.29
C LYS J 242 -23.25 28.13 -17.38
N HIS J 243 -23.85 27.28 -18.21
CA HIS J 243 -23.01 26.60 -19.20
C HIS J 243 -22.48 27.57 -20.23
N LEU J 244 -23.29 28.52 -20.68
CA LEU J 244 -22.81 29.44 -21.70
C LEU J 244 -21.62 30.24 -21.21
N ILE J 245 -21.66 30.72 -19.96
CA ILE J 245 -20.59 31.53 -19.43
C ILE J 245 -19.33 30.70 -19.26
N ARG J 246 -19.45 29.46 -18.77
CA ARG J 246 -18.24 28.67 -18.62
C ARG J 246 -17.53 28.51 -19.95
N VAL J 247 -18.26 28.13 -21.01
CA VAL J 247 -17.59 27.92 -22.28
C VAL J 247 -17.03 29.23 -22.82
N GLU J 248 -17.83 30.32 -22.76
CA GLU J 248 -17.37 31.59 -23.33
C GLU J 248 -16.10 32.08 -22.64
N ASN J 249 -16.05 31.99 -21.32
CA ASN J 249 -14.85 32.42 -20.62
C ASN J 249 -13.65 31.56 -21.00
N TRP J 250 -13.81 30.23 -21.00
CA TRP J 250 -12.67 29.39 -21.32
C TRP J 250 -12.13 29.70 -22.70
N ILE J 251 -13.00 29.94 -23.67
CA ILE J 251 -12.50 30.27 -25.00
C ILE J 251 -11.84 31.64 -25.00
N PHE J 252 -12.44 32.62 -24.32
CA PHE J 252 -11.85 33.95 -24.31
C PHE J 252 -10.46 33.95 -23.70
N ARG J 253 -10.15 32.97 -22.87
CA ARG J 253 -8.79 32.92 -22.33
C ARG J 253 -7.78 32.40 -23.37
N ASN J 254 -8.09 31.28 -24.03
CA ASN J 254 -7.13 30.60 -24.90
C ASN J 254 -7.62 30.50 -26.33
N PRO J 255 -7.30 31.46 -27.20
CA PRO J 255 -7.75 31.39 -28.59
C PRO J 255 -6.93 30.44 -29.46
N GLY J 256 -5.66 30.30 -29.11
CA GLY J 256 -4.80 29.38 -29.84
C GLY J 256 -5.43 28.02 -30.00
N PHE J 257 -6.15 27.56 -28.98
CA PHE J 257 -6.83 26.29 -29.16
C PHE J 257 -7.98 26.39 -30.15
N ALA J 258 -8.58 27.56 -30.29
CA ALA J 258 -9.57 27.70 -31.37
C ALA J 258 -8.92 27.48 -32.72
N LEU J 259 -7.71 28.00 -32.92
CA LEU J 259 -7.00 27.75 -34.17
C LEU J 259 -6.70 26.26 -34.34
N ALA J 260 -6.15 25.63 -33.31
CA ALA J 260 -5.79 24.22 -33.43
C ALA J 260 -7.03 23.36 -33.66
N ALA J 261 -8.15 23.73 -33.07
CA ALA J 261 -9.38 22.97 -33.28
C ALA J 261 -9.90 23.15 -34.68
N ALA J 262 -9.80 24.36 -35.22
CA ALA J 262 -10.15 24.55 -36.63
C ALA J 262 -9.33 23.63 -37.52
N ALA J 263 -8.02 23.54 -37.26
CA ALA J 263 -7.18 22.70 -38.10
C ALA J 263 -7.53 21.23 -37.95
N ILE J 264 -7.70 20.76 -36.70
CA ILE J 264 -8.02 19.35 -36.49
C ILE J 264 -9.37 19.01 -37.08
N ALA J 265 -10.31 19.95 -37.07
CA ALA J 265 -11.59 19.71 -37.71
C ALA J 265 -11.45 19.64 -39.21
N TRP J 266 -10.68 20.56 -39.79
CA TRP J 266 -10.52 20.59 -41.25
C TRP J 266 -9.87 19.32 -41.76
N LEU J 267 -8.87 18.79 -41.06
CA LEU J 267 -8.24 17.56 -41.51
C LEU J 267 -9.15 16.35 -41.35
N LEU J 268 -10.23 16.46 -40.60
CA LEU J 268 -11.21 15.39 -40.52
C LEU J 268 -12.45 15.75 -41.32
N GLY J 269 -13.17 14.72 -41.76
CA GLY J 269 -14.47 14.96 -42.35
C GLY J 269 -14.42 15.34 -43.81
N SER J 270 -15.18 14.62 -44.64
CA SER J 270 -15.17 14.85 -46.07
C SER J 270 -15.88 16.15 -46.45
N SER J 271 -17.17 16.23 -46.17
CA SER J 271 -17.98 17.36 -46.60
C SER J 271 -17.67 18.57 -45.74
N THR J 272 -18.39 19.67 -45.99
CA THR J 272 -18.25 20.86 -45.16
C THR J 272 -19.04 20.72 -43.86
N SER J 273 -20.24 20.14 -43.93
CA SER J 273 -21.07 20.03 -42.74
C SER J 273 -20.37 19.23 -41.66
N GLN J 274 -19.76 18.10 -42.02
CA GLN J 274 -19.07 17.31 -41.02
C GLN J 274 -17.89 18.08 -40.42
N LYS J 275 -17.24 18.91 -41.23
CA LYS J 275 -16.13 19.68 -40.69
C LYS J 275 -16.59 20.72 -39.69
N VAL J 276 -17.69 21.43 -39.99
CA VAL J 276 -18.17 22.42 -39.03
C VAL J 276 -18.68 21.74 -37.76
N ILE J 277 -19.35 20.61 -37.90
CA ILE J 277 -19.82 19.91 -36.71
C ILE J 277 -18.64 19.45 -35.87
N TYR J 278 -17.56 19.01 -36.51
CA TYR J 278 -16.38 18.62 -35.75
C TYR J 278 -15.78 19.82 -35.02
N LEU J 279 -15.71 20.96 -35.70
CA LEU J 279 -15.23 22.17 -35.03
C LEU J 279 -16.04 22.45 -33.78
N VAL J 280 -17.36 22.41 -33.89
CA VAL J 280 -18.20 22.75 -32.74
C VAL J 280 -18.04 21.73 -31.62
N MET J 281 -18.00 20.45 -31.95
CA MET J 281 -17.92 19.44 -30.90
C MET J 281 -16.57 19.48 -30.20
N ILE J 282 -15.49 19.80 -30.91
CA ILE J 282 -14.21 19.96 -30.23
C ILE J 282 -14.22 21.19 -29.34
N LEU J 283 -14.75 22.30 -29.86
CA LEU J 283 -14.80 23.52 -29.07
C LEU J 283 -15.68 23.38 -27.85
N LEU J 284 -16.59 22.39 -27.84
CA LEU J 284 -17.39 22.18 -26.65
C LEU J 284 -16.79 21.13 -25.72
N ILE J 285 -16.05 20.16 -26.26
CA ILE J 285 -15.45 19.14 -25.41
C ILE J 285 -14.28 19.72 -24.62
N ALA J 286 -13.44 20.52 -25.27
CA ALA J 286 -12.22 20.97 -24.59
C ALA J 286 -12.47 21.83 -23.35
N PRO J 287 -13.42 22.76 -23.32
CA PRO J 287 -13.60 23.56 -22.09
C PRO J 287 -13.97 22.74 -20.88
N ALA J 288 -14.81 21.73 -21.03
CA ALA J 288 -15.18 20.92 -19.89
C ALA J 288 -14.18 19.82 -19.61
N TYR J 289 -13.19 19.61 -20.48
CA TYR J 289 -12.26 18.49 -20.39
C TYR J 289 -12.99 17.18 -20.19
N SER J 290 -14.22 17.08 -20.69
CA SER J 290 -15.11 16.01 -20.30
C SER J 290 -14.59 14.64 -20.62
C1 NAG K . 39.89 -39.40 12.77
C2 NAG K . 39.73 -40.91 12.60
C3 NAG K . 39.41 -41.56 13.95
C4 NAG K . 40.46 -41.16 14.99
C5 NAG K . 40.52 -39.64 15.10
C6 NAG K . 41.57 -39.16 16.08
C7 NAG K . 38.93 -41.42 10.33
C8 NAG K . 37.71 -41.61 9.47
N2 NAG K . 38.69 -41.20 11.63
O3 NAG K . 39.38 -42.97 13.80
O4 NAG K . 40.18 -41.79 16.24
O5 NAG K . 40.83 -39.07 13.81
O6 NAG K . 42.05 -37.85 15.87
O7 NAG K . 40.06 -41.44 9.85
C1 NAG K . 41.23 -42.53 16.89
C2 NAG K . 40.99 -42.51 18.40
C3 NAG K . 42.16 -43.25 19.06
C4 NAG K . 42.27 -44.68 18.52
C5 NAG K . 42.38 -44.64 17.00
C6 NAG K . 42.34 -46.00 16.34
C7 NAG K . 39.74 -40.51 19.14
C8 NAG K . 39.85 -39.12 19.69
N2 NAG K . 40.89 -41.15 18.91
O3 NAG K . 41.96 -43.26 20.47
O4 NAG K . 43.39 -45.36 19.08
O5 NAG K . 41.28 -43.88 16.45
O6 NAG K . 43.63 -46.58 16.24
O7 NAG K . 38.65 -41.03 18.91
C1 BMA K . 43.23 -46.15 20.27
C2 BMA K . 43.45 -47.66 19.98
C3 BMA K . 44.48 -48.25 20.93
C4 BMA K . 45.75 -47.42 20.94
C5 BMA K . 45.45 -46.00 21.41
C6 BMA K . 46.21 -44.93 20.65
O2 BMA K . 43.83 -47.88 18.62
O3 BMA K . 44.77 -49.60 20.57
O4 BMA K . 46.72 -48.01 21.81
O5 BMA K . 44.04 -45.68 21.36
O6 BMA K . 46.00 -43.64 21.22
C1 FUC K . 43.45 -37.78 15.71
C2 FUC K . 43.88 -36.32 15.59
C3 FUC K . 45.33 -36.14 16.02
C4 FUC K . 46.17 -37.42 15.82
C5 FUC K . 45.57 -38.60 16.61
C6 FUC K . 45.82 -39.96 16.04
O2 FUC K . 43.04 -35.49 16.38
O3 FUC K . 45.92 -35.06 15.31
O4 FUC K . 46.32 -37.72 14.43
O5 FUC K . 44.14 -38.42 16.79
C1 NAG L . 25.25 16.32 13.73
C2 NAG L . 25.08 14.86 14.12
C3 NAG L . 24.72 14.76 15.61
C4 NAG L . 25.73 15.51 16.46
C5 NAG L . 25.81 16.97 16.00
C6 NAG L . 26.85 17.77 16.76
C7 NAG L . 24.33 13.54 12.18
C8 NAG L . 23.14 13.04 11.42
N2 NAG L . 24.06 14.22 13.30
O3 NAG L . 24.68 13.39 16.00
O4 NAG L . 25.42 15.39 17.85
O5 NAG L . 26.16 17.01 14.60
O6 NAG L . 27.33 18.91 16.08
O7 NAG L . 25.48 13.34 11.79
C1 NAG L . 26.43 14.95 18.75
C2 NAG L . 26.16 15.53 20.14
C3 NAG L . 27.30 15.08 21.07
C4 NAG L . 27.40 13.55 21.09
C5 NAG L . 27.56 13.03 19.67
C6 NAG L . 27.52 11.52 19.56
C7 NAG L . 24.90 17.66 20.05
C8 NAG L . 25.01 19.15 20.05
N2 NAG L . 26.06 16.98 20.10
O3 NAG L . 27.06 15.60 22.38
O4 NAG L . 28.52 13.13 21.90
O5 NAG L . 26.49 13.52 18.84
O6 NAG L . 28.82 10.95 19.73
O7 NAG L . 23.82 17.08 19.99
C1 BMA L . 28.31 12.83 23.29
C2 BMA L . 28.52 11.34 23.59
C3 BMA L . 29.51 11.13 24.73
C4 BMA L . 30.80 11.92 24.46
C5 BMA L . 30.50 13.41 24.37
C6 BMA L . 31.28 14.12 23.28
O2 BMA L . 28.94 10.62 22.43
O3 BMA L . 29.81 9.74 24.89
O4 BMA L . 31.73 11.69 25.52
O5 BMA L . 29.09 13.68 24.15
O6 BMA L . 31.08 15.53 23.33
C1 FUC L . 28.73 18.92 15.97
C2 FUC L . 29.18 20.22 15.32
C3 FUC L . 30.63 20.56 15.69
C4 FUC L . 31.45 19.30 16.00
C5 FUC L . 30.82 18.50 17.16
C6 FUC L . 31.07 17.02 17.14
O2 FUC L . 28.34 21.29 15.71
O3 FUC L . 31.25 21.29 14.65
O4 FUC L . 31.64 18.50 14.84
O5 FUC L . 29.39 18.72 17.22
#